data_2AAM
#
_entry.id   2AAM
#
_cell.length_a   194.930
_cell.length_b   84.620
_cell.length_c   195.010
_cell.angle_alpha   90.000
_cell.angle_beta   119.900
_cell.angle_gamma   90.000
#
_symmetry.space_group_name_H-M   'P 1 21 1'
#
loop_
_entity.id
_entity.type
_entity.pdbx_description
1 polymer 'Hypothetical protein TM1410'
2 non-polymer 'UNKNOWN LIGAND'
3 non-polymer GLYCEROL
4 water water
#
_entity_poly.entity_id   1
_entity_poly.type   'polypeptide(L)'
_entity_poly.pdbx_seq_one_letter_code
;(MSE)GSDKIHHHHHHTEGWF(MSE)PFDNWLYQLQNADPVEISSSGFEIAVIDYSKDGSESGEYSPEEIKI(MSE)VDA
GVVPVAYVNIGQAEDYRFYWKESWYTNTPEWLGEEDPAWPGNYFVKYWYNEWKEIVFSYLDRVIDQGFKGIYLDRIDSFE
YWAQEGVISRRSAARK(MSE)INFVLEIAEYVRERKPD(MSE)LIIPQNGENILDFDDGQLASTVSGWAVENLFYLKTIP
LEENETKSRLEYLIRLNRKGKFILSVDYVDDGSDSFENISRILDYYEKAKRNGCIPYAARSDLELDE(MSE)NVIEGIQP
PEALKDYESRTYR
;
_entity_poly.pdbx_strand_id   A,B,C,D,E,F
#
loop_
_chem_comp.id
_chem_comp.type
_chem_comp.name
_chem_comp.formula
GOL non-polymer GLYCEROL 'C3 H8 O3'
UNL non-polymer 'UNKNOWN LIGAND' ?
#
# COMPACT_ATOMS: atom_id res chain seq x y z
CA GLU A 14 -3.31 9.48 -25.41
C GLU A 14 -2.31 8.78 -26.33
N GLY A 15 -2.15 9.35 -27.53
CA GLY A 15 -1.03 9.03 -28.40
C GLY A 15 0.12 9.96 -28.07
N TRP A 16 0.84 9.69 -27.00
CA TRP A 16 1.89 10.59 -26.52
C TRP A 16 3.20 10.43 -27.32
N PHE A 17 3.94 11.54 -27.49
CA PHE A 17 5.26 11.46 -28.08
C PHE A 17 6.24 11.04 -26.99
N MSE A 18 6.70 9.80 -27.06
CA MSE A 18 7.62 9.27 -26.06
C MSE A 18 8.69 8.43 -26.75
O MSE A 18 8.57 7.21 -26.83
CB MSE A 18 6.88 8.50 -24.99
CG MSE A 18 6.11 9.38 -23.97
SE MSE A 18 4.85 8.25 -23.07
CE MSE A 18 6.04 7.84 -21.48
N PRO A 19 9.74 9.08 -27.26
CA PRO A 19 10.74 8.43 -28.09
C PRO A 19 11.78 7.63 -27.30
N PHE A 20 11.88 7.85 -25.98
CA PHE A 20 12.71 7.00 -25.13
C PHE A 20 11.84 6.21 -24.19
N ASP A 21 12.22 4.95 -23.97
CA ASP A 21 11.55 4.05 -23.05
C ASP A 21 11.93 4.39 -21.61
N ASN A 22 13.04 5.10 -21.43
CA ASN A 22 13.50 5.44 -20.09
C ASN A 22 14.47 6.61 -20.13
N TRP A 23 14.92 7.06 -18.96
CA TRP A 23 16.08 7.93 -18.86
C TRP A 23 16.76 7.89 -17.49
N LEU A 24 18.06 8.21 -17.50
CA LEU A 24 18.85 8.32 -16.29
C LEU A 24 19.30 9.75 -16.03
N TYR A 25 19.25 10.18 -14.76
CA TYR A 25 19.77 11.44 -14.32
C TYR A 25 20.78 11.19 -13.19
N GLN A 26 22.06 11.49 -13.43
CA GLN A 26 23.11 11.21 -12.44
C GLN A 26 24.25 12.21 -12.49
N LEU A 27 24.29 13.11 -11.52
CA LEU A 27 25.26 14.23 -11.56
C LEU A 27 26.53 13.96 -10.74
N GLN A 28 26.60 12.81 -10.05
CA GLN A 28 27.80 12.44 -9.31
C GLN A 28 28.14 10.94 -9.51
N ASN A 29 29.42 10.60 -9.49
CA ASN A 29 29.90 9.24 -9.68
C ASN A 29 29.40 8.52 -10.93
N ALA A 30 29.15 9.23 -12.02
CA ALA A 30 28.62 8.57 -13.21
C ALA A 30 29.73 7.81 -13.92
N ASP A 31 29.45 6.54 -14.24
CA ASP A 31 30.41 5.65 -14.83
C ASP A 31 29.95 5.20 -16.22
N PRO A 32 30.55 5.76 -17.28
CA PRO A 32 30.22 5.40 -18.65
C PRO A 32 30.02 3.91 -18.90
N VAL A 33 30.91 3.08 -18.33
CA VAL A 33 30.89 1.62 -18.53
C VAL A 33 29.62 0.99 -17.94
N GLU A 34 29.30 1.38 -16.70
CA GLU A 34 28.07 0.95 -16.05
C GLU A 34 26.83 1.46 -16.80
N ILE A 35 26.87 2.72 -17.24
CA ILE A 35 25.74 3.31 -17.94
C ILE A 35 25.48 2.57 -19.26
N SER A 36 26.56 2.23 -19.96
CA SER A 36 26.46 1.67 -21.29
C SER A 36 25.81 0.29 -21.32
N SER A 37 25.95 -0.50 -20.28
CA SER A 37 25.27 -1.80 -20.25
C SER A 37 23.99 -1.81 -19.39
N SER A 38 23.47 -0.65 -19.00
CA SER A 38 22.33 -0.60 -18.08
C SER A 38 20.97 -0.83 -18.71
N GLY A 39 20.83 -0.54 -19.99
CA GLY A 39 19.52 -0.47 -20.63
C GLY A 39 18.88 0.92 -20.53
N PHE A 40 19.55 1.88 -19.91
CA PHE A 40 19.08 3.27 -19.95
C PHE A 40 19.41 3.87 -21.34
N GLU A 41 18.46 4.56 -21.96
CA GLU A 41 18.55 4.91 -23.39
C GLU A 41 19.10 6.31 -23.59
N ILE A 42 18.86 7.15 -22.60
CA ILE A 42 19.36 8.51 -22.60
C ILE A 42 19.86 8.81 -21.18
N ALA A 43 21.01 9.45 -21.04
CA ALA A 43 21.58 9.66 -19.70
C ALA A 43 21.98 11.08 -19.59
N VAL A 44 21.46 11.78 -18.60
CA VAL A 44 21.90 13.15 -18.33
C VAL A 44 22.91 13.09 -17.21
N ILE A 45 24.13 13.47 -17.51
CA ILE A 45 25.20 13.47 -16.53
C ILE A 45 25.94 14.81 -16.50
N ASP A 46 26.87 14.93 -15.57
CA ASP A 46 27.76 16.06 -15.56
C ASP A 46 28.83 15.87 -16.61
N TYR A 47 29.43 16.97 -17.02
CA TYR A 47 30.49 16.94 -18.02
C TYR A 47 31.86 16.53 -17.39
N SER A 48 31.91 16.44 -16.06
CA SER A 48 33.10 16.11 -15.29
C SER A 48 32.81 15.03 -14.25
N LYS A 49 33.80 14.20 -13.97
CA LYS A 49 33.65 13.17 -12.97
C LYS A 49 33.40 13.70 -11.56
N ASP A 50 33.83 14.94 -11.30
CA ASP A 50 33.72 15.50 -9.97
C ASP A 50 33.30 16.96 -9.95
N GLY A 51 32.82 17.46 -11.09
CA GLY A 51 32.41 18.82 -11.27
C GLY A 51 33.54 19.71 -11.75
N SER A 52 34.77 19.30 -11.48
CA SER A 52 35.92 20.17 -11.70
C SER A 52 36.52 19.93 -13.10
N GLU A 53 37.28 20.94 -13.56
CA GLU A 53 38.04 20.85 -14.80
C GLU A 53 38.89 19.59 -14.88
N SER A 54 39.62 19.28 -13.81
CA SER A 54 40.46 18.09 -13.81
C SER A 54 39.64 16.80 -13.99
N GLY A 55 38.37 16.79 -13.58
CA GLY A 55 37.51 15.60 -13.75
C GLY A 55 36.80 15.46 -15.11
N GLU A 56 36.99 16.42 -16.00
CA GLU A 56 36.29 16.43 -17.28
C GLU A 56 36.40 15.08 -17.94
N TYR A 57 35.26 14.54 -18.41
CA TYR A 57 35.26 13.28 -19.14
C TYR A 57 35.93 13.47 -20.49
N SER A 58 36.62 12.43 -20.93
CA SER A 58 37.32 12.45 -22.20
C SER A 58 36.38 12.09 -23.33
N PRO A 59 36.72 12.51 -24.56
CA PRO A 59 35.98 12.05 -25.74
C PRO A 59 35.81 10.54 -25.78
N GLU A 60 36.80 9.80 -25.30
CA GLU A 60 36.81 8.34 -25.35
C GLU A 60 35.74 7.78 -24.42
N GLU A 61 35.66 8.37 -23.23
CA GLU A 61 34.74 7.92 -22.21
C GLU A 61 33.30 8.20 -22.61
N ILE A 62 33.08 9.33 -23.26
CA ILE A 62 31.73 9.61 -23.76
C ILE A 62 31.37 8.67 -24.92
N LYS A 63 32.37 8.30 -25.73
CA LYS A 63 32.14 7.41 -26.85
C LYS A 63 31.74 6.02 -26.39
N ILE A 64 32.15 5.62 -25.19
CA ILE A 64 31.77 4.30 -24.65
C ILE A 64 30.23 4.20 -24.64
N MSE A 65 29.57 5.22 -24.07
CA MSE A 65 28.12 5.27 -24.07
C MSE A 65 27.52 5.36 -25.48
O MSE A 65 26.60 4.65 -25.80
CB MSE A 65 27.66 6.45 -23.20
CG MSE A 65 27.93 6.21 -21.73
SE MSE A 65 27.40 7.70 -20.65
CE MSE A 65 28.84 8.94 -21.02
N VAL A 66 28.03 6.24 -26.32
CA VAL A 66 27.50 6.40 -27.69
C VAL A 66 27.59 5.10 -28.52
N ASP A 67 28.71 4.38 -28.36
CA ASP A 67 28.91 3.12 -29.07
C ASP A 67 27.93 2.05 -28.62
N ALA A 68 27.43 2.19 -27.40
CA ALA A 68 26.47 1.24 -26.85
C ALA A 68 25.02 1.64 -27.16
N GLY A 69 24.82 2.80 -27.78
CA GLY A 69 23.50 3.23 -28.23
C GLY A 69 22.82 4.17 -27.26
N VAL A 70 23.56 4.56 -26.22
CA VAL A 70 23.07 5.48 -25.23
C VAL A 70 23.30 6.90 -25.75
N VAL A 71 22.29 7.74 -25.58
CA VAL A 71 22.43 9.17 -25.87
C VAL A 71 22.92 9.87 -24.60
N PRO A 72 24.20 10.30 -24.53
CA PRO A 72 24.61 11.13 -23.38
C PRO A 72 24.30 12.63 -23.54
N VAL A 73 23.84 13.25 -22.46
CA VAL A 73 23.41 14.62 -22.42
C VAL A 73 24.12 15.26 -21.23
N ALA A 74 24.61 16.47 -21.43
CA ALA A 74 25.40 17.19 -20.42
C ALA A 74 24.53 18.21 -19.71
N TYR A 75 24.53 18.08 -18.39
CA TYR A 75 24.00 19.07 -17.48
C TYR A 75 24.81 20.38 -17.60
N VAL A 76 24.11 21.49 -17.78
CA VAL A 76 24.75 22.82 -17.67
C VAL A 76 23.79 23.75 -16.94
N ASN A 77 24.25 24.28 -15.80
CA ASN A 77 23.52 25.32 -15.05
C ASN A 77 23.81 26.68 -15.69
N ILE A 78 22.81 27.22 -16.36
CA ILE A 78 22.91 28.50 -17.04
C ILE A 78 22.32 29.65 -16.22
N GLY A 79 21.75 29.35 -15.06
CA GLY A 79 21.08 30.36 -14.25
C GLY A 79 21.79 30.73 -12.99
N GLN A 80 22.89 30.03 -12.73
CA GLN A 80 23.73 30.22 -11.53
C GLN A 80 25.20 29.83 -11.81
N ALA A 81 26.08 30.51 -11.13
CA ALA A 81 27.51 30.19 -11.12
C ALA A 81 27.78 29.16 -10.02
N GLU A 82 28.65 28.19 -10.31
CA GLU A 82 28.99 27.10 -9.39
C GLU A 82 30.48 27.21 -9.10
N ASP A 83 30.83 27.44 -7.84
CA ASP A 83 32.17 27.84 -7.49
C ASP A 83 33.27 26.76 -7.65
N TYR A 84 32.90 25.55 -8.07
CA TYR A 84 33.88 24.47 -8.30
C TYR A 84 34.19 24.29 -9.80
N ARG A 85 33.53 25.08 -10.63
CA ARG A 85 33.69 24.98 -12.09
C ARG A 85 34.97 25.68 -12.59
N PHE A 86 35.37 25.32 -13.81
CA PHE A 86 36.58 25.85 -14.45
C PHE A 86 36.60 27.38 -14.56
N TYR A 87 35.43 27.99 -14.69
CA TYR A 87 35.32 29.40 -14.92
C TYR A 87 35.43 30.28 -13.63
N TRP A 88 35.40 29.65 -12.46
CA TRP A 88 35.31 30.42 -11.21
C TRP A 88 36.63 31.10 -10.93
N LYS A 89 36.59 32.41 -10.66
CA LYS A 89 37.81 33.18 -10.37
C LYS A 89 37.78 33.67 -8.93
N GLU A 90 38.88 33.45 -8.22
CA GLU A 90 39.06 33.94 -6.85
C GLU A 90 38.92 35.43 -6.69
N SER A 91 39.25 36.19 -7.72
CA SER A 91 39.10 37.62 -7.70
C SER A 91 37.64 38.06 -7.61
N TRP A 92 36.71 37.16 -7.87
CA TRP A 92 35.26 37.45 -7.71
C TRP A 92 34.82 37.73 -6.27
N TYR A 93 35.60 37.28 -5.30
CA TYR A 93 35.30 37.57 -3.91
C TYR A 93 35.59 39.03 -3.64
N THR A 94 36.77 39.47 -4.05
CA THR A 94 37.25 40.79 -3.71
C THR A 94 36.81 41.86 -4.73
N ASN A 95 36.54 41.42 -5.95
CA ASN A 95 36.15 42.32 -7.02
C ASN A 95 34.95 41.67 -7.74
N THR A 96 33.80 41.76 -7.10
CA THR A 96 32.64 41.00 -7.50
C THR A 96 31.98 41.60 -8.76
N PRO A 97 31.88 40.79 -9.83
CA PRO A 97 31.18 41.26 -11.01
C PRO A 97 29.74 41.62 -10.67
N GLU A 98 29.22 42.68 -11.30
CA GLU A 98 27.83 43.13 -11.06
C GLU A 98 26.79 42.02 -11.33
N TRP A 99 27.10 41.12 -12.26
CA TRP A 99 26.21 40.01 -12.58
C TRP A 99 26.29 38.86 -11.58
N LEU A 100 27.24 38.90 -10.65
CA LEU A 100 27.38 37.78 -9.72
C LEU A 100 26.59 38.07 -8.44
N GLY A 101 25.48 37.36 -8.30
CA GLY A 101 24.56 37.54 -7.19
C GLY A 101 24.77 36.64 -6.01
N GLU A 102 23.76 36.61 -5.15
CA GLU A 102 23.86 35.97 -3.86
C GLU A 102 23.88 34.44 -4.00
N GLU A 103 24.51 33.81 -3.01
CA GLU A 103 24.54 32.37 -2.89
C GLU A 103 23.13 31.81 -2.63
N ASP A 104 22.83 30.70 -3.29
CA ASP A 104 21.55 30.01 -3.23
C ASP A 104 21.50 29.32 -1.87
N PRO A 105 20.55 29.73 -0.98
CA PRO A 105 20.52 29.09 0.36
C PRO A 105 20.21 27.61 0.35
N ALA A 106 19.60 27.11 -0.72
CA ALA A 106 19.32 25.69 -0.84
C ALA A 106 20.47 24.90 -1.50
N TRP A 107 21.37 25.60 -2.19
CA TRP A 107 22.54 24.95 -2.84
C TRP A 107 23.83 25.75 -2.57
N PRO A 108 24.47 25.47 -1.44
CA PRO A 108 25.78 26.09 -1.12
C PRO A 108 26.78 25.98 -2.27
N GLY A 109 27.51 27.04 -2.56
CA GLY A 109 28.39 27.03 -3.72
C GLY A 109 27.80 27.45 -5.05
N ASN A 110 26.45 27.44 -5.19
CA ASN A 110 25.74 28.03 -6.34
C ASN A 110 25.38 29.48 -6.06
N TYR A 111 25.57 30.35 -7.04
CA TYR A 111 25.26 31.77 -6.88
C TYR A 111 24.36 32.19 -8.05
N PHE A 112 23.25 32.85 -7.74
CA PHE A 112 22.38 33.39 -8.78
C PHE A 112 23.13 34.40 -9.65
N VAL A 113 22.96 34.31 -10.97
CA VAL A 113 23.63 35.26 -11.86
C VAL A 113 22.63 36.07 -12.69
N LYS A 114 22.97 37.33 -12.96
CA LYS A 114 22.29 38.14 -13.97
C LYS A 114 22.71 37.63 -15.36
N TYR A 115 21.99 36.62 -15.81
CA TYR A 115 22.40 35.77 -16.93
C TYR A 115 22.35 36.48 -18.29
N TRP A 116 21.80 37.69 -18.30
CA TRP A 116 21.66 38.50 -19.47
C TRP A 116 22.91 39.33 -19.72
N TYR A 117 23.86 39.38 -18.78
CA TYR A 117 25.11 40.13 -18.96
C TYR A 117 26.05 39.29 -19.87
N ASN A 118 26.75 40.00 -20.78
CA ASN A 118 27.63 39.41 -21.78
C ASN A 118 28.61 38.43 -21.17
N GLU A 119 29.21 38.80 -20.03
CA GLU A 119 30.27 38.01 -19.38
C GLU A 119 29.75 36.62 -19.00
N TRP A 120 28.60 36.56 -18.36
CA TRP A 120 28.02 35.24 -18.04
C TRP A 120 27.67 34.41 -19.30
N LYS A 121 27.08 35.02 -20.30
CA LYS A 121 26.72 34.28 -21.52
C LYS A 121 27.97 33.65 -22.10
N GLU A 122 29.03 34.45 -22.17
CA GLU A 122 30.33 33.99 -22.70
C GLU A 122 30.99 32.91 -21.82
N ILE A 123 30.86 33.01 -20.51
CA ILE A 123 31.24 31.89 -19.68
C ILE A 123 30.53 30.61 -20.13
N VAL A 124 29.21 30.69 -20.25
CA VAL A 124 28.41 29.55 -20.66
C VAL A 124 28.71 29.00 -22.05
N PHE A 125 28.93 29.86 -23.04
CA PHE A 125 29.36 29.37 -24.36
C PHE A 125 30.71 28.64 -24.27
N SER A 126 31.62 29.15 -23.42
CA SER A 126 32.93 28.49 -23.19
C SER A 126 32.75 27.09 -22.58
N TYR A 127 31.74 26.96 -21.73
CA TYR A 127 31.29 25.70 -21.15
C TYR A 127 30.72 24.76 -22.24
N LEU A 128 29.80 25.27 -23.06
CA LEU A 128 29.29 24.54 -24.23
C LEU A 128 30.38 24.09 -25.23
N ASP A 129 31.37 24.95 -25.46
CA ASP A 129 32.54 24.61 -26.30
C ASP A 129 33.18 23.25 -25.90
N ARG A 130 33.37 23.06 -24.59
CA ARG A 130 33.99 21.86 -24.03
C ARG A 130 33.09 20.67 -24.13
N VAL A 131 31.82 20.89 -23.84
CA VAL A 131 30.77 19.88 -23.91
C VAL A 131 30.63 19.28 -25.33
N ILE A 132 30.71 20.13 -26.35
CA ILE A 132 30.66 19.69 -27.74
C ILE A 132 31.90 18.84 -28.07
N ASP A 133 33.08 19.33 -27.71
CA ASP A 133 34.31 18.61 -27.99
C ASP A 133 34.38 17.24 -27.30
N GLN A 134 33.72 17.11 -26.16
CA GLN A 134 33.61 15.81 -25.48
C GLN A 134 32.77 14.77 -26.22
N GLY A 135 31.93 15.20 -27.14
CA GLY A 135 31.06 14.29 -27.88
C GLY A 135 29.67 14.11 -27.27
N PHE A 136 29.23 15.04 -26.43
CA PHE A 136 27.86 15.00 -25.90
C PHE A 136 26.86 15.24 -27.02
N LYS A 137 25.75 14.51 -26.94
CA LYS A 137 24.72 14.57 -27.95
C LYS A 137 23.57 15.46 -27.53
N GLY A 138 23.66 16.04 -26.33
CA GLY A 138 22.66 16.98 -25.89
C GLY A 138 23.08 17.78 -24.70
N ILE A 139 22.30 18.81 -24.41
CA ILE A 139 22.52 19.67 -23.27
C ILE A 139 21.23 19.80 -22.46
N TYR A 140 21.39 19.90 -21.14
CA TYR A 140 20.28 19.85 -20.22
C TYR A 140 20.47 21.08 -19.36
N LEU A 141 19.55 22.04 -19.50
CA LEU A 141 19.83 23.38 -19.07
C LEU A 141 19.10 23.72 -17.78
N ASP A 142 19.88 23.82 -16.70
CA ASP A 142 19.31 24.07 -15.38
C ASP A 142 19.24 25.54 -15.04
N ARG A 143 18.26 25.84 -14.19
CA ARG A 143 18.01 27.14 -13.57
C ARG A 143 17.60 28.21 -14.52
N ILE A 144 16.87 27.77 -15.55
CA ILE A 144 15.87 28.56 -16.28
C ILE A 144 15.11 29.47 -15.32
N ASP A 145 14.63 28.87 -14.24
CA ASP A 145 13.84 29.59 -13.23
C ASP A 145 14.56 30.72 -12.51
N SER A 146 15.80 31.02 -12.89
CA SER A 146 16.43 32.23 -12.45
C SER A 146 15.67 33.44 -12.98
N PHE A 147 14.86 33.27 -14.02
CA PHE A 147 14.05 34.41 -14.45
C PHE A 147 13.10 34.83 -13.34
N GLU A 148 12.56 33.83 -12.62
CA GLU A 148 11.70 34.08 -11.49
C GLU A 148 12.47 34.64 -10.28
N TYR A 149 13.71 34.22 -10.05
CA TYR A 149 14.49 34.71 -8.91
C TYR A 149 14.63 36.25 -9.01
N TRP A 150 15.15 36.73 -10.14
CA TRP A 150 15.39 38.16 -10.29
C TRP A 150 14.11 38.99 -10.29
N ALA A 151 13.02 38.44 -10.85
CA ALA A 151 11.71 39.11 -10.85
C ALA A 151 11.20 39.17 -9.42
N GLN A 152 11.28 38.04 -8.71
CA GLN A 152 10.93 38.01 -7.30
C GLN A 152 11.77 38.94 -6.39
N GLU A 153 13.03 39.18 -6.75
CA GLU A 153 13.84 40.19 -6.04
C GLU A 153 13.54 41.64 -6.41
N GLY A 154 12.79 41.85 -7.50
CA GLY A 154 12.38 43.18 -7.93
C GLY A 154 13.45 43.84 -8.76
N VAL A 155 14.39 43.05 -9.26
CA VAL A 155 15.60 43.61 -9.90
C VAL A 155 15.33 44.10 -11.34
N ILE A 156 14.50 43.33 -12.05
CA ILE A 156 13.99 43.67 -13.36
C ILE A 156 12.56 43.15 -13.41
N SER A 157 11.80 43.54 -14.42
CA SER A 157 10.39 43.09 -14.51
C SER A 157 10.43 41.61 -14.84
N ARG A 158 9.31 40.95 -14.55
CA ARG A 158 9.17 39.52 -14.83
C ARG A 158 9.18 39.25 -16.34
N ARG A 159 8.56 40.11 -17.13
CA ARG A 159 8.58 39.98 -18.59
C ARG A 159 10.01 40.20 -19.11
N SER A 160 10.73 41.20 -18.61
CA SER A 160 12.11 41.42 -19.02
C SER A 160 12.98 40.18 -18.69
N ALA A 161 12.82 39.67 -17.48
CA ALA A 161 13.62 38.55 -17.03
C ALA A 161 13.35 37.33 -17.88
N ALA A 162 12.06 37.14 -18.20
CA ALA A 162 11.60 36.00 -19.03
C ALA A 162 12.12 36.12 -20.46
N ARG A 163 11.95 37.28 -21.07
CA ARG A 163 12.44 37.47 -22.42
C ARG A 163 13.94 37.30 -22.51
N LYS A 164 14.68 37.80 -21.52
CA LYS A 164 16.12 37.68 -21.54
C LYS A 164 16.54 36.24 -21.48
N MSE A 165 15.78 35.41 -20.74
CA MSE A 165 16.15 33.99 -20.56
C MSE A 165 15.80 33.19 -21.78
O MSE A 165 16.52 32.28 -22.13
CB MSE A 165 15.48 33.39 -19.29
CG MSE A 165 15.65 31.89 -19.05
SE MSE A 165 17.52 31.27 -18.97
CE MSE A 165 18.06 31.89 -17.15
N ILE A 166 14.68 33.52 -22.42
CA ILE A 166 14.26 32.88 -23.67
C ILE A 166 15.34 33.14 -24.70
N ASN A 167 15.75 34.41 -24.82
CA ASN A 167 16.77 34.81 -25.78
C ASN A 167 18.10 34.14 -25.51
N PHE A 168 18.48 34.02 -24.24
CA PHE A 168 19.71 33.34 -23.90
C PHE A 168 19.68 31.87 -24.35
N VAL A 169 18.56 31.20 -24.08
CA VAL A 169 18.40 29.83 -24.50
C VAL A 169 18.47 29.72 -26.04
N LEU A 170 17.93 30.71 -26.76
CA LEU A 170 18.00 30.68 -28.22
C LEU A 170 19.45 30.90 -28.74
N GLU A 171 20.21 31.76 -28.05
CA GLU A 171 21.59 31.99 -28.43
C GLU A 171 22.47 30.76 -28.16
N ILE A 172 22.15 30.05 -27.09
CA ILE A 172 22.75 28.75 -26.76
C ILE A 172 22.45 27.75 -27.85
N ALA A 173 21.19 27.64 -28.26
CA ALA A 173 20.80 26.72 -29.31
C ALA A 173 21.57 26.99 -30.58
N GLU A 174 21.61 28.25 -30.93
CA GLU A 174 22.29 28.68 -32.11
C GLU A 174 23.80 28.35 -32.05
N TYR A 175 24.41 28.56 -30.88
CA TYR A 175 25.83 28.27 -30.65
C TYR A 175 26.15 26.78 -30.91
N VAL A 176 25.41 25.91 -30.20
CA VAL A 176 25.67 24.46 -30.26
C VAL A 176 25.32 23.79 -31.57
N ARG A 177 24.27 24.28 -32.22
CA ARG A 177 23.80 23.70 -33.47
C ARG A 177 24.51 24.24 -34.71
N GLU A 178 25.24 25.33 -34.57
CA GLU A 178 26.23 25.73 -35.58
C GLU A 178 27.25 24.56 -35.72
N ARG A 179 27.64 23.97 -34.61
CA ARG A 179 28.61 22.90 -34.67
C ARG A 179 28.04 21.48 -34.75
N LYS A 180 26.89 21.29 -34.12
CA LYS A 180 26.24 20.00 -34.05
C LYS A 180 24.77 20.24 -34.32
N PRO A 181 24.38 20.26 -35.60
CA PRO A 181 22.99 20.59 -35.98
C PRO A 181 21.89 19.82 -35.24
N ASP A 182 22.13 18.56 -34.91
CA ASP A 182 21.13 17.74 -34.24
C ASP A 182 21.24 17.68 -32.70
N MSE A 183 21.99 18.60 -32.13
CA MSE A 183 22.17 18.64 -30.69
C MSE A 183 20.83 18.71 -29.98
O MSE A 183 20.04 19.60 -30.31
CB MSE A 183 22.99 19.85 -30.29
CG MSE A 183 23.31 19.88 -28.79
SE MSE A 183 24.71 18.61 -28.39
CE MSE A 183 26.11 19.94 -28.04
N LEU A 184 20.62 17.82 -29.00
CA LEU A 184 19.42 17.89 -28.14
C LEU A 184 19.51 19.05 -27.16
N ILE A 185 18.45 19.84 -27.06
CA ILE A 185 18.37 20.98 -26.14
C ILE A 185 17.18 20.75 -25.25
N ILE A 186 17.43 20.66 -23.94
CA ILE A 186 16.39 20.30 -23.00
C ILE A 186 16.51 21.17 -21.79
N PRO A 187 15.63 22.16 -21.65
CA PRO A 187 15.53 22.89 -20.36
C PRO A 187 14.91 22.08 -19.21
N GLN A 188 15.35 22.39 -17.99
CA GLN A 188 14.80 21.83 -16.78
C GLN A 188 14.00 22.92 -16.05
N ASN A 189 12.73 22.61 -15.75
CA ASN A 189 11.84 23.52 -15.02
C ASN A 189 11.67 24.88 -15.76
N GLY A 190 11.01 25.85 -15.13
CA GLY A 190 10.81 27.18 -15.75
C GLY A 190 9.90 27.11 -16.98
N GLU A 191 9.05 26.08 -17.04
CA GLU A 191 8.23 25.84 -18.22
C GLU A 191 7.20 26.95 -18.43
N ASN A 192 6.73 27.54 -17.35
CA ASN A 192 5.91 28.75 -17.41
C ASN A 192 6.52 30.00 -18.08
N ILE A 193 7.82 29.96 -18.40
CA ILE A 193 8.43 30.95 -19.29
C ILE A 193 7.79 31.00 -20.67
N LEU A 194 7.21 29.88 -21.09
CA LEU A 194 6.48 29.84 -22.34
C LEU A 194 5.27 30.79 -22.41
N ASP A 195 4.82 31.35 -21.30
CA ASP A 195 3.84 32.45 -21.35
C ASP A 195 4.37 33.67 -22.11
N PHE A 196 5.69 33.82 -22.14
CA PHE A 196 6.35 34.98 -22.76
C PHE A 196 6.98 34.67 -24.12
N ASP A 197 6.88 33.43 -24.61
CA ASP A 197 7.43 32.99 -25.91
C ASP A 197 6.53 33.32 -27.11
N ASP A 198 7.15 33.65 -28.25
CA ASP A 198 6.39 33.88 -29.48
C ASP A 198 6.27 32.62 -30.33
N GLY A 199 6.87 31.53 -29.89
CA GLY A 199 6.83 30.26 -30.60
C GLY A 199 8.22 29.67 -30.84
N GLN A 200 9.24 30.52 -30.78
CA GLN A 200 10.57 30.16 -31.23
C GLN A 200 11.26 29.27 -30.21
N LEU A 201 11.05 29.53 -28.92
CA LEU A 201 11.60 28.65 -27.90
C LEU A 201 10.92 27.28 -27.95
N ALA A 202 9.59 27.26 -27.94
CA ALA A 202 8.82 26.03 -28.11
C ALA A 202 9.28 25.17 -29.27
N SER A 203 9.64 25.82 -30.38
CA SER A 203 10.00 25.08 -31.59
C SER A 203 11.49 24.70 -31.63
N THR A 204 12.32 25.40 -30.85
CA THR A 204 13.77 25.17 -30.83
C THR A 204 14.24 24.08 -29.87
N VAL A 205 13.59 23.96 -28.71
CA VAL A 205 13.92 22.87 -27.81
C VAL A 205 13.58 21.52 -28.46
N SER A 206 14.28 20.50 -27.97
CA SER A 206 14.05 19.12 -28.37
C SER A 206 13.04 18.49 -27.43
N GLY A 207 13.12 18.90 -26.16
CA GLY A 207 12.22 18.44 -25.13
C GLY A 207 12.30 19.36 -23.96
N TRP A 208 11.66 18.98 -22.87
CA TRP A 208 11.73 19.73 -21.62
C TRP A 208 11.80 18.75 -20.47
N ALA A 209 12.55 19.10 -19.44
CA ALA A 209 12.57 18.32 -18.22
C ALA A 209 12.00 19.10 -17.02
N VAL A 210 11.39 18.34 -16.10
CA VAL A 210 10.74 18.86 -14.92
C VAL A 210 11.04 17.99 -13.73
N GLU A 211 11.41 18.65 -12.63
CA GLU A 211 11.56 18.04 -11.30
C GLU A 211 10.31 18.32 -10.48
N ASN A 212 9.90 17.39 -9.63
CA ASN A 212 8.80 17.62 -8.69
C ASN A 212 7.44 17.85 -9.36
N LEU A 213 7.01 16.90 -10.17
CA LEU A 213 5.78 17.07 -10.96
C LEU A 213 4.58 16.48 -10.25
N PHE A 214 4.73 15.28 -9.71
CA PHE A 214 3.62 14.67 -8.99
C PHE A 214 3.86 14.60 -7.50
N TYR A 215 5.13 14.49 -7.10
CA TYR A 215 5.57 14.49 -5.72
C TYR A 215 6.66 15.53 -5.52
N LEU A 216 6.67 16.15 -4.36
CA LEU A 216 7.85 16.88 -3.89
C LEU A 216 8.54 15.94 -2.88
N LYS A 217 9.67 15.36 -3.29
CA LYS A 217 10.25 14.17 -2.61
C LYS A 217 9.18 13.08 -2.43
N THR A 218 8.85 12.71 -1.20
CA THR A 218 7.90 11.62 -0.97
C THR A 218 6.48 12.13 -0.78
N ILE A 219 6.29 13.46 -0.80
CA ILE A 219 5.00 14.09 -0.51
C ILE A 219 4.25 14.45 -1.80
N PRO A 220 3.00 13.98 -1.96
CA PRO A 220 2.35 14.28 -3.24
C PRO A 220 2.01 15.77 -3.39
N LEU A 221 2.09 16.28 -4.61
CA LEU A 221 1.64 17.65 -4.86
C LEU A 221 0.13 17.70 -4.98
N GLU A 222 -0.40 18.91 -4.85
CA GLU A 222 -1.83 19.13 -5.03
C GLU A 222 -2.08 18.93 -6.51
N GLU A 223 -3.25 18.40 -6.84
CA GLU A 223 -3.63 18.13 -8.23
C GLU A 223 -3.62 19.40 -9.09
N ASN A 224 -4.07 20.52 -8.52
CA ASN A 224 -4.15 21.77 -9.27
C ASN A 224 -2.77 22.28 -9.67
N GLU A 225 -1.81 22.15 -8.75
CA GLU A 225 -0.42 22.56 -9.00
C GLU A 225 0.25 21.74 -10.12
N THR A 226 0.07 20.42 -10.05
CA THR A 226 0.52 19.48 -11.07
C THR A 226 -0.15 19.77 -12.42
N LYS A 227 -1.49 19.94 -12.39
CA LYS A 227 -2.26 20.22 -13.60
C LYS A 227 -1.77 21.46 -14.33
N SER A 228 -1.44 22.54 -13.59
CA SER A 228 -0.94 23.79 -14.20
C SER A 228 0.38 23.61 -14.91
N ARG A 229 1.25 22.79 -14.34
CA ARG A 229 2.52 22.47 -14.98
C ARG A 229 2.34 21.63 -16.23
N LEU A 230 1.50 20.62 -16.14
CA LEU A 230 1.17 19.76 -17.28
C LEU A 230 0.59 20.47 -18.49
N GLU A 231 -0.15 21.55 -18.27
CA GLU A 231 -0.69 22.36 -19.37
C GLU A 231 0.41 22.84 -20.34
N TYR A 232 1.54 23.25 -19.77
CA TYR A 232 2.71 23.67 -20.56
C TYR A 232 3.34 22.48 -21.26
N LEU A 233 3.52 21.39 -20.51
CA LEU A 233 4.23 20.21 -21.01
C LEU A 233 3.39 19.46 -22.05
N ILE A 234 2.10 19.30 -21.81
CA ILE A 234 1.26 18.59 -22.78
C ILE A 234 1.31 19.28 -24.16
N ARG A 235 1.21 20.62 -24.16
CA ARG A 235 1.32 21.42 -25.38
C ARG A 235 2.64 21.22 -26.10
N LEU A 236 3.73 21.07 -25.35
CA LEU A 236 5.03 20.77 -25.95
C LEU A 236 5.04 19.38 -26.59
N ASN A 237 4.40 18.42 -25.93
CA ASN A 237 4.40 17.02 -26.39
C ASN A 237 3.74 16.90 -27.74
N ARG A 238 2.58 17.58 -27.88
CA ARG A 238 1.84 17.85 -29.14
C ARG A 238 2.71 18.25 -30.32
N LYS A 239 3.68 19.10 -30.02
CA LYS A 239 4.61 19.63 -31.01
C LYS A 239 5.78 18.68 -31.23
N GLY A 240 5.72 17.48 -30.64
CA GLY A 240 6.77 16.49 -30.83
C GLY A 240 7.99 16.75 -29.95
N LYS A 241 7.79 17.42 -28.83
CA LYS A 241 8.85 17.60 -27.85
C LYS A 241 8.69 16.59 -26.71
N PHE A 242 9.73 15.79 -26.46
CA PHE A 242 9.66 14.80 -25.38
C PHE A 242 9.76 15.45 -23.99
N ILE A 243 9.13 14.82 -23.01
CA ILE A 243 9.09 15.32 -21.65
C ILE A 243 9.78 14.31 -20.74
N LEU A 244 10.86 14.77 -20.11
CA LEU A 244 11.54 14.03 -19.08
C LEU A 244 11.06 14.52 -17.70
N SER A 245 10.70 13.54 -16.86
CA SER A 245 10.23 13.76 -15.49
C SER A 245 11.21 13.11 -14.51
N VAL A 246 11.58 13.82 -13.47
CA VAL A 246 12.25 13.22 -12.35
C VAL A 246 11.59 13.75 -11.07
N ASP A 247 11.04 12.82 -10.29
CA ASP A 247 10.59 13.10 -8.93
C ASP A 247 11.47 12.29 -7.99
N TYR A 248 11.81 12.91 -6.85
CA TYR A 248 12.75 12.35 -5.89
C TYR A 248 12.03 11.48 -4.83
N VAL A 249 11.33 10.48 -5.31
CA VAL A 249 10.38 9.68 -4.51
C VAL A 249 10.93 8.39 -3.89
N ASP A 250 12.15 8.01 -4.24
CA ASP A 250 12.69 6.75 -3.75
C ASP A 250 13.43 7.01 -2.45
N ASP A 251 12.86 6.55 -1.35
CA ASP A 251 13.50 6.71 -0.07
C ASP A 251 14.53 5.61 0.18
N GLY A 252 14.68 4.68 -0.77
CA GLY A 252 15.74 3.69 -0.72
C GLY A 252 15.41 2.40 -0.02
N SER A 253 14.19 2.32 0.51
CA SER A 253 13.73 1.14 1.23
C SER A 253 12.97 0.23 0.29
N ASP A 254 12.71 -0.98 0.77
CA ASP A 254 11.79 -1.94 0.10
C ASP A 254 10.43 -1.96 0.81
N SER A 255 9.98 -0.80 1.30
CA SER A 255 8.72 -0.70 2.00
C SER A 255 7.61 -0.71 0.98
N PHE A 256 6.41 -1.05 1.42
CA PHE A 256 5.26 -1.01 0.54
C PHE A 256 5.00 0.45 0.14
N GLU A 257 5.11 1.33 1.12
CA GLU A 257 4.83 2.73 0.95
C GLU A 257 5.77 3.30 -0.09
N ASN A 258 7.05 3.00 0.03
CA ASN A 258 8.04 3.49 -0.93
C ASN A 258 7.85 2.92 -2.32
N ILE A 259 7.69 1.59 -2.43
CA ILE A 259 7.59 0.99 -3.74
C ILE A 259 6.26 1.39 -4.42
N SER A 260 5.18 1.49 -3.68
CA SER A 260 3.89 1.84 -4.28
C SER A 260 3.88 3.29 -4.72
N ARG A 261 4.61 4.15 -4.00
CA ARG A 261 4.75 5.56 -4.39
C ARG A 261 5.51 5.71 -5.73
N ILE A 262 6.55 4.90 -5.89
CA ILE A 262 7.30 4.79 -7.13
C ILE A 262 6.41 4.34 -8.31
N LEU A 263 5.64 3.29 -8.09
CA LEU A 263 4.71 2.79 -9.09
C LEU A 263 3.63 3.83 -9.42
N ASP A 264 3.13 4.50 -8.39
CA ASP A 264 2.14 5.55 -8.57
C ASP A 264 2.71 6.72 -9.37
N TYR A 265 3.89 7.18 -8.97
CA TYR A 265 4.62 8.16 -9.76
C TYR A 265 4.84 7.70 -11.24
N TYR A 266 5.30 6.46 -11.45
CA TYR A 266 5.51 5.93 -12.81
C TYR A 266 4.21 5.99 -13.59
N GLU A 267 3.14 5.47 -12.98
CA GLU A 267 1.79 5.51 -13.57
C GLU A 267 1.36 6.91 -14.01
N LYS A 268 1.40 7.85 -13.07
CA LYS A 268 1.01 9.24 -13.33
C LYS A 268 1.83 9.86 -14.45
N ALA A 269 3.15 9.68 -14.43
CA ALA A 269 4.02 10.22 -15.49
C ALA A 269 3.62 9.73 -16.88
N LYS A 270 3.54 8.41 -17.02
CA LYS A 270 3.28 7.77 -18.29
C LYS A 270 1.92 8.10 -18.91
N ARG A 271 0.88 8.19 -18.09
CA ARG A 271 -0.44 8.56 -18.64
C ARG A 271 -0.54 10.03 -18.99
N ASN A 272 0.46 10.82 -18.58
CA ASN A 272 0.62 12.21 -19.03
C ASN A 272 1.80 12.44 -20.01
N GLY A 273 2.30 11.39 -20.66
CA GLY A 273 3.32 11.58 -21.71
C GLY A 273 4.67 12.03 -21.22
N CYS A 274 4.95 11.75 -19.95
CA CYS A 274 6.27 12.01 -19.36
C CYS A 274 7.02 10.70 -19.09
N ILE A 275 8.30 10.72 -19.43
CA ILE A 275 9.18 9.58 -19.26
C ILE A 275 9.75 9.77 -17.86
N PRO A 276 9.39 8.84 -16.93
CA PRO A 276 9.76 8.98 -15.55
C PRO A 276 11.14 8.44 -15.22
N TYR A 277 11.74 9.07 -14.22
CA TYR A 277 12.90 8.54 -13.53
C TYR A 277 12.68 8.86 -12.03
N ALA A 278 12.71 7.83 -11.20
CA ALA A 278 12.52 7.98 -9.78
C ALA A 278 13.89 8.07 -9.14
N ALA A 279 14.17 9.24 -8.57
CA ALA A 279 15.44 9.52 -7.98
C ALA A 279 15.34 9.37 -6.45
N ARG A 280 16.48 9.23 -5.80
CA ARG A 280 16.55 9.15 -4.35
C ARG A 280 16.18 10.46 -3.72
N SER A 281 15.53 10.36 -2.56
CA SER A 281 14.93 11.50 -1.89
C SER A 281 15.94 12.44 -1.26
N ASP A 282 17.21 12.05 -1.22
CA ASP A 282 18.30 12.92 -0.74
C ASP A 282 18.79 13.90 -1.78
N LEU A 283 18.22 13.87 -3.00
CA LEU A 283 18.52 14.83 -4.10
C LEU A 283 19.95 14.80 -4.68
N GLU A 284 20.71 13.81 -4.25
CA GLU A 284 22.15 13.80 -4.43
C GLU A 284 22.52 13.29 -5.86
N LEU A 285 21.60 12.56 -6.50
CA LEU A 285 21.77 12.04 -7.85
C LEU A 285 23.14 11.39 -8.05
N ASP A 286 23.51 10.57 -7.07
CA ASP A 286 24.90 10.14 -6.92
C ASP A 286 25.13 8.66 -7.17
N GLU A 287 24.08 7.96 -7.57
CA GLU A 287 24.21 6.65 -8.21
C GLU A 287 23.18 6.49 -9.34
N MSE A 288 23.33 5.42 -10.08
CA MSE A 288 22.39 5.06 -11.12
C MSE A 288 21.31 4.25 -10.41
O MSE A 288 21.50 3.10 -10.10
CB MSE A 288 23.13 4.26 -12.21
CG MSE A 288 22.25 3.63 -13.25
SE MSE A 288 23.36 2.72 -14.59
CE MSE A 288 23.00 3.79 -15.95
CE MSE A 288 23.44 0.98 -13.72
N ASN A 289 20.19 4.90 -10.13
CA ASN A 289 19.14 4.34 -9.29
C ASN A 289 18.35 3.27 -10.04
N VAL A 290 18.71 2.02 -9.77
CA VAL A 290 18.10 0.82 -10.36
C VAL A 290 17.11 0.21 -9.37
N ILE A 291 15.87 0.02 -9.83
CA ILE A 291 14.82 -0.52 -8.98
C ILE A 291 14.21 -1.77 -9.65
N GLU A 292 14.48 -2.93 -9.06
CA GLU A 292 14.14 -4.22 -9.64
C GLU A 292 12.68 -4.27 -10.12
N GLY A 293 12.47 -4.72 -11.36
CA GLY A 293 11.15 -4.80 -11.95
C GLY A 293 10.52 -3.48 -12.34
N ILE A 294 11.23 -2.36 -12.16
CA ILE A 294 10.67 -1.03 -12.40
C ILE A 294 11.59 -0.15 -13.25
N GLN A 295 12.84 0.03 -12.81
CA GLN A 295 13.73 1.08 -13.34
C GLN A 295 15.13 0.55 -13.60
N PRO A 296 15.53 0.45 -14.87
CA PRO A 296 14.75 0.67 -16.10
C PRO A 296 13.67 -0.43 -16.27
N PRO A 297 12.65 -0.22 -17.16
CA PRO A 297 11.53 -1.19 -17.26
C PRO A 297 11.95 -2.56 -17.79
N GLU A 298 11.07 -3.56 -17.64
CA GLU A 298 11.37 -4.91 -18.11
C GLU A 298 11.08 -5.04 -19.60
N THR B 13 -23.67 -16.42 -8.15
CA THR B 13 -23.07 -15.67 -7.00
C THR B 13 -21.62 -15.20 -7.24
N GLU B 14 -21.47 -14.17 -8.08
CA GLU B 14 -20.43 -13.16 -7.88
C GLU B 14 -21.02 -12.23 -6.85
N GLY B 15 -22.36 -12.16 -6.83
CA GLY B 15 -23.13 -11.79 -5.63
C GLY B 15 -23.06 -12.88 -4.57
N TRP B 16 -21.92 -12.97 -3.90
CA TRP B 16 -21.68 -13.95 -2.85
C TRP B 16 -22.45 -13.54 -1.61
N PHE B 17 -22.61 -14.48 -0.70
CA PHE B 17 -23.12 -14.18 0.62
C PHE B 17 -21.98 -13.73 1.56
N MSE B 18 -21.95 -12.44 1.87
CA MSE B 18 -20.92 -11.87 2.76
C MSE B 18 -21.53 -10.84 3.71
O MSE B 18 -21.50 -9.64 3.45
CB MSE B 18 -19.77 -11.28 1.94
CG MSE B 18 -18.98 -12.38 1.28
SE MSE B 18 -17.31 -12.35 0.54
SE MSE B 18 -17.89 -11.22 -0.02
CE MSE B 18 -16.48 -10.85 1.38
CE MSE B 18 -17.43 -12.36 -1.28
N PRO B 19 -22.12 -11.32 4.81
CA PRO B 19 -22.92 -10.46 5.70
C PRO B 19 -22.10 -9.59 6.63
N PHE B 20 -20.80 -9.86 6.80
CA PHE B 20 -19.91 -9.02 7.59
C PHE B 20 -18.83 -8.45 6.68
N ASP B 21 -18.42 -7.20 6.91
CA ASP B 21 -17.40 -6.54 6.10
C ASP B 21 -15.95 -6.93 6.41
N ASN B 22 -15.76 -7.61 7.53
CA ASN B 22 -14.47 -7.99 8.06
C ASN B 22 -14.71 -8.99 9.20
N TRP B 23 -13.65 -9.58 9.76
CA TRP B 23 -13.71 -10.20 11.06
C TRP B 23 -12.35 -10.14 11.78
N LEU B 24 -12.39 -10.34 13.09
CA LEU B 24 -11.19 -10.38 13.90
C LEU B 24 -11.02 -11.76 14.54
N TYR B 25 -9.82 -12.32 14.48
CA TYR B 25 -9.50 -13.53 15.20
C TYR B 25 -8.35 -13.18 16.16
N GLN B 26 -8.60 -13.26 17.47
CA GLN B 26 -7.59 -12.89 18.50
C GLN B 26 -7.76 -13.70 19.78
N LEU B 27 -6.86 -14.63 20.04
CA LEU B 27 -7.13 -15.60 21.13
C LEU B 27 -6.33 -15.31 22.37
N GLN B 28 -5.46 -14.30 22.33
CA GLN B 28 -4.69 -13.82 23.48
C GLN B 28 -4.70 -12.29 23.52
N ASN B 29 -4.70 -11.72 24.71
CA ASN B 29 -4.64 -10.25 24.95
C ASN B 29 -5.81 -9.45 24.35
N ALA B 30 -6.96 -10.07 24.17
CA ALA B 30 -8.10 -9.40 23.53
C ALA B 30 -8.71 -8.41 24.48
N ASP B 31 -8.82 -7.16 24.03
CA ASP B 31 -9.32 -6.05 24.85
C ASP B 31 -10.67 -5.51 24.30
N PRO B 32 -11.76 -5.74 25.05
CA PRO B 32 -13.08 -5.46 24.46
C PRO B 32 -13.36 -3.97 24.22
N VAL B 33 -12.73 -3.11 24.99
CA VAL B 33 -12.78 -1.68 24.75
C VAL B 33 -12.10 -1.34 23.41
N GLU B 34 -10.92 -1.90 23.20
CA GLU B 34 -10.18 -1.70 21.95
C GLU B 34 -10.93 -2.33 20.78
N ILE B 35 -11.56 -3.48 21.02
CA ILE B 35 -12.32 -4.14 19.96
C ILE B 35 -13.59 -3.32 19.63
N SER B 36 -14.30 -2.85 20.64
CA SER B 36 -15.59 -2.22 20.43
C SER B 36 -15.53 -0.95 19.56
N SER B 37 -14.44 -0.22 19.60
CA SER B 37 -14.29 0.96 18.75
C SER B 37 -13.35 0.73 17.54
N SER B 38 -13.04 -0.52 17.23
CA SER B 38 -12.06 -0.83 16.19
C SER B 38 -12.60 -0.83 14.76
N GLY B 39 -13.91 -0.98 14.59
CA GLY B 39 -14.49 -1.17 13.25
C GLY B 39 -14.65 -2.63 12.84
N PHE B 40 -14.01 -3.54 13.57
CA PHE B 40 -14.26 -4.96 13.36
C PHE B 40 -15.69 -5.30 13.79
N GLU B 41 -16.41 -6.05 12.95
CA GLU B 41 -17.86 -6.32 13.11
C GLU B 41 -18.19 -7.57 13.93
N ILE B 42 -17.32 -8.55 13.80
CA ILE B 42 -17.44 -9.81 14.49
C ILE B 42 -16.02 -10.17 14.96
N ALA B 43 -15.91 -10.66 16.18
CA ALA B 43 -14.61 -10.93 16.78
C ALA B 43 -14.63 -12.28 17.44
N VAL B 44 -13.75 -13.16 16.99
CA VAL B 44 -13.65 -14.46 17.56
C VAL B 44 -12.53 -14.36 18.59
N ILE B 45 -12.90 -14.41 19.86
CA ILE B 45 -11.95 -14.35 20.96
C ILE B 45 -12.10 -15.56 21.87
N ASP B 46 -11.21 -15.65 22.84
CA ASP B 46 -11.28 -16.66 23.85
C ASP B 46 -12.25 -16.16 24.90
N TYR B 47 -12.84 -17.11 25.63
CA TYR B 47 -13.78 -16.81 26.74
C TYR B 47 -13.00 -16.31 27.99
N SER B 48 -11.66 -16.39 27.95
CA SER B 48 -10.80 -15.96 29.08
C SER B 48 -9.63 -15.07 28.64
N LYS B 49 -9.25 -14.16 29.52
CA LYS B 49 -8.15 -13.24 29.23
C LYS B 49 -6.79 -13.96 29.17
N ASP B 50 -6.67 -15.12 29.83
CA ASP B 50 -5.45 -15.93 29.76
C ASP B 50 -5.73 -17.42 29.48
N GLY B 51 -6.96 -17.74 29.09
CA GLY B 51 -7.36 -19.13 28.90
C GLY B 51 -7.82 -19.83 30.17
N SER B 52 -7.50 -19.29 31.33
CA SER B 52 -7.84 -19.93 32.61
C SER B 52 -9.17 -19.44 33.19
N GLU B 53 -9.65 -20.18 34.19
CA GLU B 53 -10.88 -19.83 34.88
C GLU B 53 -10.84 -18.43 35.45
N SER B 54 -9.69 -18.04 36.00
CA SER B 54 -9.59 -16.78 36.74
C SER B 54 -9.63 -15.57 35.80
N GLY B 55 -9.27 -15.77 34.53
CA GLY B 55 -9.36 -14.71 33.51
C GLY B 55 -10.68 -14.62 32.77
N GLU B 56 -11.66 -15.47 33.11
CA GLU B 56 -12.93 -15.49 32.40
C GLU B 56 -13.50 -14.07 32.31
N TYR B 57 -13.78 -13.59 31.10
CA TYR B 57 -14.47 -12.31 30.88
C TYR B 57 -15.85 -12.27 31.55
N SER B 58 -16.16 -11.13 32.14
CA SER B 58 -17.42 -10.94 32.80
C SER B 58 -18.46 -10.61 31.75
N PRO B 59 -19.76 -10.76 32.09
CA PRO B 59 -20.83 -10.31 31.18
C PRO B 59 -20.70 -8.84 30.79
N GLU B 60 -20.36 -8.00 31.76
CA GLU B 60 -20.19 -6.57 31.56
C GLU B 60 -19.17 -6.34 30.45
N GLU B 61 -18.05 -7.06 30.53
CA GLU B 61 -16.93 -6.91 29.58
C GLU B 61 -17.32 -7.29 28.15
N ILE B 62 -18.14 -8.33 28.01
CA ILE B 62 -18.65 -8.80 26.72
C ILE B 62 -19.70 -7.82 26.19
N LYS B 63 -20.50 -7.26 27.08
CA LYS B 63 -21.57 -6.32 26.73
C LYS B 63 -21.06 -4.99 26.18
N ILE B 64 -19.81 -4.64 26.49
CA ILE B 64 -19.15 -3.48 25.89
C ILE B 64 -19.14 -3.58 24.36
N MSE B 65 -18.67 -4.72 23.86
CA MSE B 65 -18.59 -5.00 22.44
C MSE B 65 -19.97 -5.10 21.81
O MSE B 65 -20.25 -4.52 20.77
CB MSE B 65 -17.81 -6.30 22.21
CG MSE B 65 -16.32 -6.23 22.55
SE MSE B 65 -15.42 -7.95 22.21
CE MSE B 65 -16.26 -9.02 23.70
N VAL B 66 -20.86 -5.83 22.49
CA VAL B 66 -22.23 -5.98 22.07
C VAL B 66 -22.93 -4.61 21.96
N ASP B 67 -22.67 -3.71 22.91
CA ASP B 67 -23.26 -2.35 22.88
C ASP B 67 -22.75 -1.48 21.71
N ALA B 68 -21.53 -1.74 21.27
CA ALA B 68 -21.01 -1.09 20.06
C ALA B 68 -21.44 -1.76 18.75
N GLY B 69 -22.25 -2.82 18.81
CA GLY B 69 -22.70 -3.53 17.60
C GLY B 69 -21.71 -4.52 17.03
N VAL B 70 -20.70 -4.91 17.80
CA VAL B 70 -19.82 -6.04 17.45
C VAL B 70 -20.46 -7.37 17.91
N VAL B 71 -20.38 -8.41 17.06
CA VAL B 71 -20.71 -9.79 17.43
C VAL B 71 -19.49 -10.49 18.05
N PRO B 72 -19.48 -10.67 19.38
CA PRO B 72 -18.45 -11.53 19.97
C PRO B 72 -18.79 -13.00 19.88
N VAL B 73 -17.77 -13.78 19.51
CA VAL B 73 -17.90 -15.20 19.33
C VAL B 73 -16.81 -15.83 20.15
N ALA B 74 -17.10 -16.94 20.84
CA ALA B 74 -16.10 -17.58 21.70
C ALA B 74 -15.51 -18.78 20.99
N TYR B 75 -14.19 -18.82 20.96
CA TYR B 75 -13.45 -20.02 20.56
C TYR B 75 -13.71 -21.16 21.56
N VAL B 76 -14.08 -22.32 21.03
CA VAL B 76 -14.19 -23.54 21.86
C VAL B 76 -13.52 -24.69 21.12
N ASN B 77 -12.49 -25.28 21.73
CA ASN B 77 -11.83 -26.48 21.17
C ASN B 77 -12.58 -27.74 21.65
N ILE B 78 -13.32 -28.37 20.73
CA ILE B 78 -14.20 -29.52 21.03
C ILE B 78 -13.58 -30.87 20.66
N GLY B 79 -12.36 -30.84 20.08
CA GLY B 79 -11.64 -32.00 19.63
C GLY B 79 -10.36 -32.32 20.35
N GLN B 80 -10.04 -31.48 21.33
CA GLN B 80 -8.85 -31.63 22.13
C GLN B 80 -9.06 -30.98 23.48
N ALA B 81 -8.42 -31.55 24.50
CA ALA B 81 -8.41 -30.95 25.82
C ALA B 81 -7.16 -30.02 25.93
N GLU B 82 -7.31 -28.88 26.59
CA GLU B 82 -6.27 -27.90 26.77
C GLU B 82 -5.88 -27.84 28.27
N ASP B 83 -4.59 -27.99 28.55
CA ASP B 83 -4.13 -28.25 29.93
C ASP B 83 -4.22 -27.06 30.90
N TYR B 84 -4.71 -25.90 30.44
CA TYR B 84 -4.85 -24.70 31.28
C TYR B 84 -6.34 -24.31 31.44
N ARG B 85 -7.28 -25.14 30.95
CA ARG B 85 -8.71 -24.86 31.16
C ARG B 85 -9.21 -25.25 32.55
N PHE B 86 -10.30 -24.59 32.96
CA PHE B 86 -11.01 -24.87 34.21
C PHE B 86 -11.32 -26.35 34.42
N TYR B 87 -11.56 -27.07 33.33
CA TYR B 87 -11.94 -28.49 33.41
C TYR B 87 -10.76 -29.47 33.62
N TRP B 88 -9.54 -29.00 33.42
CA TRP B 88 -8.40 -29.92 33.50
C TRP B 88 -8.13 -30.40 34.94
N LYS B 89 -8.00 -31.70 35.15
CA LYS B 89 -7.73 -32.27 36.46
C LYS B 89 -6.27 -32.66 36.50
N GLU B 90 -5.62 -32.46 37.63
CA GLU B 90 -4.23 -32.86 37.78
C GLU B 90 -4.11 -34.38 38.00
N SER B 91 -5.13 -35.01 38.57
CA SER B 91 -5.37 -36.45 38.42
C SER B 91 -4.92 -37.03 37.09
N TRP B 92 -5.27 -36.34 36.00
CA TRP B 92 -5.11 -36.85 34.62
C TRP B 92 -3.69 -37.17 34.20
N TYR B 93 -2.72 -36.58 34.88
CA TYR B 93 -1.31 -36.85 34.59
C TYR B 93 -0.89 -38.22 35.13
N THR B 94 -1.53 -38.65 36.22
CA THR B 94 -1.15 -39.87 36.90
C THR B 94 -2.14 -41.03 36.67
N ASN B 95 -3.44 -40.71 36.56
CA ASN B 95 -4.49 -41.64 36.17
C ASN B 95 -5.22 -41.04 34.95
N THR B 96 -4.85 -41.52 33.77
CA THR B 96 -5.27 -40.92 32.52
C THR B 96 -6.60 -41.53 32.08
N PRO B 97 -7.64 -40.69 31.82
CA PRO B 97 -8.90 -41.23 31.35
C PRO B 97 -8.80 -41.92 30.00
N GLU B 98 -9.68 -42.87 29.74
CA GLU B 98 -9.67 -43.60 28.46
C GLU B 98 -9.80 -42.68 27.24
N TRP B 99 -10.59 -41.62 27.39
CA TRP B 99 -10.85 -40.70 26.30
C TRP B 99 -9.79 -39.60 26.13
N LEU B 100 -8.83 -39.50 27.05
CA LEU B 100 -7.79 -38.49 26.96
C LEU B 100 -6.57 -39.07 26.21
N GLY B 101 -6.29 -38.54 25.02
CA GLY B 101 -5.26 -39.08 24.13
C GLY B 101 -3.96 -38.31 24.18
N GLU B 102 -3.06 -38.63 23.25
CA GLU B 102 -1.71 -38.08 23.29
C GLU B 102 -1.69 -36.58 23.02
N GLU B 103 -0.60 -35.96 23.47
CA GLU B 103 -0.38 -34.54 23.26
C GLU B 103 -0.14 -34.25 21.76
N ASP B 104 -0.75 -33.17 21.29
CA ASP B 104 -0.51 -32.67 19.95
C ASP B 104 0.91 -32.09 19.86
N PRO B 105 1.76 -32.68 18.98
CA PRO B 105 3.13 -32.16 18.83
C PRO B 105 3.23 -30.75 18.18
N ALA B 106 2.22 -30.40 17.38
CA ALA B 106 2.12 -29.08 16.81
C ALA B 106 1.58 -28.03 17.81
N TRP B 107 0.97 -28.49 18.89
CA TRP B 107 0.35 -27.60 19.86
C TRP B 107 0.57 -28.16 21.26
N PRO B 108 1.76 -27.96 21.82
CA PRO B 108 2.06 -28.40 23.18
C PRO B 108 0.98 -27.92 24.13
N GLY B 109 0.49 -28.79 25.01
CA GLY B 109 -0.55 -28.43 25.95
C GLY B 109 -1.95 -28.84 25.52
N ASN B 110 -2.13 -29.11 24.22
CA ASN B 110 -3.34 -29.69 23.67
C ASN B 110 -3.22 -31.21 23.57
N TYR B 111 -4.31 -31.91 23.87
CA TYR B 111 -4.30 -33.38 23.83
C TYR B 111 -5.49 -33.92 23.05
N PHE B 112 -5.28 -34.89 22.15
CA PHE B 112 -6.41 -35.36 21.36
C PHE B 112 -7.36 -36.08 22.30
N VAL B 113 -8.67 -35.91 22.08
CA VAL B 113 -9.68 -36.59 22.90
C VAL B 113 -10.63 -37.45 22.08
N LYS B 114 -10.99 -38.62 22.62
CA LYS B 114 -12.08 -39.44 22.10
C LYS B 114 -13.36 -38.69 22.48
N TYR B 115 -13.82 -37.87 21.53
CA TYR B 115 -14.82 -36.80 21.77
C TYR B 115 -16.27 -37.31 21.82
N TRP B 116 -16.44 -38.59 21.51
CA TRP B 116 -17.71 -39.22 21.52
C TRP B 116 -18.03 -39.77 22.91
N TYR B 117 -17.05 -39.75 23.83
CA TYR B 117 -17.27 -40.18 25.20
C TYR B 117 -18.07 -39.13 25.99
N ASN B 118 -18.99 -39.63 26.77
CA ASN B 118 -19.87 -38.81 27.64
C ASN B 118 -19.14 -37.78 28.46
N GLU B 119 -18.03 -38.17 29.08
CA GLU B 119 -17.29 -37.27 29.97
C GLU B 119 -16.78 -36.04 29.26
N TRP B 120 -16.28 -36.22 28.05
CA TRP B 120 -15.80 -35.10 27.27
C TRP B 120 -16.95 -34.21 26.79
N LYS B 121 -18.01 -34.82 26.29
CA LYS B 121 -19.16 -34.06 25.82
C LYS B 121 -19.69 -33.15 26.96
N GLU B 122 -19.77 -33.77 28.13
CA GLU B 122 -20.22 -33.06 29.34
C GLU B 122 -19.25 -31.91 29.77
N ILE B 123 -17.94 -32.14 29.62
CA ILE B 123 -16.97 -31.06 29.82
C ILE B 123 -17.33 -29.87 28.92
N VAL B 124 -17.59 -30.19 27.65
CA VAL B 124 -17.80 -29.18 26.65
C VAL B 124 -19.13 -28.47 26.86
N PHE B 125 -20.18 -29.23 27.24
CA PHE B 125 -21.45 -28.61 27.57
C PHE B 125 -21.30 -27.63 28.74
N SER B 126 -20.52 -28.02 29.77
CA SER B 126 -20.25 -27.12 30.94
C SER B 126 -19.46 -25.84 30.55
N TYR B 127 -18.54 -25.99 29.59
CA TYR B 127 -17.86 -24.90 28.92
C TYR B 127 -18.87 -24.03 28.18
N LEU B 128 -19.74 -24.64 27.37
CA LEU B 128 -20.80 -23.87 26.70
C LEU B 128 -21.72 -23.15 27.68
N ASP B 129 -21.97 -23.81 28.82
CA ASP B 129 -22.77 -23.21 29.90
C ASP B 129 -22.21 -21.82 30.24
N ARG B 130 -20.90 -21.76 30.42
CA ARG B 130 -20.23 -20.49 30.84
C ARG B 130 -20.26 -19.42 29.77
N VAL B 131 -20.06 -19.89 28.55
CA VAL B 131 -20.03 -19.08 27.35
C VAL B 131 -21.38 -18.34 27.10
N ILE B 132 -22.47 -19.08 27.25
CA ILE B 132 -23.81 -18.51 27.14
C ILE B 132 -23.99 -17.45 28.22
N ASP B 133 -23.65 -17.79 29.46
CA ASP B 133 -23.86 -16.89 30.58
C ASP B 133 -23.01 -15.61 30.49
N GLN B 134 -21.93 -15.62 29.72
CA GLN B 134 -21.19 -14.37 29.56
C GLN B 134 -21.71 -13.45 28.44
N GLY B 135 -22.71 -13.92 27.68
CA GLY B 135 -23.36 -13.10 26.64
C GLY B 135 -22.77 -13.26 25.24
N PHE B 136 -22.03 -14.34 25.00
CA PHE B 136 -21.49 -14.58 23.67
C PHE B 136 -22.61 -14.86 22.65
N LYS B 137 -22.42 -14.35 21.43
CA LYS B 137 -23.41 -14.37 20.37
C LYS B 137 -23.13 -15.48 19.35
N GLY B 138 -22.00 -16.17 19.50
CA GLY B 138 -21.64 -17.23 18.61
C GLY B 138 -20.60 -18.10 19.27
N ILE B 139 -20.42 -19.31 18.74
CA ILE B 139 -19.35 -20.22 19.16
C ILE B 139 -18.57 -20.63 17.94
N TYR B 140 -17.28 -20.80 18.10
CA TYR B 140 -16.33 -21.09 17.03
C TYR B 140 -15.66 -22.40 17.38
N LEU B 141 -16.07 -23.47 16.69
CA LEU B 141 -15.70 -24.84 17.10
C LEU B 141 -14.41 -25.37 16.44
N ASP B 142 -13.34 -25.45 17.22
CA ASP B 142 -12.03 -25.92 16.71
C ASP B 142 -11.87 -27.44 16.86
N ARG B 143 -11.00 -28.01 16.02
CA ARG B 143 -10.61 -29.43 15.99
C ARG B 143 -11.72 -30.43 15.70
N ILE B 144 -12.64 -29.97 14.84
CA ILE B 144 -13.51 -30.83 14.07
C ILE B 144 -12.69 -31.97 13.39
N ASP B 145 -11.49 -31.61 12.93
CA ASP B 145 -10.57 -32.55 12.30
C ASP B 145 -9.98 -33.66 13.18
N SER B 146 -10.34 -33.69 14.45
CA SER B 146 -10.02 -34.82 15.31
C SER B 146 -10.66 -36.15 14.80
N PHE B 147 -11.71 -36.06 14.01
CA PHE B 147 -12.26 -37.26 13.37
C PHE B 147 -11.22 -37.93 12.51
N GLU B 148 -10.35 -37.14 11.88
CA GLU B 148 -9.31 -37.68 11.02
C GLU B 148 -8.17 -38.24 11.83
N TYR B 149 -7.91 -37.62 12.98
CA TYR B 149 -6.86 -38.10 13.85
C TYR B 149 -7.21 -39.54 14.29
N TRP B 150 -8.38 -39.75 14.89
CA TRP B 150 -8.72 -41.10 15.39
C TRP B 150 -8.89 -42.16 14.27
N ALA B 151 -9.35 -41.74 13.12
CA ALA B 151 -9.48 -42.64 12.00
C ALA B 151 -8.09 -43.10 11.62
N GLN B 152 -7.16 -42.15 11.50
CA GLN B 152 -5.79 -42.45 11.08
C GLN B 152 -5.05 -43.25 12.15
N GLU B 153 -5.50 -43.19 13.39
CA GLU B 153 -5.03 -44.11 14.46
C GLU B 153 -5.58 -45.54 14.39
N GLY B 154 -6.63 -45.77 13.61
CA GLY B 154 -7.23 -47.11 13.46
C GLY B 154 -8.11 -47.53 14.61
N VAL B 155 -8.33 -46.58 15.51
CA VAL B 155 -9.14 -46.75 16.70
C VAL B 155 -10.64 -46.93 16.34
N ILE B 156 -11.02 -46.42 15.17
CA ILE B 156 -12.41 -46.28 14.83
C ILE B 156 -12.46 -46.08 13.32
N SER B 157 -13.52 -46.54 12.65
CA SER B 157 -13.61 -46.37 11.21
C SER B 157 -13.77 -44.88 10.91
N ARG B 158 -13.36 -44.44 9.72
CA ARG B 158 -13.42 -43.03 9.38
C ARG B 158 -14.86 -42.49 9.38
N ARG B 159 -15.77 -43.31 8.84
CA ARG B 159 -17.18 -43.01 8.88
C ARG B 159 -17.76 -42.93 10.30
N SER B 160 -17.39 -43.88 11.15
CA SER B 160 -17.83 -43.83 12.55
C SER B 160 -17.32 -42.54 13.22
N ALA B 161 -16.06 -42.22 12.97
CA ALA B 161 -15.50 -40.98 13.54
C ALA B 161 -16.15 -39.73 13.01
N ALA B 162 -16.31 -39.68 11.70
CA ALA B 162 -17.01 -38.54 11.10
C ALA B 162 -18.42 -38.39 11.71
N ARG B 163 -19.20 -39.48 11.72
CA ARG B 163 -20.58 -39.43 12.18
C ARG B 163 -20.65 -39.01 13.62
N LYS B 164 -19.67 -39.43 14.43
CA LYS B 164 -19.61 -39.09 15.85
C LYS B 164 -19.36 -37.59 16.10
N MSE B 165 -18.51 -36.99 15.25
CA MSE B 165 -18.17 -35.59 15.38
C MSE B 165 -19.36 -34.77 14.89
O MSE B 165 -19.76 -33.79 15.52
CB MSE B 165 -16.90 -35.26 14.60
CG MSE B 165 -16.59 -33.75 14.48
SE MSE B 165 -16.13 -32.92 16.22
SE MSE B 165 -16.47 -32.99 16.25
CE MSE B 165 -17.61 -32.78 16.95
CE MSE B 165 -14.58 -33.69 16.75
N ILE B 166 -19.95 -35.17 13.77
CA ILE B 166 -21.18 -34.50 13.29
C ILE B 166 -22.29 -34.49 14.35
N ASN B 167 -22.56 -35.66 14.93
CA ASN B 167 -23.60 -35.79 15.93
C ASN B 167 -23.30 -34.94 17.15
N PHE B 168 -22.02 -34.87 17.51
CA PHE B 168 -21.58 -34.02 18.65
C PHE B 168 -21.82 -32.54 18.36
N VAL B 169 -21.46 -32.09 17.18
CA VAL B 169 -21.77 -30.70 16.80
C VAL B 169 -23.27 -30.45 16.78
N LEU B 170 -24.04 -31.42 16.29
CA LEU B 170 -25.52 -31.30 16.33
C LEU B 170 -26.05 -31.18 17.75
N GLU B 171 -25.45 -31.93 18.69
CA GLU B 171 -25.85 -31.84 20.09
C GLU B 171 -25.46 -30.54 20.73
N ILE B 172 -24.26 -30.07 20.40
CA ILE B 172 -23.80 -28.75 20.79
C ILE B 172 -24.80 -27.69 20.37
N ALA B 173 -25.30 -27.81 19.14
CA ALA B 173 -26.26 -26.84 18.58
C ALA B 173 -27.57 -26.88 19.34
N GLU B 174 -28.07 -28.09 19.57
CA GLU B 174 -29.25 -28.23 20.39
C GLU B 174 -29.06 -27.60 21.79
N TYR B 175 -27.96 -27.93 22.44
CA TYR B 175 -27.67 -27.38 23.79
C TYR B 175 -27.68 -25.85 23.82
N VAL B 176 -26.96 -25.21 22.90
CA VAL B 176 -26.84 -23.77 22.97
C VAL B 176 -28.09 -23.05 22.54
N ARG B 177 -28.76 -23.56 21.51
CA ARG B 177 -29.95 -22.87 20.95
C ARG B 177 -31.24 -23.08 21.71
N GLU B 178 -31.30 -24.11 22.54
CA GLU B 178 -32.31 -24.24 23.59
C GLU B 178 -32.28 -22.97 24.46
N ARG B 179 -31.08 -22.45 24.73
CA ARG B 179 -30.90 -21.29 25.59
C ARG B 179 -30.77 -19.96 24.88
N LYS B 180 -30.13 -19.95 23.72
CA LYS B 180 -30.02 -18.79 22.90
C LYS B 180 -30.29 -19.26 21.47
N PRO B 181 -31.55 -19.15 21.02
CA PRO B 181 -31.98 -19.66 19.73
C PRO B 181 -31.22 -19.12 18.54
N ASP B 182 -30.75 -17.89 18.61
CA ASP B 182 -29.98 -17.28 17.51
C ASP B 182 -28.47 -17.46 17.60
N MSE B 183 -28.00 -18.29 18.52
CA MSE B 183 -26.57 -18.48 18.66
C MSE B 183 -25.91 -18.82 17.33
O MSE B 183 -26.35 -19.76 16.66
CB MSE B 183 -26.27 -19.62 19.64
CG MSE B 183 -24.79 -19.76 20.00
SE MSE B 183 -24.25 -18.35 21.19
CE MSE B 183 -24.09 -19.54 22.76
N LEU B 184 -24.87 -18.08 16.94
CA LEU B 184 -24.11 -18.43 15.75
C LEU B 184 -23.23 -19.65 16.04
N ILE B 185 -23.11 -20.55 15.07
CA ILE B 185 -22.29 -21.74 15.24
C ILE B 185 -21.31 -21.86 14.10
N ILE B 186 -20.01 -21.77 14.41
CA ILE B 186 -18.98 -21.68 13.35
C ILE B 186 -17.89 -22.72 13.58
N PRO B 187 -17.95 -23.82 12.82
CA PRO B 187 -16.81 -24.76 12.91
C PRO B 187 -15.56 -24.20 12.23
N GLN B 188 -14.38 -24.58 12.73
CA GLN B 188 -13.11 -24.22 12.10
C GLN B 188 -12.43 -25.45 11.48
N ASN B 189 -12.21 -25.39 10.16
CA ASN B 189 -11.56 -26.47 9.42
C ASN B 189 -12.44 -27.75 9.48
N GLY B 190 -11.88 -28.88 9.05
CA GLY B 190 -12.59 -30.14 9.02
C GLY B 190 -13.78 -30.16 8.07
N GLU B 191 -13.75 -29.30 7.05
CA GLU B 191 -14.94 -29.08 6.20
C GLU B 191 -15.28 -30.28 5.31
N ASN B 192 -14.27 -31.10 5.04
CA ASN B 192 -14.44 -32.38 4.35
C ASN B 192 -15.30 -33.38 5.10
N ILE B 193 -15.57 -33.10 6.36
CA ILE B 193 -16.47 -33.93 7.15
C ILE B 193 -17.87 -33.94 6.52
N LEU B 194 -18.16 -32.94 5.69
CA LEU B 194 -19.46 -32.82 5.02
C LEU B 194 -19.72 -33.93 4.01
N ASP B 195 -18.68 -34.66 3.62
CA ASP B 195 -18.79 -35.91 2.88
C ASP B 195 -19.70 -36.91 3.54
N PHE B 196 -19.79 -36.85 4.86
CA PHE B 196 -20.61 -37.76 5.65
C PHE B 196 -21.89 -37.09 6.12
N ASP B 197 -22.14 -35.86 5.71
CA ASP B 197 -23.28 -35.12 6.22
C ASP B 197 -24.51 -35.47 5.39
N ASP B 198 -25.66 -35.55 6.02
CA ASP B 198 -26.90 -35.82 5.30
C ASP B 198 -27.67 -34.57 4.88
N GLY B 199 -27.07 -33.41 5.13
CA GLY B 199 -27.71 -32.10 4.97
C GLY B 199 -27.87 -31.36 6.31
N GLN B 200 -28.03 -32.09 7.39
CA GLN B 200 -28.37 -31.47 8.68
C GLN B 200 -27.28 -30.57 9.25
N LEU B 201 -26.00 -30.96 9.11
CA LEU B 201 -24.93 -30.16 9.66
C LEU B 201 -24.84 -28.83 8.90
N ALA B 202 -24.73 -28.94 7.59
CA ALA B 202 -24.81 -27.81 6.70
C ALA B 202 -25.94 -26.86 7.05
N SER B 203 -27.15 -27.36 7.26
CA SER B 203 -28.28 -26.46 7.58
C SER B 203 -28.20 -25.81 8.98
N THR B 204 -27.53 -26.50 9.90
CA THR B 204 -27.49 -26.08 11.31
C THR B 204 -26.38 -25.02 11.60
N VAL B 205 -25.24 -25.14 10.95
CA VAL B 205 -24.20 -24.15 11.10
C VAL B 205 -24.68 -22.80 10.56
N SER B 206 -24.08 -21.74 11.10
CA SER B 206 -24.33 -20.33 10.66
C SER B 206 -23.25 -19.95 9.65
N GLY B 207 -22.09 -20.59 9.75
CA GLY B 207 -21.00 -20.40 8.86
C GLY B 207 -19.92 -21.42 9.10
N TRP B 208 -18.81 -21.23 8.41
CA TRP B 208 -17.65 -22.11 8.52
C TRP B 208 -16.39 -21.28 8.43
N ALA B 209 -15.39 -21.64 9.23
CA ALA B 209 -14.11 -20.92 9.22
C ALA B 209 -12.96 -21.84 8.79
N VAL B 210 -11.97 -21.28 8.07
CA VAL B 210 -10.83 -22.06 7.60
C VAL B 210 -9.54 -21.28 7.76
N GLU B 211 -8.51 -22.01 8.20
CA GLU B 211 -7.14 -21.52 8.25
C GLU B 211 -6.33 -22.15 7.11
N ASN B 212 -5.44 -21.36 6.51
CA ASN B 212 -4.53 -21.81 5.46
C ASN B 212 -5.25 -22.28 4.20
N LEU B 213 -5.99 -21.38 3.59
CA LEU B 213 -6.76 -21.68 2.40
C LEU B 213 -5.98 -21.38 1.12
N PHE B 214 -5.36 -20.19 1.11
CA PHE B 214 -4.53 -19.77 -0.01
C PHE B 214 -3.06 -19.72 0.33
N TYR B 215 -2.73 -19.53 1.60
CA TYR B 215 -1.34 -19.54 2.04
C TYR B 215 -1.15 -20.39 3.29
N LEU B 216 0.00 -21.06 3.37
CA LEU B 216 0.45 -21.69 4.61
C LEU B 216 1.54 -20.78 5.10
N LYS B 217 1.19 -19.99 6.13
CA LYS B 217 1.96 -18.81 6.53
C LYS B 217 2.23 -17.90 5.31
N THR B 218 3.48 -17.62 4.98
CA THR B 218 3.75 -16.72 3.86
C THR B 218 3.80 -17.43 2.50
N ILE B 219 3.66 -18.76 2.49
CA ILE B 219 3.90 -19.51 1.26
C ILE B 219 2.56 -19.78 0.59
N PRO B 220 2.43 -19.46 -0.72
CA PRO B 220 1.17 -19.74 -1.39
C PRO B 220 0.96 -21.23 -1.55
N LEU B 221 -0.26 -21.68 -1.33
CA LEU B 221 -0.62 -23.09 -1.51
C LEU B 221 -0.81 -23.49 -2.97
N GLU B 222 -0.64 -24.78 -3.25
CA GLU B 222 -0.81 -25.31 -4.62
C GLU B 222 -2.28 -25.15 -4.92
N GLU B 223 -2.63 -24.83 -6.17
CA GLU B 223 -4.01 -24.39 -6.45
C GLU B 223 -5.09 -25.47 -6.37
N ASN B 224 -4.77 -26.70 -6.74
CA ASN B 224 -5.75 -27.79 -6.61
C ASN B 224 -6.13 -28.08 -5.16
N GLU B 225 -5.17 -27.93 -4.25
CA GLU B 225 -5.43 -27.98 -2.79
C GLU B 225 -6.49 -26.96 -2.38
N THR B 226 -6.24 -25.69 -2.72
CA THR B 226 -7.16 -24.60 -2.44
C THR B 226 -8.55 -24.86 -3.08
N LYS B 227 -8.53 -25.29 -4.34
CA LYS B 227 -9.75 -25.67 -5.06
C LYS B 227 -10.60 -26.71 -4.34
N SER B 228 -9.98 -27.77 -3.82
CA SER B 228 -10.73 -28.84 -3.16
C SER B 228 -11.46 -28.39 -1.89
N ARG B 229 -10.80 -27.54 -1.11
CA ARG B 229 -11.39 -26.96 0.08
C ARG B 229 -12.52 -26.03 -0.28
N LEU B 230 -12.32 -25.24 -1.32
CA LEU B 230 -13.33 -24.29 -1.75
C LEU B 230 -14.61 -24.96 -2.26
N GLU B 231 -14.53 -26.18 -2.82
CA GLU B 231 -15.73 -26.86 -3.30
C GLU B 231 -16.76 -27.01 -2.16
N TYR B 232 -16.25 -27.30 -0.96
CA TYR B 232 -17.07 -27.34 0.26
C TYR B 232 -17.56 -25.97 0.69
N LEU B 233 -16.65 -24.99 0.73
CA LEU B 233 -16.96 -23.65 1.29
C LEU B 233 -17.95 -22.87 0.41
N ILE B 234 -17.82 -23.02 -0.91
CA ILE B 234 -18.67 -22.31 -1.87
C ILE B 234 -20.10 -22.86 -1.86
N ARG B 235 -20.22 -24.16 -1.70
CA ARG B 235 -21.53 -24.81 -1.52
C ARG B 235 -22.25 -24.27 -0.29
N LEU B 236 -21.53 -24.15 0.81
CA LEU B 236 -22.07 -23.57 2.01
C LEU B 236 -22.48 -22.13 1.81
N ASN B 237 -21.65 -21.37 1.09
CA ASN B 237 -21.91 -19.97 0.84
C ASN B 237 -23.21 -19.74 0.03
N ARG B 238 -23.42 -20.56 -0.99
CA ARG B 238 -24.63 -20.46 -1.81
C ARG B 238 -25.87 -20.87 -1.05
N LYS B 239 -25.70 -21.60 0.06
CA LYS B 239 -26.79 -21.93 0.97
C LYS B 239 -26.94 -20.92 2.10
N GLY B 240 -26.23 -19.78 2.06
CA GLY B 240 -26.42 -18.66 3.00
C GLY B 240 -25.61 -18.72 4.27
N LYS B 241 -24.55 -19.51 4.23
CA LYS B 241 -23.62 -19.69 5.35
C LYS B 241 -22.36 -18.89 5.01
N PHE B 242 -21.97 -17.99 5.91
CA PHE B 242 -20.83 -17.15 5.66
C PHE B 242 -19.58 -17.96 5.89
N ILE B 243 -18.53 -17.56 5.18
CA ILE B 243 -17.22 -18.17 5.34
C ILE B 243 -16.19 -17.15 5.85
N LEU B 244 -15.57 -17.53 6.97
CA LEU B 244 -14.47 -16.80 7.57
C LEU B 244 -13.11 -17.44 7.25
N SER B 245 -12.24 -16.64 6.66
CA SER B 245 -10.90 -17.06 6.27
C SER B 245 -9.86 -16.30 7.09
N VAL B 246 -8.95 -17.06 7.68
CA VAL B 246 -7.73 -16.50 8.26
C VAL B 246 -6.53 -17.26 7.66
N ASP B 247 -5.67 -16.53 6.94
CA ASP B 247 -4.38 -17.05 6.54
C ASP B 247 -3.32 -16.22 7.27
N TYR B 248 -2.23 -16.88 7.64
CA TYR B 248 -1.23 -16.28 8.53
C TYR B 248 -0.10 -15.69 7.70
N VAL B 249 -0.48 -14.78 6.81
CA VAL B 249 0.43 -14.22 5.81
C VAL B 249 1.20 -13.00 6.28
N ASP B 250 0.81 -12.40 7.41
CA ASP B 250 1.44 -11.15 7.79
C ASP B 250 2.76 -11.44 8.52
N ASP B 251 3.90 -11.15 7.88
CA ASP B 251 5.20 -11.36 8.54
C ASP B 251 5.58 -10.25 9.51
N GLY B 252 4.72 -9.26 9.68
CA GLY B 252 4.92 -8.24 10.67
C GLY B 252 5.58 -6.99 10.13
N SER B 253 6.20 -7.10 8.95
CA SER B 253 6.87 -5.99 8.27
C SER B 253 5.91 -5.10 7.50
N ASP B 254 6.46 -4.01 6.98
CA ASP B 254 5.77 -3.10 6.11
C ASP B 254 6.45 -3.12 4.75
N SER B 255 7.11 -4.24 4.43
CA SER B 255 7.77 -4.43 3.16
C SER B 255 6.76 -4.43 2.01
N PHE B 256 7.23 -4.16 0.81
CA PHE B 256 6.39 -4.29 -0.37
C PHE B 256 5.89 -5.72 -0.52
N GLU B 257 6.77 -6.68 -0.26
CA GLU B 257 6.48 -8.09 -0.46
C GLU B 257 5.46 -8.63 0.55
N ASN B 258 5.56 -8.20 1.80
CA ASN B 258 4.61 -8.60 2.83
C ASN B 258 3.25 -8.05 2.52
N ILE B 259 3.15 -6.74 2.28
CA ILE B 259 1.85 -6.11 2.07
C ILE B 259 1.22 -6.54 0.72
N SER B 260 2.04 -6.75 -0.31
CA SER B 260 1.54 -7.30 -1.59
C SER B 260 0.90 -8.69 -1.44
N ARG B 261 1.49 -9.51 -0.56
CA ARG B 261 0.96 -10.82 -0.23
C ARG B 261 -0.35 -10.70 0.54
N ILE B 262 -0.42 -9.76 1.46
CA ILE B 262 -1.68 -9.54 2.20
C ILE B 262 -2.79 -9.17 1.23
N LEU B 263 -2.48 -8.25 0.31
CA LEU B 263 -3.44 -7.81 -0.70
C LEU B 263 -3.90 -8.92 -1.65
N ASP B 264 -2.97 -9.74 -2.11
CA ASP B 264 -3.29 -10.90 -2.94
C ASP B 264 -4.13 -11.96 -2.21
N TYR B 265 -3.86 -12.16 -0.92
CA TYR B 265 -4.70 -12.99 -0.07
C TYR B 265 -6.13 -12.42 0.03
N TYR B 266 -6.24 -11.13 0.35
CA TYR B 266 -7.54 -10.45 0.43
C TYR B 266 -8.35 -10.61 -0.87
N GLU B 267 -7.69 -10.36 -2.00
CA GLU B 267 -8.32 -10.45 -3.31
C GLU B 267 -8.79 -11.87 -3.63
N LYS B 268 -7.96 -12.86 -3.34
CA LYS B 268 -8.29 -14.26 -3.54
C LYS B 268 -9.47 -14.72 -2.67
N ALA B 269 -9.50 -14.24 -1.44
CA ALA B 269 -10.59 -14.59 -0.52
C ALA B 269 -11.94 -13.96 -0.94
N LYS B 270 -11.95 -12.67 -1.25
CA LYS B 270 -13.19 -11.94 -1.54
C LYS B 270 -13.78 -12.36 -2.88
N ARG B 271 -12.89 -12.75 -3.79
CA ARG B 271 -13.26 -13.32 -5.08
C ARG B 271 -13.92 -14.70 -4.95
N ASN B 272 -13.65 -15.41 -3.86
CA ASN B 272 -14.19 -16.73 -3.63
C ASN B 272 -15.25 -16.80 -2.50
N GLY B 273 -15.86 -15.66 -2.16
CA GLY B 273 -16.92 -15.62 -1.16
C GLY B 273 -16.50 -15.75 0.29
N CYS B 274 -15.24 -15.39 0.58
CA CYS B 274 -14.66 -15.57 1.90
C CYS B 274 -14.23 -14.20 2.45
N ILE B 275 -14.46 -14.04 3.75
CA ILE B 275 -14.18 -12.80 4.47
C ILE B 275 -12.79 -13.00 5.09
N PRO B 276 -11.78 -12.27 4.58
CA PRO B 276 -10.39 -12.47 5.02
C PRO B 276 -10.03 -11.78 6.33
N TYR B 277 -9.12 -12.41 7.05
CA TYR B 277 -8.37 -11.79 8.14
C TYR B 277 -6.93 -12.28 8.02
N ALA B 278 -6.03 -11.36 7.74
CA ALA B 278 -4.63 -11.67 7.61
C ALA B 278 -4.02 -11.57 9.00
N ALA B 279 -3.57 -12.73 9.50
CA ALA B 279 -2.95 -12.83 10.80
C ALA B 279 -1.44 -12.95 10.68
N ARG B 280 -0.78 -12.73 11.81
CA ARG B 280 0.65 -12.84 11.90
C ARG B 280 1.16 -14.27 11.83
N SER B 281 2.25 -14.45 11.09
CA SER B 281 2.78 -15.75 10.73
C SER B 281 3.38 -16.52 11.89
N ASP B 282 3.47 -15.91 13.07
CA ASP B 282 3.89 -16.63 14.27
C ASP B 282 2.73 -17.41 14.87
N LEU B 283 1.53 -17.27 14.30
CA LEU B 283 0.31 -18.02 14.68
C LEU B 283 -0.23 -17.70 16.09
N GLU B 284 0.34 -16.72 16.78
CA GLU B 284 0.00 -16.50 18.17
C GLU B 284 -1.36 -15.86 18.37
N LEU B 285 -1.88 -15.17 17.35
CA LEU B 285 -3.20 -14.48 17.44
C LEU B 285 -3.26 -13.64 18.72
N ASP B 286 -2.27 -12.76 18.77
CA ASP B 286 -1.66 -12.11 19.92
C ASP B 286 -2.18 -10.71 20.14
N GLU B 287 -2.50 -10.06 19.03
CA GLU B 287 -2.97 -8.70 19.03
C GLU B 287 -3.98 -8.56 17.92
N MSE B 288 -4.71 -7.46 17.98
CA MSE B 288 -5.67 -7.10 16.96
C MSE B 288 -4.83 -6.63 15.76
O MSE B 288 -4.21 -5.58 15.82
CB MSE B 288 -6.56 -6.00 17.51
CG MSE B 288 -7.73 -5.62 16.63
SE MSE B 288 -8.91 -4.35 17.55
CE MSE B 288 -7.89 -2.75 17.28
N ASN B 289 -4.77 -7.43 14.69
CA ASN B 289 -3.90 -7.11 13.56
C ASN B 289 -4.55 -6.06 12.66
N VAL B 290 -4.11 -4.82 12.82
CA VAL B 290 -4.61 -3.75 11.97
C VAL B 290 -3.53 -3.35 10.95
N ILE B 291 -3.98 -3.17 9.71
CA ILE B 291 -3.12 -2.90 8.60
C ILE B 291 -3.74 -1.67 7.92
N GLU B 292 -3.15 -0.51 8.20
CA GLU B 292 -3.69 0.74 7.76
C GLU B 292 -4.19 0.63 6.31
N GLY B 293 -5.41 1.07 6.07
CA GLY B 293 -6.00 1.09 4.73
C GLY B 293 -6.42 -0.27 4.17
N ILE B 294 -6.34 -1.32 4.99
CA ILE B 294 -6.62 -2.69 4.51
C ILE B 294 -7.47 -3.43 5.52
N GLN B 295 -6.97 -3.54 6.74
CA GLN B 295 -7.56 -4.38 7.77
C GLN B 295 -7.73 -3.54 9.05
N PRO B 296 -8.99 -3.22 9.44
CA PRO B 296 -10.24 -3.47 8.72
C PRO B 296 -10.37 -2.55 7.49
N PRO B 297 -11.33 -2.86 6.59
CA PRO B 297 -11.51 -2.04 5.37
C PRO B 297 -11.88 -0.57 5.56
N GLU B 298 -12.12 0.07 4.43
CA GLU B 298 -11.99 1.52 4.25
C GLU B 298 -13.29 2.32 4.45
N ALA B 299 -14.37 1.81 3.86
CA ALA B 299 -15.67 2.53 3.63
C ALA B 299 -16.08 2.44 2.15
N THR C 13 -31.42 -77.85 -1.82
CA THR C 13 -30.07 -78.03 -1.20
C THR C 13 -29.72 -79.51 -0.87
N GLU C 14 -29.43 -80.29 -1.92
CA GLU C 14 -28.43 -81.37 -1.84
C GLU C 14 -27.27 -81.04 -2.81
N GLY C 15 -27.52 -80.06 -3.68
CA GLY C 15 -26.51 -79.07 -4.02
C GLY C 15 -26.48 -78.09 -2.86
N TRP C 16 -25.73 -78.45 -1.82
CA TRP C 16 -25.42 -77.54 -0.72
C TRP C 16 -24.42 -76.53 -1.23
N PHE C 17 -24.37 -75.36 -0.62
CA PHE C 17 -23.30 -74.42 -0.90
C PHE C 17 -22.05 -74.84 -0.12
N MSE C 18 -21.03 -75.29 -0.82
CA MSE C 18 -19.80 -75.72 -0.19
C MSE C 18 -18.64 -75.28 -1.08
O MSE C 18 -18.16 -76.04 -1.90
CB MSE C 18 -19.81 -77.23 0.07
CG MSE C 18 -20.64 -77.68 1.33
SE MSE C 18 -20.94 -79.60 1.12
CE MSE C 18 -22.32 -79.85 1.99
CE MSE C 18 -19.55 -80.19 2.40
N PRO C 19 -18.24 -74.00 -0.96
CA PRO C 19 -17.25 -73.42 -1.86
C PRO C 19 -15.79 -73.82 -1.61
N PHE C 20 -15.48 -74.43 -0.45
CA PHE C 20 -14.16 -75.04 -0.21
C PHE C 20 -14.30 -76.55 -0.04
N ASP C 21 -13.21 -77.25 -0.36
CA ASP C 21 -13.15 -78.71 -0.28
C ASP C 21 -12.84 -79.15 1.13
N ASN C 22 -12.38 -78.21 1.97
CA ASN C 22 -11.93 -78.49 3.31
C ASN C 22 -11.65 -77.19 4.01
N TRP C 23 -11.25 -77.29 5.29
CA TRP C 23 -10.65 -76.19 6.03
C TRP C 23 -9.73 -76.67 7.18
N LEU C 24 -8.83 -75.81 7.61
CA LEU C 24 -7.96 -76.06 8.75
C LEU C 24 -8.29 -75.08 9.84
N TYR C 25 -8.35 -75.56 11.08
CA TYR C 25 -8.45 -74.73 12.27
C TYR C 25 -7.26 -75.05 13.15
N GLN C 26 -6.36 -74.09 13.34
CA GLN C 26 -5.13 -74.30 14.14
C GLN C 26 -4.71 -72.98 14.76
N LEU C 27 -4.88 -72.88 16.07
CA LEU C 27 -4.63 -71.64 16.82
C LEU C 27 -3.30 -71.58 17.56
N GLN C 28 -2.49 -72.63 17.43
CA GLN C 28 -1.14 -72.63 18.01
C GLN C 28 -0.19 -73.38 17.08
N ASN C 29 1.07 -72.95 17.08
CA ASN C 29 2.17 -73.55 16.31
C ASN C 29 2.00 -73.55 14.79
N ALA C 30 1.15 -72.68 14.27
CA ALA C 30 0.87 -72.63 12.85
C ALA C 30 2.06 -72.09 12.06
N ASP C 31 2.40 -72.83 11.02
CA ASP C 31 3.53 -72.62 10.12
C ASP C 31 2.90 -72.36 8.72
N PRO C 32 3.01 -71.11 8.19
CA PRO C 32 2.54 -70.77 6.83
C PRO C 32 3.10 -71.64 5.71
N VAL C 33 4.37 -72.03 5.83
CA VAL C 33 5.03 -72.84 4.80
C VAL C 33 4.33 -74.17 4.73
N GLU C 34 4.16 -74.80 5.90
CA GLU C 34 3.48 -76.10 6.02
C GLU C 34 2.02 -76.06 5.53
N ILE C 35 1.31 -74.98 5.82
CA ILE C 35 -0.08 -74.87 5.39
C ILE C 35 -0.18 -74.69 3.87
N SER C 36 0.71 -73.89 3.28
CA SER C 36 0.73 -73.67 1.82
C SER C 36 0.78 -74.96 0.95
N SER C 37 1.52 -75.95 1.41
CA SER C 37 1.68 -77.18 0.64
C SER C 37 0.77 -78.33 1.10
N SER C 38 -0.18 -78.02 1.98
CA SER C 38 -0.85 -79.05 2.77
C SER C 38 -2.03 -79.66 2.05
N GLY C 39 -2.70 -78.83 1.25
CA GLY C 39 -3.93 -79.19 0.58
C GLY C 39 -5.11 -78.49 1.20
N PHE C 40 -4.89 -77.83 2.32
CA PHE C 40 -5.94 -77.10 3.00
C PHE C 40 -6.19 -75.82 2.23
N GLU C 41 -7.47 -75.53 1.95
CA GLU C 41 -7.85 -74.40 1.09
C GLU C 41 -8.10 -73.09 1.85
N ILE C 42 -8.61 -73.19 3.07
CA ILE C 42 -8.79 -72.04 3.94
C ILE C 42 -8.27 -72.44 5.30
N ALA C 43 -7.53 -71.53 5.92
CA ALA C 43 -6.85 -71.80 7.18
C ALA C 43 -7.22 -70.75 8.20
N VAL C 44 -7.98 -71.16 9.22
CA VAL C 44 -8.32 -70.30 10.34
C VAL C 44 -7.23 -70.46 11.39
N ILE C 45 -6.47 -69.39 11.59
CA ILE C 45 -5.27 -69.44 12.43
C ILE C 45 -5.24 -68.23 13.32
N ASP C 46 -4.33 -68.23 14.27
CA ASP C 46 -4.17 -67.03 15.10
C ASP C 46 -3.41 -65.99 14.32
N TYR C 47 -3.54 -64.72 14.72
CA TYR C 47 -2.81 -63.62 14.10
C TYR C 47 -1.33 -63.63 14.55
N SER C 48 -1.02 -64.40 15.59
CA SER C 48 0.34 -64.53 16.16
C SER C 48 0.78 -65.98 16.36
N LYS C 49 2.09 -66.19 16.31
CA LYS C 49 2.74 -67.49 16.52
C LYS C 49 2.57 -68.09 17.91
N ASP C 50 2.43 -67.21 18.91
CA ASP C 50 2.26 -67.61 20.29
C ASP C 50 1.17 -66.86 21.01
N GLY C 51 0.31 -66.16 20.27
CA GLY C 51 -0.73 -65.30 20.85
C GLY C 51 -0.27 -63.92 21.30
N SER C 52 1.01 -63.77 21.62
CA SER C 52 1.56 -62.47 22.02
C SER C 52 1.85 -61.58 20.81
N GLU C 53 1.97 -60.29 21.11
CA GLU C 53 2.36 -59.24 20.17
C GLU C 53 3.65 -59.56 19.49
N SER C 54 4.62 -60.11 20.24
CA SER C 54 5.95 -60.39 19.72
C SER C 54 5.94 -61.44 18.62
N GLY C 55 5.03 -62.40 18.70
CA GLY C 55 4.91 -63.44 17.67
C GLY C 55 4.05 -63.06 16.46
N GLU C 56 3.63 -61.81 16.33
CA GLU C 56 2.76 -61.43 15.20
C GLU C 56 3.33 -61.87 13.83
N TYR C 57 2.52 -62.55 13.01
CA TYR C 57 2.94 -62.91 11.66
C TYR C 57 3.23 -61.65 10.85
N SER C 58 4.24 -61.71 10.00
CA SER C 58 4.57 -60.62 9.12
C SER C 58 3.71 -60.74 7.89
N PRO C 59 3.50 -59.61 7.17
CA PRO C 59 2.77 -59.68 5.89
C PRO C 59 3.36 -60.67 4.90
N GLU C 60 4.68 -60.86 4.94
CA GLU C 60 5.37 -61.77 4.06
C GLU C 60 5.00 -63.19 4.44
N GLU C 61 4.90 -63.46 5.74
CA GLU C 61 4.53 -64.78 6.22
C GLU C 61 3.13 -65.15 5.80
N ILE C 62 2.21 -64.19 5.90
CA ILE C 62 0.84 -64.42 5.47
C ILE C 62 0.78 -64.60 3.94
N LYS C 63 1.51 -63.79 3.20
CA LYS C 63 1.51 -63.84 1.73
C LYS C 63 1.97 -65.19 1.18
N ILE C 64 2.83 -65.91 1.91
CA ILE C 64 3.21 -67.27 1.54
C ILE C 64 1.97 -68.14 1.29
N MSE C 65 1.03 -68.09 2.23
CA MSE C 65 -0.25 -68.81 2.12
C MSE C 65 -1.12 -68.26 1.01
O MSE C 65 -1.66 -69.02 0.22
CB MSE C 65 -1.01 -68.78 3.45
CG MSE C 65 -0.34 -69.62 4.54
SE MSE C 65 -1.31 -69.53 6.18
CE MSE C 65 -0.73 -67.76 6.84
N VAL C 66 -1.21 -66.94 0.91
CA VAL C 66 -1.96 -66.34 -0.19
C VAL C 66 -1.38 -66.75 -1.55
N ASP C 67 -0.06 -66.73 -1.69
CA ASP C 67 0.61 -67.07 -2.95
C ASP C 67 0.41 -68.54 -3.38
N ALA C 68 0.20 -69.45 -2.43
CA ALA C 68 -0.11 -70.85 -2.75
C ALA C 68 -1.60 -71.08 -2.95
N GLY C 69 -2.42 -70.02 -2.87
CA GLY C 69 -3.85 -70.13 -3.11
C GLY C 69 -4.68 -70.46 -1.87
N VAL C 70 -4.06 -70.41 -0.69
CA VAL C 70 -4.75 -70.71 0.56
C VAL C 70 -5.32 -69.38 1.04
N VAL C 71 -6.53 -69.43 1.60
CA VAL C 71 -7.22 -68.28 2.16
C VAL C 71 -6.95 -68.23 3.68
N PRO C 72 -6.08 -67.31 4.13
CA PRO C 72 -5.82 -67.19 5.56
C PRO C 72 -6.85 -66.31 6.27
N VAL C 73 -7.38 -66.81 7.36
CA VAL C 73 -8.42 -66.16 8.13
C VAL C 73 -7.89 -66.08 9.58
N ALA C 74 -8.02 -64.91 10.22
CA ALA C 74 -7.53 -64.64 11.59
C ALA C 74 -8.65 -64.78 12.58
N TYR C 75 -8.40 -65.62 13.58
CA TYR C 75 -9.21 -65.74 14.78
C TYR C 75 -9.19 -64.42 15.58
N VAL C 76 -10.37 -63.90 15.95
CA VAL C 76 -10.45 -62.79 16.88
C VAL C 76 -11.58 -63.07 17.88
N ASN C 77 -11.24 -63.22 19.15
CA ASN C 77 -12.25 -63.35 20.21
C ASN C 77 -12.86 -61.96 20.55
N ILE C 78 -14.13 -61.75 20.19
CA ILE C 78 -14.77 -60.44 20.38
C ILE C 78 -15.70 -60.44 21.57
N GLY C 79 -15.80 -61.57 22.27
CA GLY C 79 -16.68 -61.67 23.44
C GLY C 79 -15.98 -61.86 24.76
N GLN C 80 -14.66 -61.92 24.71
CA GLN C 80 -13.81 -62.09 25.90
C GLN C 80 -12.46 -61.46 25.64
N ALA C 81 -11.85 -60.94 26.70
CA ALA C 81 -10.49 -60.47 26.72
C ALA C 81 -9.53 -61.66 27.05
N GLU C 82 -8.34 -61.64 26.46
CA GLU C 82 -7.33 -62.72 26.62
C GLU C 82 -6.10 -62.05 27.16
N ASP C 83 -5.55 -62.58 28.24
CA ASP C 83 -4.58 -61.82 29.01
C ASP C 83 -3.16 -61.87 28.48
N TYR C 84 -2.95 -62.62 27.40
CA TYR C 84 -1.66 -62.70 26.73
C TYR C 84 -1.61 -61.82 25.46
N ARG C 85 -2.71 -61.13 25.13
CA ARG C 85 -2.75 -60.32 23.94
C ARG C 85 -2.14 -58.96 24.18
N PHE C 86 -1.77 -58.33 23.05
CA PHE C 86 -1.07 -57.04 23.03
C PHE C 86 -1.81 -55.98 23.85
N TYR C 87 -3.14 -56.08 23.88
CA TYR C 87 -3.99 -55.10 24.55
C TYR C 87 -4.16 -55.23 26.07
N TRP C 88 -3.69 -56.33 26.66
CA TRP C 88 -3.91 -56.58 28.06
C TRP C 88 -3.03 -55.67 28.95
N LYS C 89 -3.70 -54.93 29.81
CA LYS C 89 -2.99 -54.14 30.78
C LYS C 89 -2.85 -54.97 32.06
N GLU C 90 -1.64 -55.02 32.59
CA GLU C 90 -1.40 -55.75 33.82
C GLU C 90 -2.21 -55.18 35.00
N SER C 91 -2.58 -53.90 34.97
CA SER C 91 -3.40 -53.24 36.02
C SER C 91 -4.79 -53.81 36.18
N TRP C 92 -5.31 -54.33 35.09
CA TRP C 92 -6.65 -54.90 35.09
C TRP C 92 -6.85 -56.01 36.12
N TYR C 93 -5.77 -56.66 36.53
CA TYR C 93 -5.86 -57.68 37.55
C TYR C 93 -6.28 -57.06 38.89
N THR C 94 -5.87 -55.82 39.18
CA THR C 94 -6.11 -55.23 40.49
C THR C 94 -6.94 -53.92 40.52
N ASN C 95 -7.14 -53.24 39.39
CA ASN C 95 -8.26 -52.31 39.24
C ASN C 95 -8.93 -52.61 37.90
N THR C 96 -9.97 -53.40 38.04
CA THR C 96 -10.75 -53.98 36.99
C THR C 96 -11.69 -52.96 36.38
N PRO C 97 -11.57 -52.70 35.06
CA PRO C 97 -12.56 -51.85 34.42
C PRO C 97 -13.96 -52.44 34.48
N GLU C 98 -14.96 -51.58 34.35
CA GLU C 98 -16.38 -51.96 34.51
C GLU C 98 -16.83 -52.97 33.47
N TRP C 99 -16.23 -52.88 32.29
CA TRP C 99 -16.53 -53.83 31.24
C TRP C 99 -15.76 -55.16 31.34
N LEU C 100 -14.81 -55.28 32.26
CA LEU C 100 -14.04 -56.51 32.37
C LEU C 100 -14.67 -57.46 33.39
N GLY C 101 -15.26 -58.55 32.90
CA GLY C 101 -15.98 -59.47 33.76
C GLY C 101 -15.09 -60.59 34.23
N GLU C 102 -15.72 -61.65 34.74
CA GLU C 102 -15.01 -62.68 35.46
C GLU C 102 -14.30 -63.62 34.49
N GLU C 103 -13.30 -64.30 35.00
CA GLU C 103 -12.52 -65.22 34.21
C GLU C 103 -13.41 -66.40 33.77
N ASP C 104 -13.18 -66.93 32.58
CA ASP C 104 -13.93 -68.08 32.06
C ASP C 104 -13.37 -69.32 32.74
N PRO C 105 -14.18 -70.03 33.56
CA PRO C 105 -13.65 -71.23 34.25
C PRO C 105 -13.30 -72.40 33.31
N ALA C 106 -13.96 -72.49 32.17
CA ALA C 106 -13.58 -73.45 31.14
C ALA C 106 -12.29 -73.06 30.37
N TRP C 107 -11.94 -71.77 30.38
CA TRP C 107 -10.80 -71.26 29.62
C TRP C 107 -9.96 -70.26 30.46
N PRO C 108 -9.06 -70.76 31.33
CA PRO C 108 -8.26 -69.85 32.14
C PRO C 108 -7.53 -68.83 31.26
N GLY C 109 -7.35 -67.60 31.75
CA GLY C 109 -6.73 -66.53 30.97
C GLY C 109 -7.67 -65.76 30.05
N ASN C 110 -8.91 -66.27 29.89
CA ASN C 110 -9.96 -65.61 29.12
C ASN C 110 -10.99 -65.05 30.06
N TYR C 111 -11.56 -63.89 29.72
CA TYR C 111 -12.41 -63.09 30.61
C TYR C 111 -13.60 -62.57 29.84
N PHE C 112 -14.81 -62.87 30.30
CA PHE C 112 -15.99 -62.28 29.65
C PHE C 112 -15.94 -60.76 29.74
N VAL C 113 -16.33 -60.10 28.65
CA VAL C 113 -16.35 -58.65 28.60
C VAL C 113 -17.74 -58.08 28.19
N LYS C 114 -18.05 -56.92 28.76
CA LYS C 114 -19.22 -56.16 28.36
C LYS C 114 -18.83 -55.51 27.03
N TYR C 115 -19.09 -56.25 25.98
CA TYR C 115 -18.58 -55.94 24.63
C TYR C 115 -19.20 -54.70 23.98
N TRP C 116 -20.27 -54.20 24.59
CA TRP C 116 -20.95 -53.02 24.14
C TRP C 116 -20.33 -51.70 24.65
N TYR C 117 -19.35 -51.77 25.52
CA TYR C 117 -18.62 -50.59 26.00
C TYR C 117 -17.60 -50.15 24.95
N ASN C 118 -17.46 -48.83 24.78
CA ASN C 118 -16.52 -48.21 23.84
C ASN C 118 -15.11 -48.71 23.95
N GLU C 119 -14.62 -48.84 25.19
CA GLU C 119 -13.25 -49.23 25.40
C GLU C 119 -12.96 -50.62 24.79
N TRP C 120 -13.83 -51.60 25.06
CA TRP C 120 -13.72 -52.92 24.45
C TRP C 120 -13.80 -52.89 22.91
N LYS C 121 -14.77 -52.15 22.39
CA LYS C 121 -14.91 -52.04 20.95
C LYS C 121 -13.67 -51.47 20.29
N GLU C 122 -13.09 -50.48 20.94
CA GLU C 122 -11.84 -49.84 20.49
C GLU C 122 -10.61 -50.78 20.54
N ILE C 123 -10.53 -51.66 21.54
CA ILE C 123 -9.51 -52.70 21.55
C ILE C 123 -9.65 -53.63 20.34
N VAL C 124 -10.87 -54.07 20.07
CA VAL C 124 -11.14 -54.97 18.95
C VAL C 124 -10.83 -54.33 17.60
N PHE C 125 -11.26 -53.08 17.41
CA PHE C 125 -10.90 -52.35 16.20
C PHE C 125 -9.39 -52.27 15.96
N SER C 126 -8.63 -52.02 17.02
CA SER C 126 -7.17 -51.90 16.93
C SER C 126 -6.49 -53.24 16.70
N TYR C 127 -7.12 -54.31 17.17
CA TYR C 127 -6.73 -55.67 16.86
C TYR C 127 -7.01 -55.97 15.38
N LEU C 128 -8.22 -55.67 14.92
CA LEU C 128 -8.57 -55.72 13.48
C LEU C 128 -7.64 -54.87 12.60
N ASP C 129 -7.30 -53.67 13.05
CA ASP C 129 -6.24 -52.85 12.39
C ASP C 129 -4.96 -53.66 11.99
N ARG C 130 -4.48 -54.47 12.93
CA ARG C 130 -3.27 -55.27 12.74
C ARG C 130 -3.50 -56.46 11.82
N VAL C 131 -4.63 -57.13 12.01
CA VAL C 131 -5.02 -58.24 11.14
C VAL C 131 -5.12 -57.84 9.68
N ILE C 132 -5.72 -56.69 9.41
CA ILE C 132 -5.82 -56.19 8.06
C ILE C 132 -4.45 -55.89 7.42
N ASP C 133 -3.55 -55.28 8.20
CA ASP C 133 -2.20 -54.96 7.72
C ASP C 133 -1.34 -56.17 7.53
N GLN C 134 -1.61 -57.23 8.26
CA GLN C 134 -0.99 -58.54 8.00
C GLN C 134 -1.38 -59.20 6.68
N GLY C 135 -2.53 -58.80 6.11
CA GLY C 135 -2.97 -59.33 4.80
C GLY C 135 -3.93 -60.52 4.91
N PHE C 136 -4.53 -60.68 6.08
CA PHE C 136 -5.48 -61.75 6.28
C PHE C 136 -6.70 -61.47 5.39
N LYS C 137 -7.30 -62.53 4.85
CA LYS C 137 -8.42 -62.46 3.90
C LYS C 137 -9.80 -62.63 4.54
N GLY C 138 -9.84 -62.87 5.84
CA GLY C 138 -11.09 -62.96 6.53
C GLY C 138 -10.85 -62.91 8.02
N ILE C 139 -11.95 -62.77 8.77
CA ILE C 139 -11.91 -62.84 10.21
C ILE C 139 -12.92 -63.85 10.74
N TYR C 140 -12.54 -64.52 11.82
CA TYR C 140 -13.29 -65.58 12.41
C TYR C 140 -13.52 -65.18 13.87
N LEU C 141 -14.76 -64.86 14.17
CA LEU C 141 -15.13 -64.06 15.34
C LEU C 141 -15.69 -64.93 16.43
N ASP C 142 -14.93 -65.09 17.52
CA ASP C 142 -15.31 -66.03 18.58
C ASP C 142 -16.07 -65.33 19.69
N ARG C 143 -16.83 -66.12 20.45
CA ARG C 143 -17.58 -65.72 21.65
C ARG C 143 -18.68 -64.70 21.38
N ILE C 144 -19.28 -64.90 20.22
CA ILE C 144 -20.63 -64.42 19.91
C ILE C 144 -21.62 -64.73 21.06
N ASP C 145 -21.46 -65.91 21.65
CA ASP C 145 -22.35 -66.35 22.75
C ASP C 145 -22.11 -65.67 24.11
N SER C 146 -21.23 -64.68 24.19
CA SER C 146 -21.19 -63.81 25.36
C SER C 146 -22.47 -63.08 25.56
N PHE C 147 -23.29 -62.97 24.52
CA PHE C 147 -24.66 -62.36 24.69
C PHE C 147 -25.52 -63.20 25.63
N GLU C 148 -25.36 -64.52 25.53
CA GLU C 148 -26.03 -65.44 26.43
C GLU C 148 -25.46 -65.38 27.85
N TYR C 149 -24.14 -65.29 27.98
CA TYR C 149 -23.54 -65.11 29.30
C TYR C 149 -24.14 -63.91 30.04
N TRP C 150 -24.04 -62.71 29.47
CA TRP C 150 -24.55 -61.51 30.17
C TRP C 150 -26.04 -61.49 30.42
N ALA C 151 -26.81 -62.14 29.54
CA ALA C 151 -28.26 -62.30 29.77
C ALA C 151 -28.54 -63.31 30.88
N GLN C 152 -27.71 -64.36 30.98
CA GLN C 152 -27.76 -65.27 32.14
C GLN C 152 -27.31 -64.64 33.47
N GLU C 153 -26.43 -63.65 33.43
CA GLU C 153 -26.07 -62.93 34.65
C GLU C 153 -27.12 -61.90 35.08
N GLY C 154 -28.17 -61.69 34.30
CA GLY C 154 -29.24 -60.74 34.67
C GLY C 154 -28.82 -59.30 34.59
N VAL C 155 -27.66 -59.11 33.97
CA VAL C 155 -26.99 -57.80 33.80
C VAL C 155 -27.69 -56.93 32.78
N ILE C 156 -28.17 -57.54 31.70
CA ILE C 156 -29.00 -56.84 30.73
C ILE C 156 -30.00 -57.82 30.12
N SER C 157 -31.03 -57.29 29.44
CA SER C 157 -32.03 -58.16 28.84
C SER C 157 -31.33 -59.01 27.81
N ARG C 158 -31.93 -60.14 27.54
CA ARG C 158 -31.44 -61.01 26.48
C ARG C 158 -31.49 -60.36 25.08
N ARG C 159 -32.59 -59.67 24.81
CA ARG C 159 -32.69 -58.92 23.56
C ARG C 159 -31.65 -57.84 23.46
N SER C 160 -31.49 -57.07 24.54
CA SER C 160 -30.45 -56.00 24.58
C SER C 160 -29.06 -56.58 24.25
N ALA C 161 -28.69 -57.63 24.95
CA ALA C 161 -27.41 -58.32 24.75
C ALA C 161 -27.25 -58.85 23.29
N ALA C 162 -28.28 -59.52 22.78
CA ALA C 162 -28.29 -59.98 21.38
C ALA C 162 -28.15 -58.81 20.40
N ARG C 163 -28.99 -57.79 20.52
CA ARG C 163 -28.89 -56.63 19.64
C ARG C 163 -27.52 -55.97 19.69
N LYS C 164 -26.94 -55.87 20.89
CA LYS C 164 -25.67 -55.20 21.03
C LYS C 164 -24.58 -56.00 20.33
N MSE C 165 -24.66 -57.33 20.41
CA MSE C 165 -23.64 -58.17 19.79
C MSE C 165 -23.84 -58.16 18.25
O MSE C 165 -22.86 -58.08 17.53
CB MSE C 165 -23.70 -59.60 20.37
CG MSE C 165 -22.84 -60.61 19.68
SE MSE C 165 -20.88 -60.17 19.69
CE MSE C 165 -20.30 -60.84 21.59
N ILE C 166 -25.07 -58.20 17.75
CA ILE C 166 -25.30 -58.13 16.31
C ILE C 166 -24.72 -56.79 15.80
N ASN C 167 -25.02 -55.72 16.53
CA ASN C 167 -24.58 -54.37 16.16
C ASN C 167 -23.05 -54.28 16.21
N PHE C 168 -22.43 -54.94 17.15
CA PHE C 168 -20.96 -54.94 17.23
C PHE C 168 -20.33 -55.61 16.01
N VAL C 169 -20.93 -56.71 15.57
CA VAL C 169 -20.45 -57.41 14.38
C VAL C 169 -20.68 -56.63 13.10
N LEU C 170 -21.82 -55.95 13.00
CA LEU C 170 -22.07 -55.06 11.90
C LEU C 170 -21.04 -53.92 11.82
N GLU C 171 -20.73 -53.30 12.97
CA GLU C 171 -19.69 -52.27 13.09
C GLU C 171 -18.29 -52.81 12.71
N ILE C 172 -18.00 -54.00 13.16
CA ILE C 172 -16.76 -54.71 12.79
C ILE C 172 -16.67 -54.88 11.28
N ALA C 173 -17.81 -55.26 10.66
CA ALA C 173 -17.88 -55.44 9.22
C ALA C 173 -17.62 -54.13 8.51
N GLU C 174 -18.25 -53.06 8.98
CA GLU C 174 -18.04 -51.78 8.32
C GLU C 174 -16.57 -51.34 8.39
N TYR C 175 -15.97 -51.55 9.54
CA TYR C 175 -14.55 -51.22 9.78
C TYR C 175 -13.60 -51.96 8.86
N VAL C 176 -13.63 -53.27 8.91
CA VAL C 176 -12.75 -54.07 8.03
C VAL C 176 -13.03 -53.90 6.54
N ARG C 177 -14.29 -53.73 6.16
CA ARG C 177 -14.65 -53.70 4.72
C ARG C 177 -14.50 -52.32 4.09
N GLU C 178 -14.39 -51.29 4.92
CA GLU C 178 -13.95 -50.01 4.40
C GLU C 178 -12.53 -50.12 3.82
N ARG C 179 -11.72 -50.93 4.45
CA ARG C 179 -10.35 -51.14 4.03
C ARG C 179 -10.21 -52.26 3.04
N LYS C 180 -10.97 -53.32 3.22
CA LYS C 180 -10.82 -54.54 2.43
C LYS C 180 -12.22 -55.04 2.15
N PRO C 181 -12.86 -54.50 1.08
CA PRO C 181 -14.29 -54.77 0.71
C PRO C 181 -14.71 -56.24 0.75
N ASP C 182 -13.81 -57.11 0.30
CA ASP C 182 -14.08 -58.53 0.17
C ASP C 182 -13.67 -59.33 1.38
N MSE C 183 -13.33 -58.67 2.49
CA MSE C 183 -12.97 -59.41 3.71
C MSE C 183 -14.03 -60.47 4.01
O MSE C 183 -15.23 -60.14 4.04
CB MSE C 183 -12.86 -58.47 4.95
CG MSE C 183 -12.29 -59.16 6.20
SE MSE C 183 -10.36 -59.51 6.02
CE MSE C 183 -9.83 -57.96 6.94
N LEU C 184 -13.63 -61.72 4.23
CA LEU C 184 -14.59 -62.70 4.72
C LEU C 184 -14.88 -62.43 6.18
N ILE C 185 -16.12 -62.64 6.59
CA ILE C 185 -16.52 -62.51 8.00
C ILE C 185 -17.26 -63.77 8.45
N ILE C 186 -16.69 -64.49 9.44
CA ILE C 186 -17.21 -65.80 9.87
C ILE C 186 -17.38 -65.85 11.38
N PRO C 187 -18.63 -65.68 11.91
CA PRO C 187 -18.79 -65.90 13.35
C PRO C 187 -18.66 -67.37 13.74
N GLN C 188 -18.25 -67.61 14.97
CA GLN C 188 -18.18 -68.96 15.58
C GLN C 188 -19.21 -69.13 16.69
N ASN C 189 -20.08 -70.12 16.48
CA ASN C 189 -21.16 -70.49 17.39
C ASN C 189 -22.14 -69.30 17.60
N GLY C 190 -22.97 -69.33 18.63
CA GLY C 190 -23.90 -68.21 18.86
C GLY C 190 -24.92 -67.98 17.77
N GLU C 191 -25.17 -69.01 16.97
CA GLU C 191 -26.01 -68.89 15.76
C GLU C 191 -27.45 -68.64 16.08
N ASN C 192 -27.88 -69.15 17.23
CA ASN C 192 -29.18 -68.77 17.77
C ASN C 192 -29.41 -67.25 17.98
N ILE C 193 -28.34 -66.44 17.94
CA ILE C 193 -28.47 -64.98 17.94
C ILE C 193 -29.30 -64.49 16.74
N LEU C 194 -29.39 -65.31 15.70
CA LEU C 194 -30.23 -64.99 14.51
C LEU C 194 -31.70 -64.86 14.80
N ASP C 195 -32.19 -65.42 15.91
CA ASP C 195 -33.54 -65.15 16.39
C ASP C 195 -33.84 -63.65 16.49
N PHE C 196 -32.80 -62.87 16.77
CA PHE C 196 -32.91 -61.43 16.89
C PHE C 196 -32.48 -60.68 15.63
N ASP C 197 -32.10 -61.38 14.56
CA ASP C 197 -31.63 -60.69 13.35
C ASP C 197 -32.80 -60.16 12.51
N ASP C 198 -32.69 -58.94 12.01
CA ASP C 198 -33.67 -58.42 11.02
C ASP C 198 -33.33 -58.83 9.56
N GLY C 199 -32.25 -59.57 9.37
CA GLY C 199 -31.77 -59.95 8.03
C GLY C 199 -30.40 -59.33 7.73
N GLN C 200 -30.06 -58.25 8.42
CA GLN C 200 -28.80 -57.58 8.14
C GLN C 200 -27.53 -58.40 8.47
N LEU C 201 -27.52 -59.14 9.57
CA LEU C 201 -26.34 -59.91 9.95
C LEU C 201 -26.18 -61.09 9.02
N ALA C 202 -27.26 -61.82 8.71
CA ALA C 202 -27.23 -62.88 7.71
C ALA C 202 -26.66 -62.42 6.39
N SER C 203 -27.10 -61.28 5.89
CA SER C 203 -26.62 -60.78 4.63
C SER C 203 -25.17 -60.33 4.73
N THR C 204 -24.76 -59.84 5.90
CA THR C 204 -23.38 -59.36 6.13
C THR C 204 -22.28 -60.46 6.27
N VAL C 205 -22.56 -61.54 6.99
CA VAL C 205 -21.55 -62.55 7.12
C VAL C 205 -21.29 -63.27 5.79
N SER C 206 -20.09 -63.84 5.68
CA SER C 206 -19.69 -64.65 4.52
C SER C 206 -20.00 -66.12 4.77
N GLY C 207 -19.91 -66.49 6.05
CA GLY C 207 -20.24 -67.83 6.48
C GLY C 207 -20.42 -67.84 7.96
N TRP C 208 -20.59 -69.06 8.48
CA TRP C 208 -20.70 -69.28 9.94
C TRP C 208 -19.91 -70.55 10.32
N ALA C 209 -19.29 -70.54 11.49
CA ALA C 209 -18.53 -71.68 11.99
C ALA C 209 -19.15 -72.19 13.29
N VAL C 210 -19.15 -73.52 13.44
CA VAL C 210 -19.69 -74.15 14.64
C VAL C 210 -18.71 -75.21 15.16
N GLU C 211 -18.61 -75.26 16.49
CA GLU C 211 -17.94 -76.36 17.09
C GLU C 211 -18.94 -77.21 17.90
N ASN C 212 -18.74 -78.53 17.88
CA ASN C 212 -19.53 -79.50 18.65
C ASN C 212 -20.91 -79.61 18.12
N LEU C 213 -21.03 -79.90 16.82
CA LEU C 213 -22.33 -80.02 16.21
C LEU C 213 -22.91 -81.45 16.27
N PHE C 214 -22.07 -82.46 16.00
CA PHE C 214 -22.46 -83.88 15.99
C PHE C 214 -21.87 -84.68 17.16
N TYR C 215 -20.69 -84.28 17.62
CA TYR C 215 -20.04 -84.86 18.77
C TYR C 215 -19.56 -83.77 19.71
N LEU C 216 -19.67 -84.05 21.00
CA LEU C 216 -18.98 -83.24 22.02
C LEU C 216 -17.77 -84.05 22.44
N LYS C 217 -16.60 -83.57 22.02
CA LYS C 217 -15.40 -84.39 21.92
C LYS C 217 -15.74 -85.73 21.21
N THR C 218 -15.57 -86.88 21.87
CA THR C 218 -15.83 -88.19 21.25
C THR C 218 -17.25 -88.73 21.47
N ILE C 219 -18.09 -87.99 22.18
CA ILE C 219 -19.41 -88.45 22.55
C ILE C 219 -20.44 -87.88 21.56
N PRO C 220 -21.24 -88.74 20.91
CA PRO C 220 -22.27 -88.19 20.03
C PRO C 220 -23.33 -87.37 20.78
N LEU C 221 -23.80 -86.29 20.15
CA LEU C 221 -24.88 -85.47 20.72
C LEU C 221 -26.24 -86.07 20.39
N GLU C 222 -27.24 -85.69 21.18
CA GLU C 222 -28.61 -86.13 20.92
C GLU C 222 -29.06 -85.48 19.59
N GLU C 223 -29.87 -86.20 18.80
CA GLU C 223 -30.20 -85.77 17.44
C GLU C 223 -30.94 -84.44 17.37
N ASN C 224 -31.83 -84.18 18.33
CA ASN C 224 -32.61 -82.95 18.35
C ASN C 224 -31.77 -81.74 18.66
N GLU C 225 -30.72 -81.94 19.47
CA GLU C 225 -29.69 -80.93 19.71
C GLU C 225 -29.04 -80.50 18.41
N THR C 226 -28.52 -81.47 17.68
CA THR C 226 -27.94 -81.23 16.38
C THR C 226 -28.95 -80.56 15.46
N LYS C 227 -30.17 -81.09 15.43
CA LYS C 227 -31.21 -80.57 14.54
C LYS C 227 -31.54 -79.11 14.79
N SER C 228 -31.53 -78.69 16.05
CA SER C 228 -31.89 -77.31 16.37
C SER C 228 -30.83 -76.31 15.93
N ARG C 229 -29.58 -76.72 15.99
CA ARG C 229 -28.48 -75.92 15.47
C ARG C 229 -28.56 -75.83 13.94
N LEU C 230 -28.74 -76.98 13.30
CA LEU C 230 -28.84 -77.08 11.85
C LEU C 230 -30.01 -76.27 11.24
N GLU C 231 -31.13 -76.08 11.94
CA GLU C 231 -32.18 -75.19 11.45
C GLU C 231 -31.53 -73.88 11.01
N TYR C 232 -30.67 -73.30 11.85
CA TYR C 232 -30.01 -72.01 11.57
C TYR C 232 -29.03 -72.08 10.41
N LEU C 233 -28.22 -73.13 10.39
CA LEU C 233 -27.06 -73.24 9.51
C LEU C 233 -27.49 -73.59 8.09
N ILE C 234 -28.46 -74.47 7.97
CA ILE C 234 -29.08 -74.80 6.69
C ILE C 234 -29.76 -73.59 6.03
N ARG C 235 -30.44 -72.73 6.79
CA ARG C 235 -30.95 -71.42 6.28
C ARG C 235 -29.87 -70.44 5.79
N LEU C 236 -28.75 -70.38 6.48
CA LEU C 236 -27.61 -69.60 6.02
C LEU C 236 -27.00 -70.17 4.74
N ASN C 237 -26.86 -71.48 4.70
CA ASN C 237 -26.33 -72.19 3.52
C ASN C 237 -27.16 -71.93 2.27
N ARG C 238 -28.48 -71.92 2.45
CA ARG C 238 -29.42 -71.68 1.34
C ARG C 238 -29.40 -70.22 0.88
N LYS C 239 -28.97 -69.34 1.77
CA LYS C 239 -28.67 -67.96 1.41
C LYS C 239 -27.25 -67.74 0.82
N GLY C 240 -26.47 -68.80 0.70
CA GLY C 240 -25.18 -68.71 0.04
C GLY C 240 -24.08 -68.45 1.03
N LYS C 241 -24.27 -68.86 2.28
CA LYS C 241 -23.25 -68.68 3.32
C LYS C 241 -22.64 -70.01 3.62
N PHE C 242 -21.31 -70.11 3.58
CA PHE C 242 -20.65 -71.43 3.79
C PHE C 242 -20.63 -71.78 5.26
N ILE C 243 -20.72 -73.08 5.55
CA ILE C 243 -20.72 -73.53 6.94
C ILE C 243 -19.51 -74.40 7.30
N LEU C 244 -18.73 -73.91 8.26
CA LEU C 244 -17.52 -74.61 8.67
C LEU C 244 -17.82 -75.34 9.97
N SER C 245 -17.59 -76.66 9.97
CA SER C 245 -17.77 -77.48 11.16
C SER C 245 -16.44 -77.97 11.67
N VAL C 246 -16.29 -77.94 12.99
CA VAL C 246 -15.18 -78.58 13.70
C VAL C 246 -15.76 -79.31 14.89
N ASP C 247 -15.63 -80.64 14.88
CA ASP C 247 -15.90 -81.42 16.08
C ASP C 247 -14.57 -81.99 16.53
N TYR C 248 -14.38 -81.97 17.85
CA TYR C 248 -13.11 -82.45 18.47
C TYR C 248 -13.13 -83.97 18.68
N VAL C 249 -13.37 -84.68 17.59
CA VAL C 249 -13.58 -86.13 17.64
C VAL C 249 -12.33 -87.00 17.58
N ASP C 250 -11.18 -86.43 17.25
CA ASP C 250 -9.96 -87.22 17.13
C ASP C 250 -9.24 -87.44 18.46
N ASP C 251 -9.23 -88.68 18.95
CA ASP C 251 -8.40 -89.17 20.08
C ASP C 251 -6.91 -88.90 20.03
N GLY C 252 -6.36 -88.72 18.83
CA GLY C 252 -4.93 -88.89 18.64
C GLY C 252 -4.54 -90.30 18.25
N SER C 253 -5.30 -91.30 18.66
CA SER C 253 -5.00 -92.70 18.35
C SER C 253 -5.32 -93.04 16.91
N ASP C 254 -4.81 -94.17 16.42
CA ASP C 254 -5.18 -94.65 15.10
C ASP C 254 -6.17 -95.83 15.24
N SER C 255 -7.00 -95.78 16.28
CA SER C 255 -7.75 -96.98 16.66
C SER C 255 -8.90 -97.18 15.68
N PHE C 256 -9.38 -98.41 15.54
CA PHE C 256 -10.55 -98.63 14.69
C PHE C 256 -11.71 -97.72 15.07
N GLU C 257 -11.98 -97.64 16.37
CA GLU C 257 -13.06 -96.84 16.92
C GLU C 257 -12.84 -95.32 16.66
N ASN C 258 -11.61 -94.82 16.82
CA ASN C 258 -11.31 -93.39 16.57
C ASN C 258 -11.52 -93.00 15.12
N ILE C 259 -10.94 -93.75 14.19
CA ILE C 259 -11.04 -93.36 12.77
C ILE C 259 -12.49 -93.56 12.29
N SER C 260 -13.05 -94.75 12.65
CA SER C 260 -14.47 -94.99 12.42
C SER C 260 -15.36 -93.78 12.86
N ARG C 261 -15.10 -93.19 14.04
CA ARG C 261 -15.87 -92.02 14.52
C ARG C 261 -15.63 -90.80 13.65
N ILE C 262 -14.39 -90.65 13.20
CA ILE C 262 -13.98 -89.52 12.38
C ILE C 262 -14.69 -89.58 11.02
N LEU C 263 -14.83 -90.78 10.48
CA LEU C 263 -15.53 -91.00 9.24
C LEU C 263 -17.02 -90.73 9.41
N ASP C 264 -17.62 -91.27 10.48
CA ASP C 264 -19.02 -90.95 10.80
C ASP C 264 -19.34 -89.43 10.84
N TYR C 265 -18.52 -88.67 11.57
CA TYR C 265 -18.59 -87.22 11.66
C TYR C 265 -18.55 -86.55 10.28
N TYR C 266 -17.52 -86.91 9.50
CA TYR C 266 -17.38 -86.46 8.11
C TYR C 266 -18.63 -86.63 7.28
N GLU C 267 -19.16 -87.84 7.30
CA GLU C 267 -20.41 -88.14 6.61
C GLU C 267 -21.61 -87.28 7.09
N LYS C 268 -21.84 -87.20 8.39
CA LYS C 268 -22.96 -86.39 8.90
C LYS C 268 -22.77 -84.92 8.53
N ALA C 269 -21.55 -84.42 8.62
CA ALA C 269 -21.26 -83.04 8.29
C ALA C 269 -21.55 -82.71 6.84
N LYS C 270 -20.99 -83.50 5.95
CA LYS C 270 -21.11 -83.27 4.51
C LYS C 270 -22.55 -83.39 4.02
N ARG C 271 -23.30 -84.34 4.57
CA ARG C 271 -24.66 -84.49 4.14
C ARG C 271 -25.62 -83.40 4.68
N ASN C 272 -25.13 -82.56 5.59
CA ASN C 272 -25.92 -81.42 6.11
C ASN C 272 -25.39 -80.07 5.69
N GLY C 273 -24.52 -80.03 4.69
CA GLY C 273 -24.05 -78.74 4.20
C GLY C 273 -22.80 -78.18 4.83
N CYS C 274 -22.18 -78.96 5.71
CA CYS C 274 -21.08 -78.46 6.54
C CYS C 274 -19.74 -79.03 6.09
N ILE C 275 -18.72 -78.16 6.09
CA ILE C 275 -17.37 -78.54 5.71
C ILE C 275 -16.65 -78.95 7.00
N PRO C 276 -16.42 -80.27 7.16
CA PRO C 276 -15.80 -80.77 8.41
C PRO C 276 -14.28 -80.55 8.57
N TYR C 277 -13.87 -80.31 9.82
CA TYR C 277 -12.51 -80.46 10.26
C TYR C 277 -12.53 -81.20 11.61
N ALA C 278 -11.94 -82.39 11.63
CA ALA C 278 -11.87 -83.20 12.83
C ALA C 278 -10.64 -82.76 13.63
N ALA C 279 -10.87 -82.12 14.79
CA ALA C 279 -9.78 -81.60 15.66
C ALA C 279 -9.49 -82.58 16.79
N ARG C 280 -8.39 -82.37 17.50
CA ARG C 280 -8.03 -83.28 18.57
C ARG C 280 -8.91 -83.05 19.78
N SER C 281 -9.30 -84.14 20.44
CA SER C 281 -10.15 -84.05 21.62
C SER C 281 -9.55 -83.29 22.82
N ASP C 282 -8.25 -82.98 22.77
CA ASP C 282 -7.64 -82.16 23.80
C ASP C 282 -7.98 -80.65 23.67
N LEU C 283 -8.56 -80.23 22.52
CA LEU C 283 -9.06 -78.89 22.22
C LEU C 283 -7.97 -77.84 21.99
N GLU C 284 -6.73 -78.31 21.81
CA GLU C 284 -5.56 -77.40 21.83
C GLU C 284 -5.35 -76.72 20.48
N LEU C 285 -5.88 -77.30 19.40
CA LEU C 285 -5.73 -76.74 18.04
C LEU C 285 -4.27 -76.33 17.77
N ASP C 286 -3.36 -77.22 18.21
CA ASP C 286 -1.92 -76.96 18.35
C ASP C 286 -1.02 -77.67 17.31
N GLU C 287 -1.63 -78.41 16.40
CA GLU C 287 -0.94 -78.78 15.16
C GLU C 287 -1.94 -78.94 14.02
N MSE C 288 -1.42 -79.09 12.81
CA MSE C 288 -2.23 -79.24 11.64
C MSE C 288 -2.63 -80.70 11.58
O MSE C 288 -1.81 -81.54 11.25
CB MSE C 288 -1.42 -78.82 10.43
CG MSE C 288 -2.21 -78.68 9.17
SE MSE C 288 -1.01 -78.29 7.66
CE MSE C 288 -0.20 -79.98 7.40
N ASN C 289 -3.89 -80.99 11.91
CA ASN C 289 -4.34 -82.36 12.10
C ASN C 289 -4.60 -83.07 10.75
N VAL C 290 -3.55 -83.65 10.21
CA VAL C 290 -3.64 -84.38 8.94
C VAL C 290 -3.99 -85.83 9.24
N ILE C 291 -5.01 -86.36 8.59
CA ILE C 291 -5.36 -87.79 8.75
C ILE C 291 -5.34 -88.44 7.37
N GLU C 292 -4.47 -89.44 7.20
CA GLU C 292 -4.22 -90.02 5.89
C GLU C 292 -5.49 -90.59 5.25
N GLY C 293 -5.74 -90.22 4.00
CA GLY C 293 -6.91 -90.66 3.23
C GLY C 293 -8.17 -89.85 3.52
N ILE C 294 -8.13 -89.01 4.56
CA ILE C 294 -9.35 -88.42 5.11
C ILE C 294 -9.27 -86.90 5.19
N GLN C 295 -8.23 -86.37 5.83
CA GLN C 295 -8.14 -84.94 6.16
C GLN C 295 -6.73 -84.41 5.86
N PRO C 296 -6.58 -83.56 4.82
CA PRO C 296 -7.60 -83.15 3.85
C PRO C 296 -7.94 -84.31 2.90
N PRO C 297 -9.09 -84.25 2.20
CA PRO C 297 -9.50 -85.38 1.38
C PRO C 297 -8.54 -85.67 0.22
N GLU C 298 -8.63 -86.89 -0.32
CA GLU C 298 -7.79 -87.30 -1.45
C GLU C 298 -8.17 -86.59 -2.75
N THR D 13 -8.59 72.57 -29.90
CA THR D 13 -8.36 72.21 -28.47
C THR D 13 -8.26 73.43 -27.58
N GLU D 14 -9.36 74.18 -27.52
CA GLU D 14 -9.53 75.28 -26.59
C GLU D 14 -10.23 74.73 -25.35
N GLY D 15 -10.79 73.54 -25.50
CA GLY D 15 -10.98 72.63 -24.41
C GLY D 15 -9.72 71.78 -24.39
N TRP D 16 -8.72 72.23 -23.66
CA TRP D 16 -7.50 71.49 -23.42
C TRP D 16 -7.76 70.33 -22.46
N PHE D 17 -6.92 69.31 -22.50
CA PHE D 17 -7.06 68.21 -21.54
C PHE D 17 -6.31 68.56 -20.27
N MSE D 18 -7.06 68.99 -19.27
CA MSE D 18 -6.47 69.47 -18.03
C MSE D 18 -7.20 68.86 -16.83
O MSE D 18 -8.07 69.50 -16.23
CB MSE D 18 -6.50 71.00 -18.00
CG MSE D 18 -5.58 71.68 -19.03
SE MSE D 18 -5.97 73.63 -19.06
CE MSE D 18 -4.67 74.11 -17.62
N PRO D 19 -6.85 67.60 -16.50
CA PRO D 19 -7.54 66.80 -15.46
C PRO D 19 -7.26 67.22 -14.01
N PHE D 20 -6.29 68.11 -13.80
CA PHE D 20 -6.04 68.68 -12.47
C PHE D 20 -6.17 70.20 -12.49
N ASP D 21 -6.75 70.75 -11.44
CA ASP D 21 -6.90 72.19 -11.29
C ASP D 21 -5.57 72.89 -10.95
N ASN D 22 -4.57 72.12 -10.51
CA ASN D 22 -3.29 72.65 -10.09
C ASN D 22 -2.36 71.47 -9.85
N TRP D 23 -1.12 71.77 -9.44
CA TRP D 23 -0.20 70.79 -8.92
C TRP D 23 0.93 71.42 -8.07
N LEU D 24 1.60 70.58 -7.28
CA LEU D 24 2.68 71.00 -6.44
C LEU D 24 3.94 70.23 -6.78
N TYR D 25 5.03 70.97 -6.86
CA TYR D 25 6.32 70.44 -7.07
C TYR D 25 7.19 70.89 -5.88
N GLN D 26 7.49 69.95 -4.98
CA GLN D 26 8.26 70.25 -3.79
C GLN D 26 9.19 69.09 -3.44
N LEU D 27 10.51 69.31 -3.61
CA LEU D 27 11.54 68.24 -3.43
C LEU D 27 12.29 68.29 -2.12
N GLN D 28 12.03 69.30 -1.31
CA GLN D 28 12.61 69.36 0.03
C GLN D 28 11.57 69.87 1.04
N ASN D 29 11.65 69.35 2.26
CA ASN D 29 10.78 69.73 3.36
C ASN D 29 9.30 69.38 3.14
N ALA D 30 9.01 68.36 2.33
CA ALA D 30 7.63 68.01 2.01
C ALA D 30 6.92 67.39 3.21
N ASP D 31 5.77 67.98 3.56
CA ASP D 31 4.97 67.57 4.70
C ASP D 31 3.59 67.04 4.21
N PRO D 32 3.40 65.71 4.24
CA PRO D 32 2.14 65.08 3.83
C PRO D 32 0.87 65.66 4.47
N VAL D 33 0.95 66.06 5.74
CA VAL D 33 -0.19 66.63 6.45
C VAL D 33 -0.55 68.02 5.89
N GLU D 34 0.47 68.86 5.70
CA GLU D 34 0.36 70.16 5.05
C GLU D 34 -0.15 70.02 3.63
N ILE D 35 0.46 69.11 2.88
CA ILE D 35 0.09 68.88 1.50
C ILE D 35 -1.40 68.46 1.40
N SER D 36 -1.82 67.54 2.25
CA SER D 36 -3.18 66.98 2.24
C SER D 36 -4.31 68.00 2.45
N SER D 37 -4.11 69.00 3.32
CA SER D 37 -5.12 70.03 3.50
C SER D 37 -4.84 71.28 2.65
N SER D 38 -3.98 71.17 1.63
CA SER D 38 -3.51 72.37 0.94
C SER D 38 -4.46 72.91 -0.14
N GLY D 39 -5.18 72.01 -0.79
CA GLY D 39 -5.93 72.32 -2.00
C GLY D 39 -5.24 71.77 -3.23
N PHE D 40 -3.94 71.46 -3.13
CA PHE D 40 -3.22 70.90 -4.27
C PHE D 40 -3.67 69.46 -4.56
N GLU D 41 -4.01 69.19 -5.82
CA GLU D 41 -4.62 67.90 -6.23
C GLU D 41 -3.58 66.81 -6.56
N ILE D 42 -2.41 67.23 -7.00
CA ILE D 42 -1.31 66.30 -7.33
C ILE D 42 -0.01 66.95 -6.85
N ALA D 43 0.87 66.14 -6.27
CA ALA D 43 2.08 66.63 -5.61
C ALA D 43 3.21 65.74 -6.00
N VAL D 44 4.19 66.36 -6.64
CA VAL D 44 5.41 65.71 -7.05
C VAL D 44 6.40 66.06 -5.97
N ILE D 45 6.80 65.02 -5.23
CA ILE D 45 7.72 65.16 -4.12
C ILE D 45 8.80 64.09 -4.21
N ASP D 46 9.81 64.20 -3.35
CA ASP D 46 10.87 63.21 -3.32
C ASP D 46 10.32 62.02 -2.54
N TYR D 47 10.98 60.87 -2.69
CA TYR D 47 10.57 59.66 -2.00
C TYR D 47 11.11 59.65 -0.56
N SER D 48 11.92 60.66 -0.17
CA SER D 48 12.49 60.77 1.16
C SER D 48 12.46 62.21 1.72
N LYS D 49 12.41 62.32 3.04
CA LYS D 49 12.31 63.62 3.76
C LYS D 49 13.57 64.46 3.62
N ASP D 50 14.68 63.79 3.34
CA ASP D 50 15.96 64.47 3.18
C ASP D 50 16.78 63.91 2.02
N GLY D 51 16.14 63.14 1.12
CA GLY D 51 16.81 62.55 -0.03
C GLY D 51 17.42 61.18 0.24
N SER D 52 17.75 60.90 1.51
CA SER D 52 18.48 59.70 1.93
C SER D 52 17.57 58.54 2.30
N GLU D 53 18.19 57.37 2.40
CA GLU D 53 17.49 56.14 2.73
C GLU D 53 16.78 56.23 4.07
N SER D 54 17.43 56.82 5.07
CA SER D 54 16.85 56.91 6.41
C SER D 54 15.63 57.84 6.48
N GLY D 55 15.55 58.82 5.61
CA GLY D 55 14.36 59.66 5.53
C GLY D 55 13.25 59.16 4.61
N GLU D 56 13.40 57.98 4.02
CA GLU D 56 12.35 57.41 3.16
C GLU D 56 10.96 57.54 3.82
N TYR D 57 9.98 58.11 3.10
CA TYR D 57 8.63 58.21 3.65
C TYR D 57 8.08 56.82 3.89
N SER D 58 7.23 56.69 4.91
CA SER D 58 6.63 55.41 5.24
C SER D 58 5.39 55.29 4.38
N PRO D 59 4.87 54.05 4.20
CA PRO D 59 3.56 53.90 3.57
C PRO D 59 2.45 54.72 4.23
N GLU D 60 2.49 54.81 5.56
CA GLU D 60 1.44 55.45 6.31
C GLU D 60 1.48 56.94 5.94
N GLU D 61 2.68 57.52 5.98
CA GLU D 61 2.89 58.93 5.60
C GLU D 61 2.36 59.26 4.19
N ILE D 62 2.70 58.44 3.18
CA ILE D 62 2.12 58.61 1.83
C ILE D 62 0.57 58.46 1.85
N LYS D 63 0.08 57.54 2.67
CA LYS D 63 -1.35 57.24 2.77
C LYS D 63 -2.14 58.44 3.27
N ILE D 64 -1.52 59.26 4.12
CA ILE D 64 -2.08 60.52 4.57
C ILE D 64 -2.56 61.38 3.42
N MSE D 65 -1.73 61.52 2.36
CA MSE D 65 -2.12 62.32 1.21
C MSE D 65 -3.16 61.62 0.33
O MSE D 65 -4.10 62.26 -0.10
CB MSE D 65 -0.91 62.73 0.37
CG MSE D 65 0.03 63.71 1.05
SE MSE D 65 1.68 63.92 0.02
CE MSE D 65 2.64 62.23 0.48
N VAL D 66 -3.01 60.32 0.05
CA VAL D 66 -4.01 59.65 -0.78
C VAL D 66 -5.42 59.67 -0.15
N ASP D 67 -5.49 59.51 1.18
CA ASP D 67 -6.75 59.52 1.91
C ASP D 67 -7.43 60.89 1.85
N ALA D 68 -6.64 61.94 1.62
CA ALA D 68 -7.18 63.28 1.46
C ALA D 68 -7.60 63.59 0.02
N GLY D 69 -7.33 62.67 -0.91
CA GLY D 69 -7.71 62.87 -2.32
C GLY D 69 -6.56 63.40 -3.16
N VAL D 70 -5.39 63.57 -2.55
CA VAL D 70 -4.21 64.07 -3.26
C VAL D 70 -3.51 62.92 -3.95
N VAL D 71 -3.00 63.16 -5.16
CA VAL D 71 -2.22 62.15 -5.94
C VAL D 71 -0.72 62.39 -5.75
N PRO D 72 -0.06 61.53 -4.95
CA PRO D 72 1.35 61.75 -4.72
C PRO D 72 2.18 61.07 -5.77
N VAL D 73 3.16 61.82 -6.28
CA VAL D 73 4.03 61.38 -7.34
C VAL D 73 5.49 61.53 -6.91
N ALA D 74 6.32 60.54 -7.26
CA ALA D 74 7.71 60.51 -6.80
C ALA D 74 8.69 60.93 -7.88
N TYR D 75 9.56 61.87 -7.51
CA TYR D 75 10.60 62.33 -8.37
C TYR D 75 11.63 61.21 -8.42
N VAL D 76 12.11 60.92 -9.62
CA VAL D 76 13.22 59.98 -9.81
C VAL D 76 14.10 60.51 -10.95
N ASN D 77 15.35 60.82 -10.62
CA ASN D 77 16.35 61.21 -11.62
C ASN D 77 16.91 59.94 -12.29
N ILE D 78 16.56 59.75 -13.55
CA ILE D 78 16.92 58.56 -14.28
C ILE D 78 18.06 58.83 -15.24
N GLY D 79 18.53 60.07 -15.28
CA GLY D 79 19.65 60.40 -16.18
C GLY D 79 20.95 60.78 -15.51
N GLN D 80 20.93 60.82 -14.18
CA GLN D 80 22.08 61.12 -13.34
C GLN D 80 22.03 60.30 -12.07
N ALA D 81 23.21 60.08 -11.51
CA ALA D 81 23.31 59.46 -10.19
C ALA D 81 23.54 60.60 -9.17
N GLU D 82 22.88 60.47 -8.02
CA GLU D 82 22.87 61.41 -6.92
C GLU D 82 23.60 60.79 -5.72
N ASP D 83 24.63 61.47 -5.22
CA ASP D 83 25.61 60.84 -4.29
C ASP D 83 25.16 60.74 -2.81
N TYR D 84 23.93 61.21 -2.53
CA TYR D 84 23.24 61.00 -1.22
C TYR D 84 22.17 59.85 -1.24
N ARG D 85 21.88 59.29 -2.43
CA ARG D 85 20.87 58.23 -2.54
C ARG D 85 21.36 56.89 -2.06
N PHE D 86 20.40 56.07 -1.66
CA PHE D 86 20.65 54.74 -1.08
C PHE D 86 21.60 53.85 -1.89
N TYR D 87 21.55 54.02 -3.21
CA TYR D 87 22.28 53.19 -4.17
C TYR D 87 23.76 53.54 -4.28
N TRP D 88 24.14 54.75 -3.86
CA TRP D 88 25.49 55.21 -4.03
C TRP D 88 26.48 54.36 -3.24
N LYS D 89 27.51 53.87 -3.90
CA LYS D 89 28.58 53.12 -3.26
C LYS D 89 29.83 53.97 -3.15
N GLU D 90 30.48 53.93 -1.99
CA GLU D 90 31.69 54.72 -1.81
C GLU D 90 32.83 54.15 -2.67
N SER D 91 32.71 52.88 -3.06
CA SER D 91 33.72 52.28 -3.91
C SER D 91 33.74 52.86 -5.32
N TRP D 92 32.68 53.55 -5.70
CA TRP D 92 32.67 54.25 -6.97
C TRP D 92 33.74 55.37 -7.09
N TYR D 93 34.13 55.97 -5.97
CA TYR D 93 35.14 57.02 -6.00
C TYR D 93 36.45 56.41 -6.49
N THR D 94 36.72 55.20 -6.04
CA THR D 94 38.03 54.59 -6.22
C THR D 94 38.05 53.55 -7.35
N ASN D 95 36.89 53.03 -7.69
CA ASN D 95 36.73 52.06 -8.76
C ASN D 95 35.50 52.44 -9.57
N THR D 96 35.66 53.46 -10.39
CA THR D 96 34.55 54.16 -10.98
C THR D 96 33.96 53.28 -12.09
N PRO D 97 32.66 53.02 -12.03
CA PRO D 97 32.05 52.35 -13.17
C PRO D 97 32.14 53.18 -14.44
N GLU D 98 32.30 52.47 -15.55
CA GLU D 98 32.29 53.02 -16.89
C GLU D 98 31.04 53.85 -17.23
N TRP D 99 29.91 53.53 -16.63
CA TRP D 99 28.69 54.28 -16.83
C TRP D 99 28.57 55.50 -15.92
N LEU D 100 29.44 55.62 -14.91
CA LEU D 100 29.40 56.78 -14.03
C LEU D 100 30.29 57.90 -14.58
N GLY D 101 29.66 58.98 -15.04
CA GLY D 101 30.30 60.13 -15.67
C GLY D 101 30.62 61.31 -14.77
N GLU D 102 30.80 62.48 -15.40
CA GLU D 102 31.30 63.64 -14.72
C GLU D 102 30.21 64.31 -13.89
N GLU D 103 30.66 65.06 -12.90
CA GLU D 103 29.76 65.82 -12.05
C GLU D 103 29.06 66.89 -12.85
N ASP D 104 27.80 67.11 -12.55
CA ASP D 104 27.03 68.18 -13.17
C ASP D 104 27.42 69.51 -12.58
N PRO D 105 27.97 70.41 -13.41
CA PRO D 105 28.42 71.71 -12.85
C PRO D 105 27.27 72.61 -12.35
N ALA D 106 26.06 72.41 -12.86
CA ALA D 106 24.92 73.15 -12.39
C ALA D 106 24.33 72.56 -11.13
N TRP D 107 24.64 71.30 -10.83
CA TRP D 107 23.99 70.53 -9.76
C TRP D 107 25.05 69.71 -9.01
N PRO D 108 25.78 70.35 -8.09
CA PRO D 108 26.78 69.61 -7.30
C PRO D 108 26.22 68.32 -6.69
N GLY D 109 26.95 67.22 -6.83
CA GLY D 109 26.55 65.92 -6.26
C GLY D 109 25.70 65.04 -7.13
N ASN D 110 25.35 65.52 -8.31
CA ASN D 110 24.75 64.75 -9.37
C ASN D 110 25.80 64.49 -10.43
N TYR D 111 25.75 63.30 -11.00
CA TYR D 111 26.71 62.85 -11.97
C TYR D 111 25.99 62.29 -13.17
N PHE D 112 26.37 62.72 -14.36
CA PHE D 112 25.75 62.12 -15.55
C PHE D 112 26.13 60.64 -15.62
N VAL D 113 25.18 59.83 -16.04
CA VAL D 113 25.37 58.37 -16.16
C VAL D 113 25.04 57.89 -17.58
N LYS D 114 25.86 56.93 -18.07
CA LYS D 114 25.51 56.21 -19.34
C LYS D 114 24.30 55.32 -18.99
N TYR D 115 23.13 55.93 -19.07
CA TYR D 115 21.88 55.32 -18.61
C TYR D 115 21.48 54.04 -19.37
N TRP D 116 22.14 53.75 -20.48
CA TRP D 116 21.85 52.55 -21.23
C TRP D 116 22.53 51.28 -20.68
N TYR D 117 23.46 51.43 -19.76
CA TYR D 117 24.14 50.28 -19.16
C TYR D 117 23.26 49.57 -18.15
N ASN D 118 23.26 48.23 -18.21
CA ASN D 118 22.39 47.38 -17.34
C ASN D 118 22.45 47.79 -15.88
N GLU D 119 23.65 48.03 -15.38
CA GLU D 119 23.82 48.30 -13.98
C GLU D 119 23.06 49.53 -13.50
N TRP D 120 23.12 50.61 -14.29
CA TRP D 120 22.32 51.83 -14.00
C TRP D 120 20.80 51.59 -14.09
N LYS D 121 20.35 50.97 -15.18
CA LYS D 121 18.96 50.59 -15.29
C LYS D 121 18.48 49.82 -14.02
N GLU D 122 19.29 48.85 -13.60
CA GLU D 122 18.97 48.05 -12.42
C GLU D 122 18.95 48.90 -11.10
N ILE D 123 19.83 49.90 -10.99
CA ILE D 123 19.75 50.79 -9.88
C ILE D 123 18.40 51.49 -9.89
N VAL D 124 18.00 51.93 -11.06
CA VAL D 124 16.74 52.62 -11.19
C VAL D 124 15.51 51.73 -10.90
N PHE D 125 15.54 50.48 -11.35
CA PHE D 125 14.42 49.57 -11.05
C PHE D 125 14.36 49.31 -9.56
N SER D 126 15.52 49.14 -8.90
CA SER D 126 15.54 49.01 -7.45
C SER D 126 14.93 50.24 -6.73
N TYR D 127 15.13 51.42 -7.29
CA TYR D 127 14.59 52.67 -6.73
C TYR D 127 13.07 52.70 -6.85
N LEU D 128 12.58 52.33 -8.04
CA LEU D 128 11.16 52.21 -8.33
C LEU D 128 10.49 51.14 -7.47
N ASP D 129 11.18 50.03 -7.20
CA ASP D 129 10.66 49.01 -6.28
C ASP D 129 10.20 49.64 -4.95
N ARG D 130 11.08 50.44 -4.36
CA ARG D 130 10.79 51.14 -3.11
C ARG D 130 9.66 52.12 -3.26
N VAL D 131 9.69 52.90 -4.34
CA VAL D 131 8.61 53.85 -4.65
C VAL D 131 7.23 53.19 -4.74
N ILE D 132 7.16 52.03 -5.41
CA ILE D 132 5.90 51.28 -5.47
C ILE D 132 5.43 50.84 -4.07
N ASP D 133 6.33 50.26 -3.29
CA ASP D 133 5.99 49.82 -1.93
C ASP D 133 5.57 50.96 -1.01
N GLN D 134 6.02 52.19 -1.26
CA GLN D 134 5.58 53.36 -0.46
C GLN D 134 4.10 53.70 -0.71
N GLY D 135 3.59 53.29 -1.87
CA GLY D 135 2.21 53.56 -2.26
C GLY D 135 2.07 54.79 -3.12
N PHE D 136 3.16 55.22 -3.76
CA PHE D 136 3.13 56.35 -4.68
C PHE D 136 2.26 55.99 -5.88
N LYS D 137 1.51 56.96 -6.38
CA LYS D 137 0.59 56.72 -7.50
C LYS D 137 1.17 57.18 -8.84
N GLY D 138 2.39 57.69 -8.84
CA GLY D 138 3.00 58.12 -10.10
C GLY D 138 4.49 58.31 -9.96
N ILE D 139 5.18 58.37 -11.10
CA ILE D 139 6.63 58.66 -11.11
C ILE D 139 6.90 59.81 -12.09
N TYR D 140 7.88 60.64 -11.73
CA TYR D 140 8.16 61.91 -12.45
C TYR D 140 9.62 61.85 -12.74
N LEU D 141 9.94 61.63 -14.02
CA LEU D 141 11.25 61.15 -14.42
C LEU D 141 12.16 62.30 -14.89
N ASP D 142 13.25 62.55 -14.16
CA ASP D 142 14.10 63.68 -14.49
C ASP D 142 15.32 63.26 -15.27
N ARG D 143 15.80 64.18 -16.09
CA ARG D 143 17.03 64.07 -16.88
C ARG D 143 16.92 63.08 -17.99
N ILE D 144 15.72 63.07 -18.53
CA ILE D 144 15.49 62.66 -19.93
C ILE D 144 16.53 63.29 -20.83
N ASP D 145 16.85 64.56 -20.54
CA ASP D 145 17.76 65.31 -21.38
C ASP D 145 19.22 64.90 -21.27
N SER D 146 19.53 63.89 -20.45
CA SER D 146 20.84 63.27 -20.53
C SER D 146 21.12 62.70 -21.91
N PHE D 147 20.07 62.38 -22.69
CA PHE D 147 20.30 61.97 -24.06
C PHE D 147 21.08 63.03 -24.83
N GLU D 148 20.79 64.32 -24.58
CA GLU D 148 21.47 65.44 -25.25
C GLU D 148 22.87 65.67 -24.70
N TYR D 149 23.05 65.41 -23.40
CA TYR D 149 24.34 65.51 -22.82
C TYR D 149 25.31 64.58 -23.53
N TRP D 150 24.98 63.28 -23.63
CA TRP D 150 25.94 62.31 -24.20
C TRP D 150 26.18 62.54 -25.70
N ALA D 151 25.15 63.01 -26.40
CA ALA D 151 25.28 63.34 -27.81
C ALA D 151 26.11 64.59 -27.99
N GLN D 152 25.94 65.60 -27.13
CA GLN D 152 26.83 66.78 -27.18
C GLN D 152 28.27 66.46 -26.84
N GLU D 153 28.49 65.47 -25.99
CA GLU D 153 29.84 65.00 -25.71
C GLU D 153 30.51 64.18 -26.83
N GLY D 154 29.79 63.83 -27.92
CA GLY D 154 30.37 62.99 -28.98
C GLY D 154 30.59 61.54 -28.58
N VAL D 155 29.91 61.12 -27.51
CA VAL D 155 30.12 59.79 -26.90
C VAL D 155 29.37 58.71 -27.65
N ILE D 156 28.15 59.03 -28.06
CA ILE D 156 27.38 58.21 -28.98
C ILE D 156 26.62 59.17 -29.90
N SER D 157 26.05 58.70 -31.00
CA SER D 157 25.19 59.51 -31.84
C SER D 157 23.93 59.91 -31.10
N ARG D 158 23.39 61.02 -31.56
CA ARG D 158 22.18 61.56 -31.01
C ARG D 158 21.02 60.57 -31.20
N ARG D 159 20.94 59.88 -32.35
CA ARG D 159 19.87 58.92 -32.59
C ARG D 159 20.03 57.80 -31.55
N SER D 160 21.25 57.33 -31.39
CA SER D 160 21.50 56.25 -30.47
C SER D 160 21.14 56.66 -29.06
N ALA D 161 21.55 57.85 -28.63
CA ALA D 161 21.20 58.31 -27.27
C ALA D 161 19.70 58.45 -27.05
N ALA D 162 19.03 59.07 -28.01
CA ALA D 162 17.57 59.21 -27.96
C ALA D 162 16.89 57.82 -27.94
N ARG D 163 17.32 56.92 -28.83
CA ARG D 163 16.65 55.59 -28.82
C ARG D 163 16.85 54.89 -27.46
N LYS D 164 18.07 54.97 -26.90
CA LYS D 164 18.37 54.33 -25.62
C LYS D 164 17.58 54.92 -24.44
N MSE D 165 17.27 56.21 -24.49
CA MSE D 165 16.52 56.83 -23.38
C MSE D 165 15.05 56.48 -23.55
O MSE D 165 14.38 56.18 -22.60
CB MSE D 165 16.78 58.32 -23.36
CG MSE D 165 16.05 59.10 -22.36
SE MSE D 165 16.12 58.51 -20.54
CE MSE D 165 17.68 59.57 -19.92
N ILE D 166 14.57 56.44 -24.78
CA ILE D 166 13.20 56.05 -25.05
C ILE D 166 12.96 54.64 -24.56
N ASN D 167 13.84 53.73 -24.98
CA ASN D 167 13.73 52.35 -24.57
C ASN D 167 13.78 52.18 -23.05
N PHE D 168 14.58 52.97 -22.37
CA PHE D 168 14.67 52.89 -20.90
C PHE D 168 13.36 53.33 -20.22
N VAL D 169 12.78 54.41 -20.70
CA VAL D 169 11.49 54.89 -20.17
C VAL D 169 10.39 53.84 -20.45
N LEU D 170 10.41 53.20 -21.62
CA LEU D 170 9.53 52.08 -21.88
C LEU D 170 9.71 50.92 -20.89
N GLU D 171 10.97 50.59 -20.56
CA GLU D 171 11.26 49.52 -19.59
C GLU D 171 10.80 49.92 -18.18
N ILE D 172 11.05 51.17 -17.83
CA ILE D 172 10.55 51.73 -16.61
C ILE D 172 9.05 51.58 -16.50
N ALA D 173 8.32 51.95 -17.56
CA ALA D 173 6.88 51.90 -17.56
C ALA D 173 6.39 50.48 -17.45
N GLU D 174 7.01 49.58 -18.16
CA GLU D 174 6.64 48.17 -18.09
C GLU D 174 6.90 47.63 -16.65
N TYR D 175 8.00 48.07 -16.03
CA TYR D 175 8.36 47.64 -14.71
C TYR D 175 7.28 48.05 -13.67
N VAL D 176 6.98 49.33 -13.58
CA VAL D 176 6.01 49.80 -12.59
C VAL D 176 4.59 49.30 -12.84
N ARG D 177 4.20 49.22 -14.11
CA ARG D 177 2.81 48.87 -14.44
C ARG D 177 2.48 47.39 -14.31
N GLU D 178 3.52 46.54 -14.31
CA GLU D 178 3.38 45.13 -13.95
C GLU D 178 2.88 45.01 -12.49
N ARG D 179 3.35 45.92 -11.63
CA ARG D 179 2.97 45.97 -10.21
C ARG D 179 1.71 46.80 -9.98
N LYS D 180 1.63 47.96 -10.64
CA LYS D 180 0.58 48.98 -10.45
C LYS D 180 0.14 49.50 -11.83
N PRO D 181 -0.78 48.80 -12.51
CA PRO D 181 -1.24 49.13 -13.86
C PRO D 181 -1.65 50.60 -14.11
N ASP D 182 -2.16 51.30 -13.09
CA ASP D 182 -2.64 52.68 -13.24
C ASP D 182 -1.60 53.76 -12.91
N MSE D 183 -0.35 53.33 -12.69
CA MSE D 183 0.75 54.23 -12.30
C MSE D 183 0.97 55.33 -13.34
O MSE D 183 1.24 55.04 -14.49
CB MSE D 183 2.06 53.44 -12.15
CG MSE D 183 3.30 54.27 -11.66
SE MSE D 183 3.16 54.44 -9.68
CE MSE D 183 4.72 53.39 -9.34
N LEU D 184 0.90 56.58 -12.90
CA LEU D 184 1.13 57.72 -13.79
C LEU D 184 2.61 57.78 -14.16
N ILE D 185 2.90 58.05 -15.42
CA ILE D 185 4.27 58.21 -15.89
C ILE D 185 4.42 59.59 -16.54
N ILE D 186 5.31 60.39 -15.96
CA ILE D 186 5.50 61.78 -16.33
C ILE D 186 7.00 62.09 -16.54
N PRO D 187 7.48 62.00 -17.79
CA PRO D 187 8.87 62.51 -17.93
C PRO D 187 8.92 64.05 -17.73
N GLN D 188 10.06 64.55 -17.28
CA GLN D 188 10.31 65.98 -17.22
C GLN D 188 11.34 66.42 -18.30
N ASN D 189 10.91 67.38 -19.12
CA ASN D 189 11.69 67.93 -20.21
C ASN D 189 12.14 66.84 -21.18
N GLY D 190 12.98 67.23 -22.16
CA GLY D 190 13.44 66.34 -23.19
C GLY D 190 12.32 65.91 -24.12
N GLU D 191 11.26 66.73 -24.24
CA GLU D 191 10.13 66.36 -25.09
C GLU D 191 10.47 66.24 -26.60
N ASN D 192 11.45 67.00 -27.06
CA ASN D 192 12.00 66.80 -28.42
C ASN D 192 12.57 65.39 -28.69
N ILE D 193 12.69 64.56 -27.66
CA ILE D 193 13.03 63.16 -27.86
C ILE D 193 12.03 62.40 -28.75
N LEU D 194 10.79 62.88 -28.80
CA LEU D 194 9.71 62.30 -29.63
C LEU D 194 9.98 62.32 -31.14
N ASP D 195 10.87 63.22 -31.57
CA ASP D 195 11.43 63.14 -32.93
C ASP D 195 11.85 61.72 -33.27
N PHE D 196 12.45 61.01 -32.31
CA PHE D 196 12.91 59.63 -32.53
C PHE D 196 11.92 58.56 -32.07
N ASP D 197 10.76 58.96 -31.52
CA ASP D 197 9.79 57.99 -31.05
C ASP D 197 9.03 57.42 -32.25
N ASP D 198 8.61 56.15 -32.17
CA ASP D 198 7.73 55.52 -33.16
C ASP D 198 6.29 55.42 -32.73
N GLY D 199 5.86 56.25 -31.81
CA GLY D 199 4.53 56.14 -31.24
C GLY D 199 4.48 55.65 -29.80
N GLN D 200 5.37 54.71 -29.48
CA GLN D 200 5.27 53.97 -28.23
C GLN D 200 5.41 54.80 -26.98
N LEU D 201 6.40 55.68 -26.93
CA LEU D 201 6.60 56.52 -25.75
C LEU D 201 5.44 57.50 -25.54
N ALA D 202 4.97 58.16 -26.60
CA ALA D 202 3.87 59.12 -26.51
C ALA D 202 2.54 58.53 -26.00
N SER D 203 2.26 57.29 -26.38
CA SER D 203 1.06 56.56 -25.96
C SER D 203 1.21 56.03 -24.54
N THR D 204 2.46 55.69 -24.18
CA THR D 204 2.77 55.07 -22.91
C THR D 204 2.79 56.03 -21.73
N VAL D 205 3.36 57.22 -21.87
CA VAL D 205 3.29 58.21 -20.81
C VAL D 205 1.82 58.61 -20.46
N SER D 206 1.63 59.05 -19.25
CA SER D 206 0.37 59.65 -18.78
C SER D 206 0.37 61.15 -19.07
N GLY D 207 1.56 61.76 -18.99
CA GLY D 207 1.69 63.17 -19.21
C GLY D 207 3.14 63.52 -19.37
N TRP D 208 3.42 64.83 -19.36
CA TRP D 208 4.78 65.35 -19.52
C TRP D 208 4.87 66.61 -18.71
N ALA D 209 5.99 66.78 -18.02
CA ALA D 209 6.22 68.02 -17.28
C ALA D 209 7.37 68.79 -17.93
N VAL D 210 7.33 70.12 -17.86
CA VAL D 210 8.39 70.93 -18.40
C VAL D 210 8.75 72.08 -17.44
N GLU D 211 10.04 72.41 -17.39
CA GLU D 211 10.56 73.53 -16.67
C GLU D 211 10.95 74.58 -17.68
N ASN D 212 10.70 75.85 -17.36
CA ASN D 212 11.18 76.99 -18.13
C ASN D 212 10.56 77.08 -19.53
N LEU D 213 9.23 77.07 -19.62
CA LEU D 213 8.50 77.11 -20.91
C LEU D 213 8.24 78.54 -21.44
N PHE D 214 7.81 79.44 -20.55
CA PHE D 214 7.57 80.86 -20.86
C PHE D 214 8.60 81.81 -20.21
N TYR D 215 9.15 81.40 -19.07
CA TYR D 215 10.13 82.19 -18.37
C TYR D 215 11.26 81.29 -17.97
N LEU D 216 12.50 81.78 -18.08
CA LEU D 216 13.67 81.14 -17.46
C LEU D 216 13.99 81.92 -16.22
N LYS D 217 13.57 81.38 -15.08
CA LYS D 217 13.50 82.12 -13.85
C LYS D 217 12.58 83.36 -14.06
N THR D 218 13.07 84.57 -13.85
CA THR D 218 12.25 85.77 -14.02
C THR D 218 12.31 86.37 -15.43
N ILE D 219 13.15 85.81 -16.31
CA ILE D 219 13.33 86.39 -17.65
C ILE D 219 12.47 85.65 -18.68
N PRO D 220 11.66 86.39 -19.49
CA PRO D 220 10.79 85.74 -20.47
C PRO D 220 11.55 85.13 -21.64
N LEU D 221 11.09 84.00 -22.12
CA LEU D 221 11.79 83.32 -23.20
C LEU D 221 11.35 83.93 -24.52
N GLU D 222 12.09 83.63 -25.59
CA GLU D 222 11.70 84.14 -26.90
C GLU D 222 10.48 83.34 -27.35
N GLU D 223 9.53 84.00 -28.03
CA GLU D 223 8.29 83.35 -28.48
C GLU D 223 8.54 82.07 -29.27
N ASN D 224 9.50 82.11 -30.20
CA ASN D 224 9.80 80.95 -31.04
C ASN D 224 10.33 79.79 -30.24
N GLU D 225 11.10 80.11 -29.22
CA GLU D 225 11.71 79.14 -28.33
C GLU D 225 10.59 78.37 -27.60
N THR D 226 9.70 79.14 -27.01
CA THR D 226 8.49 78.63 -26.39
C THR D 226 7.61 77.88 -27.42
N LYS D 227 7.34 78.49 -28.57
CA LYS D 227 6.48 77.86 -29.59
C LYS D 227 6.95 76.44 -29.98
N SER D 228 8.25 76.25 -30.12
CA SER D 228 8.82 74.95 -30.52
C SER D 228 8.54 73.84 -29.52
N ARG D 229 8.74 74.16 -28.24
CA ARG D 229 8.38 73.26 -27.16
C ARG D 229 6.88 72.96 -27.19
N LEU D 230 6.06 74.01 -27.20
CA LEU D 230 4.60 73.80 -27.19
C LEU D 230 4.09 72.88 -28.33
N GLU D 231 4.73 72.91 -29.48
CA GLU D 231 4.40 72.01 -30.57
C GLU D 231 4.39 70.54 -30.13
N TYR D 232 5.36 70.11 -29.33
CA TYR D 232 5.35 68.75 -28.75
C TYR D 232 4.24 68.53 -27.71
N LEU D 233 4.13 69.48 -26.80
CA LEU D 233 3.24 69.38 -25.65
C LEU D 233 1.78 69.34 -26.11
N ILE D 234 1.46 70.24 -27.04
CA ILE D 234 0.12 70.37 -27.61
C ILE D 234 -0.27 69.11 -28.36
N ARG D 235 0.66 68.54 -29.11
CA ARG D 235 0.44 67.27 -29.78
C ARG D 235 0.18 66.15 -28.75
N LEU D 236 0.89 66.17 -27.61
CA LEU D 236 0.64 65.19 -26.54
C LEU D 236 -0.73 65.42 -25.86
N ASN D 237 -1.06 66.67 -25.61
CA ASN D 237 -2.33 67.02 -24.97
C ASN D 237 -3.59 66.60 -25.72
N ARG D 238 -3.49 66.62 -27.03
CA ARG D 238 -4.62 66.27 -27.87
C ARG D 238 -4.84 64.76 -27.93
N LYS D 239 -3.86 63.97 -27.51
CA LYS D 239 -4.00 62.53 -27.34
C LYS D 239 -4.32 62.16 -25.86
N GLY D 240 -4.68 63.17 -25.08
CA GLY D 240 -5.16 62.95 -23.72
C GLY D 240 -4.05 62.75 -22.72
N LYS D 241 -2.92 63.42 -22.96
CA LYS D 241 -1.80 63.42 -22.02
C LYS D 241 -1.72 64.80 -21.40
N PHE D 242 -1.77 64.89 -20.08
CA PHE D 242 -1.75 66.18 -19.38
C PHE D 242 -0.36 66.78 -19.32
N ILE D 243 -0.31 68.12 -19.31
CA ILE D 243 0.95 68.85 -19.28
C ILE D 243 1.08 69.66 -17.99
N LEU D 244 2.09 69.31 -17.20
CA LEU D 244 2.48 70.02 -16.00
C LEU D 244 3.62 71.00 -16.32
N SER D 245 3.41 72.24 -15.97
CA SER D 245 4.36 73.30 -16.21
C SER D 245 4.84 73.82 -14.89
N VAL D 246 6.16 73.87 -14.74
CA VAL D 246 6.79 74.69 -13.70
C VAL D 246 7.81 75.71 -14.26
N ASP D 247 7.52 76.99 -14.02
CA ASP D 247 8.43 78.10 -14.30
C ASP D 247 8.80 78.78 -12.99
N TYR D 248 10.11 79.02 -12.81
CA TYR D 248 10.66 79.50 -11.54
C TYR D 248 10.55 81.05 -11.48
N VAL D 249 9.31 81.56 -11.52
CA VAL D 249 9.09 83.00 -11.75
C VAL D 249 8.90 83.77 -10.47
N ASP D 250 8.76 83.08 -9.33
CA ASP D 250 8.38 83.79 -8.14
C ASP D 250 9.71 84.13 -7.47
N ASP D 251 10.00 85.42 -7.36
CA ASP D 251 11.24 85.86 -6.72
C ASP D 251 11.01 86.05 -5.23
N GLY D 252 9.84 85.64 -4.74
CA GLY D 252 9.57 85.66 -3.30
C GLY D 252 8.99 86.94 -2.81
N SER D 253 9.01 87.99 -3.62
CA SER D 253 8.50 89.31 -3.21
C SER D 253 7.02 89.46 -3.48
N ASP D 254 6.46 90.54 -2.91
CA ASP D 254 5.11 91.02 -3.08
C ASP D 254 5.03 92.15 -4.16
N SER D 255 6.11 92.29 -4.95
CA SER D 255 6.24 93.46 -5.82
C SER D 255 5.27 93.37 -6.97
N PHE D 256 4.91 94.51 -7.55
CA PHE D 256 4.02 94.54 -8.72
C PHE D 256 4.62 93.65 -9.85
N GLU D 257 5.88 93.88 -10.17
CA GLU D 257 6.43 93.18 -11.30
C GLU D 257 6.49 91.66 -11.06
N ASN D 258 6.77 91.26 -9.81
CA ASN D 258 6.78 89.85 -9.45
C ASN D 258 5.41 89.22 -9.62
N ILE D 259 4.40 89.84 -9.03
CA ILE D 259 3.04 89.30 -9.05
C ILE D 259 2.40 89.34 -10.45
N SER D 260 2.90 90.30 -11.29
CA SER D 260 2.36 90.43 -12.65
C SER D 260 2.99 89.39 -13.52
N ARG D 261 4.27 89.12 -13.25
CA ARG D 261 4.94 88.05 -13.91
C ARG D 261 4.26 86.70 -13.60
N ILE D 262 3.89 86.51 -12.33
CA ILE D 262 3.28 85.22 -11.96
C ILE D 262 1.93 85.09 -12.70
N LEU D 263 1.13 86.16 -12.67
CA LEU D 263 -0.14 86.16 -13.36
C LEU D 263 0.04 85.99 -14.85
N ASP D 264 1.07 86.60 -15.43
CA ASP D 264 1.32 86.44 -16.86
C ASP D 264 1.74 84.98 -17.24
N TYR D 265 2.60 84.37 -16.44
CA TYR D 265 2.91 82.94 -16.59
C TYR D 265 1.65 82.05 -16.49
N TYR D 266 0.82 82.32 -15.48
CA TYR D 266 -0.43 81.56 -15.33
C TYR D 266 -1.34 81.63 -16.57
N GLU D 267 -1.58 82.86 -17.03
CA GLU D 267 -2.35 83.10 -18.24
C GLU D 267 -1.84 82.37 -19.46
N LYS D 268 -0.54 82.46 -19.73
CA LYS D 268 0.11 81.79 -20.87
C LYS D 268 0.05 80.26 -20.80
N ALA D 269 0.16 79.73 -19.60
CA ALA D 269 0.19 78.29 -19.39
C ALA D 269 -1.20 77.68 -19.59
N LYS D 270 -2.18 78.23 -18.89
CA LYS D 270 -3.59 77.82 -19.02
C LYS D 270 -4.11 78.05 -20.43
N ARG D 271 -3.65 79.11 -21.08
CA ARG D 271 -3.97 79.36 -22.48
C ARG D 271 -3.45 78.28 -23.44
N ASN D 272 -2.42 77.56 -23.05
CA ASN D 272 -1.80 76.58 -23.91
C ASN D 272 -1.95 75.18 -23.36
N GLY D 273 -3.00 74.95 -22.57
CA GLY D 273 -3.26 73.60 -22.01
C GLY D 273 -2.29 73.07 -20.96
N CYS D 274 -1.52 73.97 -20.34
CA CYS D 274 -0.54 73.57 -19.31
C CYS D 274 -1.02 73.95 -17.92
N ILE D 275 -0.75 73.07 -16.96
CA ILE D 275 -1.19 73.27 -15.58
C ILE D 275 0.01 73.91 -14.88
N PRO D 276 -0.15 75.19 -14.45
CA PRO D 276 1.01 75.91 -13.97
C PRO D 276 1.29 75.73 -12.50
N TYR D 277 2.58 75.77 -12.16
CA TYR D 277 3.03 75.95 -10.78
C TYR D 277 4.13 76.99 -10.85
N ALA D 278 3.94 78.14 -10.19
CA ALA D 278 4.95 79.19 -10.12
C ALA D 278 5.91 78.84 -8.99
N ALA D 279 7.11 78.42 -9.36
CA ALA D 279 8.10 77.99 -8.38
C ALA D 279 8.98 79.17 -8.03
N ARG D 280 9.62 79.11 -6.84
CA ARG D 280 10.51 80.18 -6.42
C ARG D 280 11.76 80.21 -7.28
N SER D 281 12.22 81.41 -7.61
CA SER D 281 13.33 81.59 -8.54
C SER D 281 14.71 81.11 -8.07
N ASP D 282 14.84 80.65 -6.82
CA ASP D 282 16.10 80.08 -6.31
C ASP D 282 16.27 78.61 -6.65
N LEU D 283 15.25 78.00 -7.27
CA LEU D 283 15.27 76.60 -7.75
C LEU D 283 15.26 75.50 -6.66
N GLU D 284 15.15 75.89 -5.40
CA GLU D 284 15.27 74.93 -4.30
C GLU D 284 14.08 73.96 -4.15
N LEU D 285 12.88 74.38 -4.58
CA LEU D 285 11.68 73.56 -4.42
C LEU D 285 11.57 73.03 -2.99
N ASP D 286 11.84 73.91 -2.02
CA ASP D 286 12.04 73.51 -0.63
C ASP D 286 10.93 73.96 0.28
N GLU D 287 9.83 74.40 -0.35
CA GLU D 287 8.69 74.87 0.38
C GLU D 287 7.48 74.73 -0.51
N MSE D 288 6.32 74.52 0.12
CA MSE D 288 5.03 74.53 -0.58
C MSE D 288 4.74 76.00 -0.88
O MSE D 288 4.46 76.76 0.04
CB MSE D 288 3.92 73.91 0.30
CG MSE D 288 2.63 73.62 -0.45
SE MSE D 288 1.28 72.73 0.68
CE MSE D 288 0.77 74.22 1.86
N ASN D 289 4.84 76.39 -2.15
CA ASN D 289 4.76 77.79 -2.53
C ASN D 289 3.31 78.19 -2.73
N VAL D 290 2.75 78.80 -1.71
CA VAL D 290 1.39 79.32 -1.74
C VAL D 290 1.45 80.80 -2.07
N ILE D 291 0.61 81.20 -3.03
CA ILE D 291 0.50 82.57 -3.49
C ILE D 291 -0.94 83.06 -3.31
N GLU D 292 -1.15 83.95 -2.35
CA GLU D 292 -2.50 84.43 -1.99
C GLU D 292 -3.31 84.93 -3.21
N GLY D 293 -4.50 84.35 -3.39
CA GLY D 293 -5.38 84.64 -4.52
C GLY D 293 -5.09 83.87 -5.82
N ILE D 294 -3.93 83.23 -5.91
CA ILE D 294 -3.45 82.68 -7.18
C ILE D 294 -3.12 81.19 -7.13
N GLN D 295 -2.34 80.77 -6.12
CA GLN D 295 -1.74 79.42 -6.07
C GLN D 295 -1.85 78.77 -4.67
N PRO D 296 -2.63 77.69 -4.51
CA PRO D 296 -3.55 77.10 -5.50
C PRO D 296 -4.69 78.07 -5.86
N PRO D 297 -5.41 77.81 -6.98
CA PRO D 297 -6.38 78.81 -7.41
C PRO D 297 -7.57 78.82 -6.48
N GLU D 298 -8.24 79.96 -6.43
CA GLU D 298 -9.48 80.11 -5.69
C GLU D 298 -10.56 79.18 -6.26
N THR E 13 -64.23 -36.39 32.99
CA THR E 13 -64.53 -37.86 32.98
C THR E 13 -64.72 -38.42 34.41
N GLU E 14 -65.83 -38.06 35.07
CA GLU E 14 -66.11 -38.59 36.43
C GLU E 14 -66.21 -40.14 36.46
N GLY E 15 -66.39 -40.77 35.29
CA GLY E 15 -65.94 -42.16 35.06
C GLY E 15 -64.42 -42.28 35.07
N TRP E 16 -63.80 -42.01 36.22
CA TRP E 16 -62.36 -42.05 36.34
C TRP E 16 -61.91 -43.51 36.35
N PHE E 17 -60.72 -43.77 35.84
CA PHE E 17 -60.18 -45.12 35.88
C PHE E 17 -59.47 -45.27 37.20
N MSE E 18 -60.05 -46.07 38.09
CA MSE E 18 -59.54 -46.25 39.44
C MSE E 18 -59.74 -47.70 39.85
O MSE E 18 -60.73 -48.05 40.47
CB MSE E 18 -60.26 -45.30 40.39
CG MSE E 18 -59.74 -43.83 40.34
SE MSE E 18 -61.12 -42.77 41.15
CE MSE E 18 -60.57 -42.97 43.02
N PRO E 19 -58.80 -48.58 39.45
CA PRO E 19 -58.93 -50.03 39.62
C PRO E 19 -58.54 -50.58 41.00
N PHE E 20 -57.98 -49.75 41.88
CA PHE E 20 -57.77 -50.12 43.28
C PHE E 20 -58.60 -49.17 44.12
N ASP E 21 -59.13 -49.66 45.24
CA ASP E 21 -59.93 -48.81 46.09
C ASP E 21 -59.07 -48.04 47.07
N ASN E 22 -57.77 -48.36 47.10
CA ASN E 22 -56.82 -47.71 47.98
C ASN E 22 -55.42 -48.12 47.55
N TRP E 23 -54.41 -47.58 48.23
CA TRP E 23 -53.06 -48.13 48.18
C TRP E 23 -52.25 -47.80 49.43
N LEU E 24 -51.15 -48.52 49.63
CA LEU E 24 -50.28 -48.31 50.77
C LEU E 24 -48.86 -47.98 50.31
N TYR E 25 -48.28 -46.93 50.88
CA TYR E 25 -46.89 -46.61 50.66
C TYR E 25 -46.12 -46.67 52.00
N GLN E 26 -45.18 -47.61 52.10
CA GLN E 26 -44.46 -47.87 53.36
C GLN E 26 -43.07 -48.41 53.02
N LEU E 27 -42.08 -47.54 53.20
CA LEU E 27 -40.70 -47.82 52.84
C LEU E 27 -39.81 -48.26 54.02
N GLN E 28 -40.33 -48.18 55.24
CA GLN E 28 -39.63 -48.66 56.41
C GLN E 28 -40.62 -49.48 57.23
N ASN E 29 -40.11 -50.54 57.86
CA ASN E 29 -40.87 -51.42 58.77
C ASN E 29 -42.08 -52.13 58.14
N ALA E 30 -42.05 -52.41 56.84
CA ALA E 30 -43.18 -53.11 56.23
C ALA E 30 -43.22 -54.57 56.70
N ASP E 31 -44.38 -55.00 57.25
CA ASP E 31 -44.63 -56.37 57.68
C ASP E 31 -45.63 -57.04 56.72
N PRO E 32 -45.15 -58.00 55.90
CA PRO E 32 -46.08 -58.65 54.98
C PRO E 32 -47.34 -59.23 55.62
N VAL E 33 -47.23 -59.77 56.84
CA VAL E 33 -48.38 -60.29 57.59
C VAL E 33 -49.38 -59.21 58.05
N GLU E 34 -48.89 -58.05 58.47
CA GLU E 34 -49.76 -56.94 58.82
C GLU E 34 -50.44 -56.37 57.58
N ILE E 35 -49.71 -56.28 56.47
CA ILE E 35 -50.25 -55.78 55.21
C ILE E 35 -51.32 -56.72 54.59
N SER E 36 -51.03 -58.02 54.63
CA SER E 36 -51.89 -59.00 54.02
C SER E 36 -53.32 -58.96 54.56
N SER E 37 -53.48 -58.69 55.85
CA SER E 37 -54.80 -58.64 56.47
C SER E 37 -55.33 -57.22 56.68
N SER E 38 -54.71 -56.22 56.06
CA SER E 38 -55.04 -54.82 56.33
C SER E 38 -56.23 -54.28 55.56
N GLY E 39 -56.51 -54.87 54.41
CA GLY E 39 -57.50 -54.31 53.46
C GLY E 39 -56.89 -53.42 52.39
N PHE E 40 -55.61 -53.12 52.47
CA PHE E 40 -54.96 -52.39 51.38
C PHE E 40 -54.79 -53.34 50.22
N GLU E 41 -55.12 -52.90 48.99
CA GLU E 41 -55.16 -53.75 47.78
C GLU E 41 -53.83 -53.81 47.03
N ILE E 42 -53.08 -52.72 47.08
CA ILE E 42 -51.76 -52.64 46.47
C ILE E 42 -50.86 -51.95 47.47
N ALA E 43 -49.63 -52.45 47.59
CA ALA E 43 -48.68 -51.95 48.56
C ALA E 43 -47.31 -51.74 47.93
N VAL E 44 -46.87 -50.49 47.99
CA VAL E 44 -45.58 -50.07 47.51
C VAL E 44 -44.65 -50.09 48.75
N ILE E 45 -43.67 -50.97 48.71
CA ILE E 45 -42.78 -51.14 49.82
C ILE E 45 -41.37 -51.22 49.25
N ASP E 46 -40.39 -51.25 50.16
CA ASP E 46 -39.01 -51.45 49.78
C ASP E 46 -38.80 -52.95 49.60
N TYR E 47 -37.79 -53.32 48.83
CA TYR E 47 -37.48 -54.69 48.57
C TYR E 47 -36.72 -55.34 49.74
N SER E 48 -36.41 -54.53 50.74
CA SER E 48 -35.68 -54.98 51.91
C SER E 48 -36.30 -54.44 53.16
N LYS E 49 -36.22 -55.23 54.22
CA LYS E 49 -36.77 -54.89 55.50
C LYS E 49 -36.09 -53.67 56.16
N ASP E 50 -34.87 -53.36 55.73
CA ASP E 50 -34.14 -52.24 56.28
C ASP E 50 -33.37 -51.48 55.19
N GLY E 51 -33.70 -51.68 53.91
CA GLY E 51 -32.93 -51.11 52.81
C GLY E 51 -31.66 -51.87 52.42
N SER E 52 -31.10 -52.67 53.33
CA SER E 52 -29.82 -53.33 53.09
C SER E 52 -29.99 -54.72 52.44
N GLU E 53 -28.89 -55.28 51.96
CA GLU E 53 -28.89 -56.58 51.29
C GLU E 53 -29.32 -57.70 52.22
N SER E 54 -28.82 -57.70 53.45
CA SER E 54 -29.17 -58.68 54.47
C SER E 54 -30.67 -58.69 54.83
N GLY E 55 -31.37 -57.57 54.60
CA GLY E 55 -32.79 -57.46 54.92
C GLY E 55 -33.73 -57.77 53.78
N GLU E 56 -33.19 -58.20 52.65
CA GLU E 56 -34.02 -58.50 51.49
C GLU E 56 -35.13 -59.49 51.85
N TYR E 57 -36.38 -59.09 51.63
CA TYR E 57 -37.50 -60.01 51.78
C TYR E 57 -37.30 -61.29 50.95
N SER E 58 -37.74 -62.42 51.49
CA SER E 58 -37.68 -63.67 50.76
C SER E 58 -38.92 -63.75 49.89
N PRO E 59 -38.90 -64.61 48.86
CA PRO E 59 -40.08 -64.96 48.06
C PRO E 59 -41.31 -65.37 48.88
N GLU E 60 -41.07 -66.13 49.93
CA GLU E 60 -42.11 -66.60 50.84
C GLU E 60 -42.77 -65.40 51.51
N GLU E 61 -41.96 -64.45 51.99
CA GLU E 61 -42.50 -63.26 52.65
C GLU E 61 -43.38 -62.43 51.73
N ILE E 62 -42.92 -62.25 50.50
CA ILE E 62 -43.70 -61.54 49.48
C ILE E 62 -44.98 -62.31 49.11
N LYS E 63 -44.90 -63.63 49.12
CA LYS E 63 -46.01 -64.48 48.70
C LYS E 63 -47.20 -64.43 49.70
N ILE E 64 -46.92 -64.13 50.96
CA ILE E 64 -47.97 -63.94 51.97
C ILE E 64 -48.98 -62.89 51.52
N MSE E 65 -48.47 -61.79 51.00
CA MSE E 65 -49.32 -60.73 50.46
C MSE E 65 -50.01 -61.17 49.13
O MSE E 65 -51.19 -60.93 48.94
CB MSE E 65 -48.52 -59.44 50.28
CG MSE E 65 -47.96 -58.84 51.59
SE MSE E 65 -46.75 -57.29 51.20
CE MSE E 65 -45.27 -58.16 50.32
N VAL E 66 -49.26 -61.83 48.25
CA VAL E 66 -49.83 -62.31 46.99
C VAL E 66 -50.99 -63.29 47.24
N ASP E 67 -50.77 -64.24 48.15
CA ASP E 67 -51.80 -65.23 48.55
C ASP E 67 -53.03 -64.59 49.17
N ALA E 68 -52.80 -63.54 49.95
CA ALA E 68 -53.89 -62.74 50.50
C ALA E 68 -54.57 -61.82 49.47
N GLY E 69 -54.17 -61.86 48.19
CA GLY E 69 -54.75 -60.98 47.17
C GLY E 69 -54.23 -59.54 47.09
N VAL E 70 -53.21 -59.20 47.87
CA VAL E 70 -52.57 -57.89 47.77
C VAL E 70 -51.52 -57.87 46.66
N VAL E 71 -51.45 -56.77 45.90
CA VAL E 71 -50.41 -56.61 44.88
C VAL E 71 -49.16 -55.87 45.45
N PRO E 72 -48.07 -56.63 45.62
CA PRO E 72 -46.87 -55.98 46.15
C PRO E 72 -46.05 -55.34 45.04
N VAL E 73 -45.61 -54.12 45.28
CA VAL E 73 -44.84 -53.33 44.34
C VAL E 73 -43.56 -52.83 45.03
N ALA E 74 -42.44 -52.94 44.32
CA ALA E 74 -41.14 -52.55 44.86
C ALA E 74 -40.74 -51.10 44.44
N TYR E 75 -40.49 -50.27 45.45
CA TYR E 75 -39.78 -49.01 45.28
C TYR E 75 -38.36 -49.24 44.72
N VAL E 76 -38.04 -48.54 43.64
CA VAL E 76 -36.65 -48.55 43.10
C VAL E 76 -36.31 -47.13 42.70
N ASN E 77 -35.25 -46.59 43.27
CA ASN E 77 -34.80 -45.25 42.94
C ASN E 77 -33.79 -45.34 41.77
N ILE E 78 -34.22 -44.86 40.61
CA ILE E 78 -33.47 -44.99 39.38
C ILE E 78 -32.71 -43.72 38.99
N GLY E 79 -32.88 -42.65 39.77
CA GLY E 79 -32.26 -41.37 39.46
C GLY E 79 -31.22 -40.91 40.47
N GLN E 80 -31.01 -41.70 41.52
CA GLN E 80 -30.04 -41.46 42.58
C GLN E 80 -29.53 -42.77 43.12
N ALA E 81 -28.29 -42.76 43.61
CA ALA E 81 -27.70 -43.91 44.31
C ALA E 81 -27.92 -43.75 45.79
N GLU E 82 -28.12 -44.88 46.49
CA GLU E 82 -28.41 -44.89 47.94
C GLU E 82 -27.31 -45.65 48.64
N ASP E 83 -26.68 -45.01 49.63
CA ASP E 83 -25.37 -45.49 50.14
C ASP E 83 -25.43 -46.74 51.04
N TYR E 84 -26.65 -47.24 51.28
CA TYR E 84 -26.91 -48.44 52.08
C TYR E 84 -27.32 -49.61 51.18
N ARG E 85 -27.50 -49.37 49.88
CA ARG E 85 -27.87 -50.45 48.96
C ARG E 85 -26.76 -51.45 48.70
N PHE E 86 -27.17 -52.64 48.22
CA PHE E 86 -26.25 -53.75 47.98
C PHE E 86 -25.18 -53.35 46.99
N TYR E 87 -25.50 -52.38 46.13
CA TYR E 87 -24.60 -52.05 45.01
C TYR E 87 -23.49 -51.04 45.38
N TRP E 88 -23.58 -50.47 46.57
CA TRP E 88 -22.74 -49.35 46.89
C TRP E 88 -21.32 -49.85 47.14
N LYS E 89 -20.35 -49.13 46.60
CA LYS E 89 -18.95 -49.41 46.85
C LYS E 89 -18.32 -48.35 47.74
N GLU E 90 -17.61 -48.82 48.75
CA GLU E 90 -16.85 -47.96 49.64
C GLU E 90 -15.81 -47.16 48.88
N SER E 91 -15.21 -47.77 47.87
CA SER E 91 -14.17 -47.07 47.06
C SER E 91 -14.71 -45.84 46.33
N TRP E 92 -16.02 -45.76 46.12
CA TRP E 92 -16.64 -44.59 45.51
C TRP E 92 -16.44 -43.30 46.30
N TYR E 93 -16.20 -43.39 47.60
CA TYR E 93 -15.85 -42.21 48.39
C TYR E 93 -14.52 -41.60 47.98
N THR E 94 -13.61 -42.45 47.56
CA THR E 94 -12.20 -42.06 47.35
C THR E 94 -11.90 -41.92 45.87
N ASN E 95 -12.40 -42.87 45.08
CA ASN E 95 -12.32 -42.84 43.63
C ASN E 95 -13.74 -42.87 43.06
N THR E 96 -14.26 -41.67 42.87
CA THR E 96 -15.65 -41.46 42.58
C THR E 96 -15.90 -41.61 41.09
N PRO E 97 -16.81 -42.51 40.69
CA PRO E 97 -17.14 -42.64 39.27
C PRO E 97 -17.74 -41.38 38.69
N GLU E 98 -17.49 -41.17 37.40
CA GLU E 98 -17.95 -39.97 36.67
C GLU E 98 -19.47 -39.76 36.78
N TRP E 99 -20.20 -40.87 36.83
CA TRP E 99 -21.64 -40.84 36.88
C TRP E 99 -22.20 -40.58 38.26
N LEU E 100 -21.36 -40.67 39.28
CA LEU E 100 -21.81 -40.50 40.68
C LEU E 100 -21.65 -39.03 41.11
N GLY E 101 -22.78 -38.32 41.23
CA GLY E 101 -22.75 -36.90 41.59
C GLY E 101 -22.89 -36.57 43.07
N GLU E 102 -23.41 -35.38 43.33
CA GLU E 102 -23.45 -34.84 44.67
C GLU E 102 -24.56 -35.46 45.50
N GLU E 103 -24.33 -35.43 46.81
CA GLU E 103 -25.30 -35.86 47.79
C GLU E 103 -26.50 -34.91 47.77
N ASP E 104 -27.69 -35.49 47.83
CA ASP E 104 -28.90 -34.73 47.89
C ASP E 104 -29.06 -34.10 49.29
N PRO E 105 -29.03 -32.77 49.38
CA PRO E 105 -29.09 -32.16 50.71
C PRO E 105 -30.40 -32.44 51.44
N ALA E 106 -31.45 -32.63 50.65
CA ALA E 106 -32.77 -32.94 51.18
C ALA E 106 -32.89 -34.41 51.67
N TRP E 107 -32.00 -35.28 51.19
CA TRP E 107 -32.05 -36.75 51.42
C TRP E 107 -30.67 -37.28 51.66
N PRO E 108 -30.11 -37.00 52.85
CA PRO E 108 -28.80 -37.52 53.17
C PRO E 108 -28.68 -39.02 52.87
N GLY E 109 -27.60 -39.40 52.21
CA GLY E 109 -27.41 -40.80 51.84
C GLY E 109 -27.72 -41.08 50.41
N ASN E 110 -28.47 -40.18 49.78
CA ASN E 110 -28.76 -40.31 48.38
C ASN E 110 -27.88 -39.36 47.59
N TYR E 111 -27.48 -39.78 46.38
CA TYR E 111 -26.55 -39.05 45.52
C TYR E 111 -27.16 -39.03 44.13
N PHE E 112 -27.26 -37.84 43.52
CA PHE E 112 -27.70 -37.76 42.10
C PHE E 112 -26.73 -38.56 41.21
N VAL E 113 -27.26 -39.27 40.23
CA VAL E 113 -26.43 -40.05 39.29
C VAL E 113 -26.69 -39.69 37.83
N LYS E 114 -25.64 -39.71 37.03
CA LYS E 114 -25.77 -39.58 35.61
C LYS E 114 -26.31 -40.93 35.07
N TYR E 115 -27.63 -41.05 35.11
CA TYR E 115 -28.37 -42.26 34.97
C TYR E 115 -28.28 -42.88 33.61
N TRP E 116 -27.77 -42.12 32.65
CA TRP E 116 -27.62 -42.58 31.29
C TRP E 116 -26.33 -43.36 31.02
N TYR E 117 -25.45 -43.42 32.01
CA TYR E 117 -24.21 -44.16 31.91
C TYR E 117 -24.52 -45.63 32.04
N ASN E 118 -23.78 -46.46 31.30
CA ASN E 118 -23.94 -47.89 31.32
C ASN E 118 -23.87 -48.42 32.71
N GLU E 119 -22.87 -47.99 33.49
CA GLU E 119 -22.62 -48.56 34.82
C GLU E 119 -23.85 -48.45 35.75
N TRP E 120 -24.48 -47.28 35.74
CA TRP E 120 -25.66 -47.07 36.54
C TRP E 120 -26.85 -47.90 36.05
N LYS E 121 -27.09 -47.91 34.74
CA LYS E 121 -28.19 -48.70 34.17
C LYS E 121 -28.09 -50.16 34.57
N GLU E 122 -26.86 -50.68 34.50
CA GLU E 122 -26.59 -52.05 34.88
C GLU E 122 -26.75 -52.29 36.39
N ILE E 123 -26.42 -51.30 37.23
CA ILE E 123 -26.75 -51.41 38.64
C ILE E 123 -28.27 -51.54 38.81
N VAL E 124 -29.03 -50.73 38.10
CA VAL E 124 -30.49 -50.84 38.15
C VAL E 124 -31.03 -52.17 37.62
N PHE E 125 -30.49 -52.68 36.51
CA PHE E 125 -30.94 -54.00 36.02
C PHE E 125 -30.72 -55.09 37.05
N SER E 126 -29.56 -55.05 37.76
CA SER E 126 -29.22 -56.03 38.83
C SER E 126 -30.16 -55.94 40.04
N TYR E 127 -30.51 -54.72 40.43
CA TYR E 127 -31.53 -54.47 41.43
C TYR E 127 -32.85 -55.12 40.99
N LEU E 128 -33.33 -54.76 39.79
CA LEU E 128 -34.51 -55.38 39.18
C LEU E 128 -34.48 -56.90 39.08
N ASP E 129 -33.33 -57.47 38.71
CA ASP E 129 -33.14 -58.91 38.77
C ASP E 129 -33.59 -59.52 40.11
N ARG E 130 -33.17 -58.87 41.20
CA ARG E 130 -33.48 -59.37 42.54
C ARG E 130 -34.96 -59.27 42.83
N VAL E 131 -35.50 -58.10 42.53
CA VAL E 131 -36.90 -57.77 42.72
C VAL E 131 -37.81 -58.77 42.02
N ILE E 132 -37.48 -59.11 40.77
CA ILE E 132 -38.24 -60.08 39.99
C ILE E 132 -38.29 -61.43 40.74
N ASP E 133 -37.14 -61.91 41.17
CA ASP E 133 -37.02 -63.20 41.83
C ASP E 133 -37.69 -63.26 43.19
N GLN E 134 -37.84 -62.11 43.86
CA GLN E 134 -38.67 -62.03 45.07
C GLN E 134 -40.18 -62.23 44.86
N GLY E 135 -40.66 -62.09 43.64
CA GLY E 135 -42.08 -62.23 43.35
C GLY E 135 -42.91 -60.95 43.37
N PHE E 136 -42.25 -59.81 43.31
CA PHE E 136 -42.96 -58.55 43.10
C PHE E 136 -43.75 -58.52 41.78
N LYS E 137 -44.91 -57.88 41.86
CA LYS E 137 -45.83 -57.76 40.75
C LYS E 137 -45.75 -56.39 40.07
N GLY E 138 -44.95 -55.49 40.65
CA GLY E 138 -44.70 -54.21 40.03
C GLY E 138 -43.45 -53.54 40.53
N ILE E 139 -43.12 -52.45 39.85
CA ILE E 139 -42.02 -51.57 40.21
C ILE E 139 -42.49 -50.11 40.22
N TYR E 140 -41.96 -49.36 41.19
CA TYR E 140 -42.32 -47.96 41.50
C TYR E 140 -41.03 -47.18 41.44
N LEU E 141 -40.86 -46.43 40.36
CA LEU E 141 -39.57 -45.84 39.98
C LEU E 141 -39.47 -44.40 40.43
N ASP E 142 -38.60 -44.17 41.42
CA ASP E 142 -38.38 -42.83 41.94
C ASP E 142 -37.25 -42.07 41.24
N ARG E 143 -37.35 -40.76 41.34
CA ARG E 143 -36.37 -39.79 40.88
C ARG E 143 -36.22 -39.80 39.37
N ILE E 144 -37.37 -39.94 38.73
CA ILE E 144 -37.58 -39.53 37.33
C ILE E 144 -37.12 -38.07 37.16
N ASP E 145 -37.42 -37.24 38.16
CA ASP E 145 -37.04 -35.82 38.15
C ASP E 145 -35.53 -35.56 38.22
N SER E 146 -34.67 -36.58 38.29
CA SER E 146 -33.21 -36.35 38.10
C SER E 146 -32.94 -35.76 36.72
N PHE E 147 -33.86 -35.94 35.76
CA PHE E 147 -33.71 -35.28 34.46
C PHE E 147 -33.63 -33.77 34.64
N GLU E 148 -34.46 -33.23 35.53
CA GLU E 148 -34.45 -31.80 35.79
C GLU E 148 -33.18 -31.34 36.54
N TYR E 149 -32.67 -32.18 37.44
CA TYR E 149 -31.48 -31.85 38.20
C TYR E 149 -30.27 -31.64 37.28
N TRP E 150 -30.07 -32.55 36.35
CA TRP E 150 -28.92 -32.42 35.47
C TRP E 150 -29.10 -31.29 34.44
N ALA E 151 -30.33 -31.06 34.01
CA ALA E 151 -30.62 -29.95 33.14
C ALA E 151 -30.32 -28.62 33.86
N GLN E 152 -30.82 -28.47 35.08
CA GLN E 152 -30.61 -27.25 35.89
C GLN E 152 -29.14 -27.02 36.21
N GLU E 153 -28.35 -28.09 36.31
CA GLU E 153 -26.89 -27.97 36.45
C GLU E 153 -26.15 -27.62 35.16
N GLY E 154 -26.84 -27.60 34.01
CA GLY E 154 -26.19 -27.29 32.72
C GLY E 154 -25.23 -28.33 32.18
N VAL E 155 -25.32 -29.54 32.74
CA VAL E 155 -24.44 -30.64 32.41
C VAL E 155 -24.74 -31.26 31.00
N ILE E 156 -26.04 -31.29 30.68
CA ILE E 156 -26.59 -31.66 29.36
C ILE E 156 -27.88 -30.88 29.17
N SER E 157 -28.43 -30.87 27.94
CA SER E 157 -29.65 -30.07 27.66
C SER E 157 -30.83 -30.68 28.34
N ARG E 158 -31.91 -29.91 28.52
CA ARG E 158 -33.10 -30.45 29.14
C ARG E 158 -33.76 -31.54 28.26
N ARG E 159 -33.79 -31.32 26.94
CA ARG E 159 -34.27 -32.37 26.03
C ARG E 159 -33.41 -33.64 26.05
N SER E 160 -32.09 -33.49 26.03
CA SER E 160 -31.21 -34.64 26.17
C SER E 160 -31.48 -35.39 27.48
N ALA E 161 -31.60 -34.67 28.59
CA ALA E 161 -31.85 -35.34 29.86
C ALA E 161 -33.19 -36.04 29.90
N ALA E 162 -34.23 -35.36 29.46
CA ALA E 162 -35.56 -35.97 29.35
C ALA E 162 -35.57 -37.21 28.44
N ARG E 163 -35.00 -37.11 27.26
CA ARG E 163 -34.98 -38.27 26.39
C ARG E 163 -34.26 -39.44 26.98
N LYS E 164 -33.18 -39.17 27.72
CA LYS E 164 -32.34 -40.20 28.26
C LYS E 164 -33.08 -40.93 29.35
N MSE E 165 -33.87 -40.17 30.11
CA MSE E 165 -34.59 -40.72 31.22
C MSE E 165 -35.79 -41.50 30.71
O MSE E 165 -36.05 -42.60 31.18
CB MSE E 165 -34.99 -39.61 32.21
CG MSE E 165 -35.91 -40.10 33.36
SE MSE E 165 -35.24 -41.63 34.45
CE MSE E 165 -34.12 -40.44 35.69
N ILE E 166 -36.51 -40.95 29.73
CA ILE E 166 -37.56 -41.70 29.05
C ILE E 166 -37.04 -43.04 28.52
N ASN E 167 -35.97 -43.00 27.73
CA ASN E 167 -35.37 -44.22 27.19
C ASN E 167 -34.97 -45.23 28.24
N PHE E 168 -34.45 -44.78 29.37
CA PHE E 168 -34.07 -45.67 30.47
C PHE E 168 -35.26 -46.44 31.06
N VAL E 169 -36.39 -45.75 31.18
CA VAL E 169 -37.62 -46.37 31.67
C VAL E 169 -38.10 -47.41 30.67
N LEU E 170 -37.95 -47.10 29.39
CA LEU E 170 -38.38 -48.03 28.36
C LEU E 170 -37.53 -49.31 28.37
N GLU E 171 -36.22 -49.17 28.66
CA GLU E 171 -35.29 -50.28 28.73
C GLU E 171 -35.54 -51.09 30.01
N ILE E 172 -35.86 -50.40 31.09
CA ILE E 172 -36.31 -51.04 32.32
C ILE E 172 -37.56 -51.86 32.12
N ALA E 173 -38.52 -51.30 31.39
CA ALA E 173 -39.75 -52.04 31.02
C ALA E 173 -39.42 -53.29 30.28
N GLU E 174 -38.54 -53.17 29.32
CA GLU E 174 -38.24 -54.29 28.45
C GLU E 174 -37.50 -55.38 29.25
N TYR E 175 -36.62 -54.95 30.16
CA TYR E 175 -35.90 -55.87 31.03
C TYR E 175 -36.88 -56.70 31.90
N VAL E 176 -37.75 -56.01 32.65
CA VAL E 176 -38.62 -56.71 33.58
C VAL E 176 -39.74 -57.48 32.89
N ARG E 177 -40.30 -56.94 31.82
CA ARG E 177 -41.39 -57.62 31.12
C ARG E 177 -40.94 -58.76 30.22
N GLU E 178 -39.63 -58.92 30.00
CA GLU E 178 -39.09 -60.11 29.32
C GLU E 178 -39.24 -61.30 30.23
N ARG E 179 -39.18 -61.07 31.52
CA ARG E 179 -39.34 -62.14 32.50
C ARG E 179 -40.74 -62.27 33.11
N LYS E 180 -41.45 -61.16 33.21
CA LYS E 180 -42.74 -61.07 33.86
C LYS E 180 -43.57 -60.06 33.04
N PRO E 181 -44.20 -60.54 31.94
CA PRO E 181 -44.94 -59.69 31.00
C PRO E 181 -46.02 -58.77 31.56
N ASP E 182 -46.60 -59.07 32.72
CA ASP E 182 -47.68 -58.25 33.29
C ASP E 182 -47.18 -57.30 34.37
N MSE E 183 -45.87 -57.26 34.55
CA MSE E 183 -45.29 -56.46 35.59
C MSE E 183 -45.87 -55.07 35.49
O MSE E 183 -45.96 -54.54 34.41
CB MSE E 183 -43.77 -56.38 35.44
CG MSE E 183 -43.10 -55.62 36.57
SE MSE E 183 -42.94 -56.69 38.16
CE MSE E 183 -41.09 -56.99 37.96
N LEU E 184 -46.30 -54.50 36.61
CA LEU E 184 -46.71 -53.12 36.62
C LEU E 184 -45.51 -52.21 36.67
N ILE E 185 -45.63 -51.04 36.06
CA ILE E 185 -44.57 -50.07 36.05
C ILE E 185 -45.14 -48.72 36.37
N ILE E 186 -44.64 -48.13 37.47
CA ILE E 186 -45.22 -46.91 38.03
C ILE E 186 -44.15 -45.86 38.33
N PRO E 187 -43.93 -44.90 37.39
CA PRO E 187 -43.02 -43.82 37.74
C PRO E 187 -43.60 -42.96 38.86
N GLN E 188 -42.71 -42.48 39.76
CA GLN E 188 -43.07 -41.48 40.77
C GLN E 188 -42.60 -40.05 40.41
N ASN E 189 -43.54 -39.12 40.34
CA ASN E 189 -43.26 -37.74 39.98
C ASN E 189 -42.60 -37.61 38.57
N GLY E 190 -42.01 -36.46 38.27
CA GLY E 190 -41.43 -36.22 36.96
C GLY E 190 -42.41 -36.31 35.81
N GLU E 191 -43.71 -36.12 36.09
CA GLU E 191 -44.75 -36.39 35.06
C GLU E 191 -44.65 -35.40 33.89
N ASN E 192 -44.14 -34.22 34.17
CA ASN E 192 -43.81 -33.26 33.13
C ASN E 192 -42.75 -33.72 32.13
N ILE E 193 -42.10 -34.84 32.38
CA ILE E 193 -41.20 -35.45 31.41
C ILE E 193 -41.94 -35.80 30.14
N LEU E 194 -43.25 -35.94 30.24
CA LEU E 194 -44.11 -36.32 29.12
C LEU E 194 -44.27 -35.24 28.07
N ASP E 195 -43.83 -34.00 28.35
CA ASP E 195 -43.65 -33.00 27.28
C ASP E 195 -42.76 -33.50 26.13
N PHE E 196 -41.80 -34.37 26.47
CA PHE E 196 -40.87 -34.95 25.54
C PHE E 196 -41.25 -36.38 25.08
N ASP E 197 -42.37 -36.92 25.56
CA ASP E 197 -42.78 -38.28 25.18
C ASP E 197 -43.41 -38.23 23.79
N ASP E 198 -43.11 -39.23 22.97
CA ASP E 198 -43.77 -39.43 21.65
C ASP E 198 -45.00 -40.34 21.74
N GLY E 199 -45.41 -40.68 22.95
CA GLY E 199 -46.53 -41.59 23.18
C GLY E 199 -46.11 -42.91 23.76
N GLN E 200 -44.86 -43.32 23.52
CA GLN E 200 -44.44 -44.65 23.89
C GLN E 200 -44.34 -44.87 25.42
N LEU E 201 -43.86 -43.89 26.17
CA LEU E 201 -43.79 -44.05 27.62
C LEU E 201 -45.18 -44.13 28.22
N ALA E 202 -46.05 -43.19 27.88
CA ALA E 202 -47.41 -43.16 28.36
C ALA E 202 -48.12 -44.50 28.11
N SER E 203 -47.90 -45.07 26.93
CA SER E 203 -48.48 -46.38 26.64
C SER E 203 -47.77 -47.49 27.42
N THR E 204 -46.49 -47.35 27.73
CA THR E 204 -45.76 -48.40 28.45
C THR E 204 -46.04 -48.48 29.97
N VAL E 205 -46.24 -47.34 30.61
CA VAL E 205 -46.51 -47.35 32.01
C VAL E 205 -47.84 -48.02 32.34
N SER E 206 -47.95 -48.56 33.55
CA SER E 206 -49.24 -49.09 34.08
C SER E 206 -50.04 -47.97 34.75
N GLY E 207 -49.30 -47.09 35.38
CA GLY E 207 -49.83 -45.99 36.13
C GLY E 207 -48.70 -45.02 36.45
N TRP E 208 -49.03 -44.00 37.25
CA TRP E 208 -48.08 -42.96 37.66
C TRP E 208 -48.43 -42.46 39.07
N ALA E 209 -47.42 -42.15 39.85
CA ALA E 209 -47.60 -41.82 41.23
C ALA E 209 -47.07 -40.42 41.43
N VAL E 210 -47.74 -39.66 42.31
CA VAL E 210 -47.37 -38.31 42.55
C VAL E 210 -47.47 -38.04 44.02
N GLU E 211 -46.45 -37.37 44.53
CA GLU E 211 -46.48 -36.86 45.85
C GLU E 211 -46.52 -35.33 45.90
N ASN E 212 -47.17 -34.78 46.93
CA ASN E 212 -47.40 -33.34 47.03
C ASN E 212 -48.27 -32.73 45.90
N LEU E 213 -49.41 -33.35 45.62
CA LEU E 213 -50.32 -32.85 44.57
C LEU E 213 -51.30 -31.74 45.04
N PHE E 214 -51.94 -31.93 46.19
CA PHE E 214 -52.91 -30.94 46.75
C PHE E 214 -52.35 -30.21 47.98
N TYR E 215 -51.45 -30.88 48.68
CA TYR E 215 -50.83 -30.31 49.85
C TYR E 215 -49.34 -30.60 49.79
N LEU E 216 -48.56 -29.64 50.28
CA LEU E 216 -47.16 -29.86 50.56
C LEU E 216 -47.12 -29.98 52.07
N LYS E 217 -46.99 -31.24 52.51
CA LYS E 217 -47.16 -31.65 53.89
C LYS E 217 -48.56 -31.22 54.38
N THR E 218 -48.67 -30.39 55.42
CA THR E 218 -49.97 -29.97 55.88
C THR E 218 -50.47 -28.68 55.19
N ILE E 219 -49.67 -28.03 54.35
CA ILE E 219 -50.04 -26.76 53.72
C ILE E 219 -50.63 -26.94 52.32
N PRO E 220 -51.82 -26.38 52.05
CA PRO E 220 -52.38 -26.61 50.72
C PRO E 220 -51.58 -25.90 49.63
N LEU E 221 -51.52 -26.49 48.45
CA LEU E 221 -50.87 -25.82 47.33
C LEU E 221 -51.79 -24.83 46.62
N GLU E 222 -51.21 -23.90 45.87
CA GLU E 222 -51.98 -23.00 45.02
C GLU E 222 -52.73 -23.81 43.94
N GLU E 223 -53.94 -23.37 43.60
CA GLU E 223 -54.81 -24.03 42.63
C GLU E 223 -54.10 -24.39 41.33
N ASN E 224 -53.46 -23.38 40.75
CA ASN E 224 -52.89 -23.52 39.41
C ASN E 224 -51.72 -24.46 39.35
N GLU E 225 -50.95 -24.52 40.43
CA GLU E 225 -49.84 -25.45 40.55
C GLU E 225 -50.36 -26.88 40.47
N THR E 226 -51.38 -27.14 41.28
CA THR E 226 -52.08 -28.42 41.28
C THR E 226 -52.66 -28.74 39.91
N LYS E 227 -53.33 -27.77 39.31
CA LYS E 227 -53.98 -27.92 37.99
C LYS E 227 -52.95 -28.31 36.93
N SER E 228 -51.78 -27.68 36.96
CA SER E 228 -50.71 -27.98 35.98
C SER E 228 -50.20 -29.42 36.02
N ARG E 229 -50.09 -29.96 37.22
CA ARG E 229 -49.76 -31.38 37.37
C ARG E 229 -50.91 -32.30 36.94
N LEU E 230 -52.15 -31.93 37.22
CA LEU E 230 -53.30 -32.80 36.90
C LEU E 230 -53.51 -32.94 35.41
N GLU E 231 -53.10 -31.94 34.65
CA GLU E 231 -53.22 -31.97 33.20
C GLU E 231 -52.53 -33.19 32.63
N TYR E 232 -51.34 -33.49 33.14
CA TYR E 232 -50.63 -34.73 32.76
C TYR E 232 -51.35 -35.97 33.28
N LEU E 233 -51.83 -35.92 34.52
CA LEU E 233 -52.33 -37.13 35.17
C LEU E 233 -53.68 -37.56 34.62
N ILE E 234 -54.53 -36.59 34.35
CA ILE E 234 -55.84 -36.83 33.80
C ILE E 234 -55.76 -37.43 32.39
N ARG E 235 -54.85 -36.96 31.56
CA ARG E 235 -54.59 -37.57 30.27
C ARG E 235 -54.12 -39.03 30.36
N LEU E 236 -53.23 -39.33 31.28
CA LEU E 236 -52.86 -40.73 31.52
C LEU E 236 -54.07 -41.54 32.01
N ASN E 237 -54.82 -40.99 32.94
CA ASN E 237 -56.00 -41.70 33.45
C ASN E 237 -57.01 -42.08 32.35
N ARG E 238 -57.24 -41.13 31.44
CA ARG E 238 -58.14 -41.30 30.33
C ARG E 238 -57.67 -42.32 29.32
N LYS E 239 -56.39 -42.67 29.37
CA LYS E 239 -55.86 -43.77 28.60
C LYS E 239 -55.70 -45.06 29.43
N GLY E 240 -56.43 -45.17 30.54
CA GLY E 240 -56.47 -46.40 31.31
C GLY E 240 -55.25 -46.63 32.17
N LYS E 241 -54.62 -45.54 32.62
CA LYS E 241 -53.44 -45.61 33.50
C LYS E 241 -53.83 -45.13 34.91
N PHE E 242 -53.60 -45.94 35.94
CA PHE E 242 -54.06 -45.48 37.25
C PHE E 242 -53.16 -44.41 37.78
N ILE E 243 -53.70 -43.59 38.67
CA ILE E 243 -52.93 -42.55 39.34
C ILE E 243 -52.94 -42.71 40.87
N LEU E 244 -51.77 -42.95 41.41
CA LEU E 244 -51.57 -43.12 42.83
C LEU E 244 -51.12 -41.80 43.46
N SER E 245 -51.86 -41.31 44.43
CA SER E 245 -51.56 -40.07 45.07
C SER E 245 -51.12 -40.30 46.53
N VAL E 246 -50.02 -39.66 46.91
CA VAL E 246 -49.63 -39.54 48.30
C VAL E 246 -49.27 -38.10 48.68
N ASP E 247 -50.09 -37.50 49.55
CA ASP E 247 -49.79 -36.24 50.19
C ASP E 247 -49.53 -36.52 51.66
N TYR E 248 -48.56 -35.83 52.25
CA TYR E 248 -48.09 -36.07 53.61
C TYR E 248 -48.81 -35.12 54.61
N VAL E 249 -50.13 -35.19 54.55
CA VAL E 249 -51.03 -34.31 55.30
C VAL E 249 -51.33 -34.76 56.72
N ASP E 250 -50.92 -35.96 57.10
CA ASP E 250 -51.29 -36.47 58.43
C ASP E 250 -50.24 -36.04 59.46
N ASP E 251 -50.62 -35.15 60.39
CA ASP E 251 -49.66 -34.67 61.37
C ASP E 251 -49.52 -35.62 62.56
N GLY E 252 -50.22 -36.76 62.48
CA GLY E 252 -50.19 -37.79 63.52
C GLY E 252 -51.18 -37.61 64.65
N SER E 253 -51.77 -36.42 64.78
CA SER E 253 -52.74 -36.14 65.83
C SER E 253 -54.13 -36.57 65.40
N ASP E 254 -55.06 -36.68 66.35
CA ASP E 254 -56.48 -36.93 66.00
C ASP E 254 -57.30 -35.67 66.25
N SER E 255 -56.74 -34.55 65.80
CA SER E 255 -57.39 -33.26 65.95
C SER E 255 -58.45 -33.11 64.86
N PHE E 256 -59.37 -32.19 65.08
CA PHE E 256 -60.36 -31.87 64.07
C PHE E 256 -59.72 -31.38 62.79
N GLU E 257 -58.81 -30.43 62.94
CA GLU E 257 -58.06 -29.80 61.83
C GLU E 257 -57.28 -30.82 61.00
N ASN E 258 -56.54 -31.71 61.65
CA ASN E 258 -55.79 -32.78 60.96
C ASN E 258 -56.70 -33.70 60.15
N ILE E 259 -57.71 -34.25 60.80
CA ILE E 259 -58.62 -35.20 60.14
C ILE E 259 -59.49 -34.55 59.04
N SER E 260 -59.93 -33.31 59.25
CA SER E 260 -60.66 -32.56 58.21
C SER E 260 -59.81 -32.37 56.94
N ARG E 261 -58.50 -32.15 57.15
CA ARG E 261 -57.56 -31.96 56.05
C ARG E 261 -57.36 -33.24 55.28
N ILE E 262 -57.18 -34.35 55.99
CA ILE E 262 -57.14 -35.68 55.38
C ILE E 262 -58.40 -35.96 54.54
N LEU E 263 -59.57 -35.63 55.09
CA LEU E 263 -60.83 -35.82 54.36
C LEU E 263 -60.87 -34.94 53.11
N ASP E 264 -60.44 -33.69 53.26
CA ASP E 264 -60.36 -32.76 52.14
C ASP E 264 -59.41 -33.22 51.03
N TYR E 265 -58.20 -33.65 51.40
CA TYR E 265 -57.25 -34.30 50.44
C TYR E 265 -57.89 -35.49 49.71
N TYR E 266 -58.61 -36.34 50.46
CA TYR E 266 -59.32 -37.49 49.90
C TYR E 266 -60.38 -37.09 48.88
N GLU E 267 -61.18 -36.09 49.24
CA GLU E 267 -62.19 -35.54 48.35
C GLU E 267 -61.52 -35.05 47.08
N LYS E 268 -60.49 -34.23 47.22
CA LYS E 268 -59.82 -33.61 46.09
C LYS E 268 -59.18 -34.64 45.16
N ALA E 269 -58.44 -35.59 45.73
CA ALA E 269 -57.86 -36.70 44.96
C ALA E 269 -58.89 -37.48 44.13
N LYS E 270 -59.94 -37.95 44.78
CA LYS E 270 -60.89 -38.88 44.18
C LYS E 270 -61.71 -38.28 43.07
N ARG E 271 -62.04 -37.00 43.18
CA ARG E 271 -62.82 -36.33 42.13
C ARG E 271 -61.95 -35.87 40.94
N ASN E 272 -60.65 -36.14 41.05
CA ASN E 272 -59.70 -35.95 39.97
C ASN E 272 -59.07 -37.28 39.50
N GLY E 273 -59.65 -38.42 39.91
CA GLY E 273 -59.23 -39.75 39.45
C GLY E 273 -57.94 -40.30 40.06
N CYS E 274 -57.58 -39.71 41.19
CA CYS E 274 -56.42 -40.14 41.98
C CYS E 274 -56.84 -40.96 43.20
N ILE E 275 -56.07 -42.02 43.44
CA ILE E 275 -56.27 -42.91 44.58
C ILE E 275 -55.39 -42.36 45.70
N PRO E 276 -56.00 -41.85 46.78
CA PRO E 276 -55.23 -41.23 47.82
C PRO E 276 -54.66 -42.18 48.89
N TYR E 277 -53.50 -41.79 49.40
CA TYR E 277 -52.92 -42.30 50.62
C TYR E 277 -52.44 -41.08 51.44
N ALA E 278 -53.09 -40.81 52.58
CA ALA E 278 -52.63 -39.76 53.47
C ALA E 278 -51.44 -40.31 54.28
N ALA E 279 -50.26 -39.77 54.03
CA ALA E 279 -49.05 -40.20 54.74
C ALA E 279 -48.71 -39.23 55.88
N ARG E 280 -47.89 -39.69 56.81
CA ARG E 280 -47.43 -38.84 57.90
C ARG E 280 -46.50 -37.72 57.43
N SER E 281 -46.74 -36.52 57.97
CA SER E 281 -45.99 -35.31 57.65
C SER E 281 -44.48 -35.35 57.90
N ASP E 282 -44.01 -36.29 58.72
CA ASP E 282 -42.58 -36.39 58.91
C ASP E 282 -41.86 -37.02 57.69
N LEU E 283 -42.62 -37.46 56.69
CA LEU E 283 -42.11 -38.06 55.43
C LEU E 283 -41.40 -39.39 55.55
N GLU E 284 -41.43 -40.02 56.71
CA GLU E 284 -40.65 -41.21 56.96
C GLU E 284 -41.24 -42.46 56.31
N LEU E 285 -42.55 -42.49 56.11
CA LEU E 285 -43.24 -43.66 55.55
C LEU E 285 -42.88 -44.95 56.29
N ASP E 286 -42.82 -44.86 57.62
CA ASP E 286 -42.24 -45.92 58.45
C ASP E 286 -43.25 -46.75 59.23
N GLU E 287 -44.53 -46.53 58.99
CA GLU E 287 -45.54 -47.49 59.36
C GLU E 287 -46.75 -47.43 58.42
N MSE E 288 -47.56 -48.47 58.53
CA MSE E 288 -48.79 -48.60 57.79
C MSE E 288 -49.75 -47.58 58.43
O MSE E 288 -50.21 -47.81 59.50
CB MSE E 288 -49.31 -50.03 57.93
CG MSE E 288 -50.36 -50.39 56.90
SE MSE E 288 -50.96 -52.24 57.03
CE MSE E 288 -52.28 -52.06 58.20
N ASN E 289 -50.01 -46.46 57.76
CA ASN E 289 -50.80 -45.39 58.34
C ASN E 289 -52.29 -45.66 58.18
N VAL E 290 -52.90 -46.09 59.27
CA VAL E 290 -54.29 -46.44 59.32
C VAL E 290 -55.08 -45.30 59.97
N ILE E 291 -56.19 -44.92 59.36
CA ILE E 291 -57.09 -43.91 59.94
C ILE E 291 -58.53 -44.45 59.98
N GLU E 292 -59.03 -44.73 61.19
CA GLU E 292 -60.31 -45.43 61.40
C GLU E 292 -61.43 -44.84 60.54
N GLY E 293 -62.04 -45.67 59.69
CA GLY E 293 -63.13 -45.23 58.83
C GLY E 293 -62.76 -44.47 57.58
N ILE E 294 -61.47 -44.23 57.37
CA ILE E 294 -60.98 -43.44 56.22
C ILE E 294 -59.93 -44.22 55.44
N GLN E 295 -58.94 -44.75 56.14
CA GLN E 295 -57.78 -45.35 55.48
C GLN E 295 -57.35 -46.66 56.15
N PRO E 296 -57.53 -47.82 55.47
CA PRO E 296 -58.24 -48.01 54.21
C PRO E 296 -59.73 -47.78 54.43
N PRO E 297 -60.48 -47.47 53.36
CA PRO E 297 -61.88 -47.08 53.52
C PRO E 297 -62.82 -48.26 53.89
N GLU E 298 -63.94 -47.93 54.50
CA GLU E 298 -64.94 -48.95 54.85
C GLU E 298 -65.54 -49.68 53.61
N ALA E 299 -66.18 -50.82 53.87
CA ALA E 299 -66.78 -51.63 52.82
C ALA E 299 -68.23 -51.91 53.16
N THR F 13 31.32 43.93 -66.73
CA THR F 13 32.11 45.02 -66.06
C THR F 13 33.62 44.77 -66.14
N GLU F 14 34.18 44.99 -67.32
CA GLU F 14 35.55 45.44 -67.53
C GLU F 14 35.48 46.94 -67.66
N GLY F 15 34.26 47.46 -67.53
CA GLY F 15 34.02 48.78 -66.99
C GLY F 15 33.89 48.56 -65.50
N TRP F 16 35.04 48.37 -64.86
CA TRP F 16 35.07 48.26 -63.42
C TRP F 16 34.85 49.67 -62.88
N PHE F 17 34.24 49.77 -61.70
CA PHE F 17 34.13 51.06 -61.02
C PHE F 17 35.47 51.35 -60.30
N MSE F 18 36.26 52.27 -60.85
CA MSE F 18 37.56 52.61 -60.28
C MSE F 18 37.69 54.11 -60.30
O MSE F 18 38.19 54.68 -61.27
CB MSE F 18 38.69 51.93 -61.05
CG MSE F 18 38.73 50.40 -60.92
SE MSE F 18 39.90 49.61 -62.27
CE MSE F 18 41.48 49.71 -61.08
N PRO F 19 37.13 54.78 -59.27
CA PRO F 19 37.01 56.23 -59.27
C PRO F 19 38.27 56.96 -58.92
N PHE F 20 39.28 56.25 -58.42
CA PHE F 20 40.60 56.81 -58.18
C PHE F 20 41.62 56.12 -59.11
N ASP F 21 42.58 56.88 -59.61
CA ASP F 21 43.63 56.30 -60.44
C ASP F 21 44.72 55.56 -59.61
N ASN F 22 44.75 55.78 -58.30
CA ASN F 22 45.77 55.20 -57.42
C ASN F 22 45.36 55.45 -55.97
N TRP F 23 46.14 54.89 -55.03
CA TRP F 23 46.00 55.21 -53.60
C TRP F 23 47.29 54.93 -52.81
N LEU F 24 47.41 55.62 -51.68
CA LEU F 24 48.56 55.54 -50.81
C LEU F 24 48.10 54.97 -49.49
N TYR F 25 48.86 54.04 -48.94
CA TYR F 25 48.66 53.57 -47.58
C TYR F 25 49.95 53.80 -46.76
N GLN F 26 49.89 54.67 -45.75
CA GLN F 26 51.11 54.99 -44.99
C GLN F 26 50.77 55.34 -43.56
N LEU F 27 51.10 54.45 -42.64
CA LEU F 27 50.65 54.61 -41.22
C LEU F 27 51.73 55.15 -40.29
N GLN F 28 52.94 55.30 -40.82
CA GLN F 28 54.03 55.94 -40.06
C GLN F 28 54.75 56.95 -40.94
N ASN F 29 55.12 58.09 -40.34
CA ASN F 29 55.92 59.15 -40.97
C ASN F 29 55.21 59.88 -42.10
N ALA F 30 53.90 60.00 -41.98
CA ALA F 30 53.12 60.56 -43.07
C ALA F 30 53.31 62.06 -43.04
N ASP F 31 53.62 62.66 -44.19
CA ASP F 31 53.88 64.11 -44.32
C ASP F 31 52.83 64.68 -45.29
N PRO F 32 51.87 65.49 -44.78
CA PRO F 32 50.85 66.13 -45.63
C PRO F 32 51.35 66.91 -46.81
N VAL F 33 52.48 67.60 -46.65
CA VAL F 33 53.13 68.38 -47.71
C VAL F 33 53.67 67.47 -48.84
N GLU F 34 54.44 66.47 -48.46
CA GLU F 34 54.91 65.48 -49.43
C GLU F 34 53.74 64.80 -50.14
N ILE F 35 52.70 64.43 -49.40
CA ILE F 35 51.54 63.76 -50.00
C ILE F 35 50.80 64.66 -50.99
N SER F 36 50.52 65.88 -50.58
CA SER F 36 49.74 66.81 -51.40
C SER F 36 50.32 67.03 -52.78
N SER F 37 51.65 67.10 -52.88
CA SER F 37 52.36 67.25 -54.16
C SER F 37 52.65 65.93 -54.91
N SER F 38 52.29 64.79 -54.33
CA SER F 38 52.79 63.50 -54.78
C SER F 38 52.13 62.94 -56.02
N GLY F 39 50.88 63.32 -56.27
CA GLY F 39 50.06 62.69 -57.30
C GLY F 39 49.13 61.61 -56.77
N PHE F 40 49.31 61.17 -55.53
CA PHE F 40 48.35 60.25 -54.93
C PHE F 40 47.01 60.96 -54.70
N GLU F 41 45.91 60.29 -55.04
CA GLU F 41 44.57 60.89 -55.09
C GLU F 41 43.82 60.69 -53.80
N ILE F 42 44.07 59.57 -53.15
CA ILE F 42 43.48 59.25 -51.83
C ILE F 42 44.60 58.62 -50.98
N ALA F 43 44.70 59.06 -49.74
CA ALA F 43 45.76 58.62 -48.84
C ALA F 43 45.14 58.18 -47.53
N VAL F 44 45.43 56.95 -47.15
CA VAL F 44 44.96 56.39 -45.87
C VAL F 44 46.17 56.52 -44.96
N ILE F 45 46.04 57.38 -43.95
CA ILE F 45 47.11 57.62 -43.00
C ILE F 45 46.61 57.38 -41.59
N ASP F 46 47.53 57.39 -40.64
CA ASP F 46 47.13 57.42 -39.26
C ASP F 46 46.58 58.80 -38.92
N TYR F 47 45.77 58.88 -37.87
CA TYR F 47 45.24 60.18 -37.39
C TYR F 47 46.33 61.02 -36.59
N SER F 48 47.48 60.40 -36.30
CA SER F 48 48.56 60.98 -35.52
C SER F 48 49.87 60.74 -36.21
N LYS F 49 50.80 61.67 -36.01
CA LYS F 49 52.13 61.61 -36.62
C LYS F 49 52.94 60.48 -36.05
N ASP F 50 52.61 60.06 -34.83
CA ASP F 50 53.33 58.95 -34.19
C ASP F 50 52.40 57.91 -33.53
N GLY F 51 51.11 57.94 -33.87
CA GLY F 51 50.10 57.12 -33.22
C GLY F 51 49.56 57.66 -31.91
N SER F 52 50.35 58.50 -31.21
CA SER F 52 49.95 59.00 -29.87
C SER F 52 49.09 60.28 -29.88
N GLU F 53 48.48 60.57 -28.74
CA GLU F 53 47.61 61.72 -28.62
C GLU F 53 48.32 63.04 -28.95
N SER F 54 49.54 63.18 -28.47
CA SER F 54 50.31 64.42 -28.65
C SER F 54 50.73 64.63 -30.11
N GLY F 55 50.78 63.55 -30.88
CA GLY F 55 51.10 63.64 -32.31
C GLY F 55 49.91 63.90 -33.24
N GLU F 56 48.71 64.09 -32.68
CA GLU F 56 47.50 64.26 -33.48
C GLU F 56 47.68 65.37 -34.54
N TYR F 57 47.35 65.04 -35.80
CA TYR F 57 47.42 66.01 -36.89
C TYR F 57 46.38 67.10 -36.64
N SER F 58 46.72 68.33 -36.99
CA SER F 58 45.81 69.46 -36.78
C SER F 58 44.88 69.55 -37.97
N PRO F 59 43.74 70.24 -37.79
CA PRO F 59 42.91 70.50 -38.95
C PRO F 59 43.66 71.17 -40.14
N GLU F 60 44.60 72.06 -39.82
CA GLU F 60 45.41 72.77 -40.78
C GLU F 60 46.29 71.82 -41.59
N GLU F 61 46.93 70.86 -40.93
CA GLU F 61 47.80 69.87 -41.60
C GLU F 61 47.02 68.98 -42.54
N ILE F 62 45.86 68.52 -42.09
CA ILE F 62 44.94 67.74 -42.94
C ILE F 62 44.40 68.58 -44.12
N LYS F 63 44.16 69.87 -43.88
CA LYS F 63 43.64 70.75 -44.92
C LYS F 63 44.65 71.00 -46.06
N ILE F 64 45.95 71.00 -45.74
CA ILE F 64 47.01 71.00 -46.74
C ILE F 64 46.74 70.01 -47.85
N MSE F 65 46.34 68.80 -47.46
CA MSE F 65 46.07 67.75 -48.42
C MSE F 65 44.76 67.99 -49.14
O MSE F 65 44.71 67.79 -50.34
CB MSE F 65 46.05 66.37 -47.75
CG MSE F 65 47.45 65.84 -47.38
SE MSE F 65 47.34 64.14 -46.37
CE MSE F 65 46.58 64.85 -44.73
N VAL F 66 43.70 68.42 -48.44
CA VAL F 66 42.42 68.59 -49.13
C VAL F 66 42.46 69.78 -50.08
N ASP F 67 43.30 70.78 -49.75
CA ASP F 67 43.48 71.95 -50.62
C ASP F 67 44.12 71.56 -51.94
N ALA F 68 44.95 70.54 -51.90
CA ALA F 68 45.64 70.05 -53.11
C ALA F 68 44.78 69.06 -53.88
N GLY F 69 43.59 68.72 -53.37
CA GLY F 69 42.70 67.80 -54.05
C GLY F 69 42.93 66.34 -53.66
N VAL F 70 43.73 66.12 -52.62
CA VAL F 70 43.90 64.78 -52.06
C VAL F 70 42.77 64.48 -51.08
N VAL F 71 42.28 63.24 -51.10
CA VAL F 71 41.25 62.80 -50.14
C VAL F 71 41.96 62.07 -48.97
N PRO F 72 42.08 62.69 -47.78
CA PRO F 72 42.73 62.00 -46.66
C PRO F 72 41.73 61.12 -45.91
N VAL F 73 42.15 59.91 -45.56
CA VAL F 73 41.32 58.93 -44.89
C VAL F 73 42.07 58.43 -43.63
N ALA F 74 41.37 58.34 -42.50
CA ALA F 74 42.01 57.91 -41.24
C ALA F 74 41.85 56.40 -41.02
N TYR F 75 42.99 55.75 -40.76
CA TYR F 75 43.05 54.42 -40.21
C TYR F 75 42.48 54.41 -38.79
N VAL F 76 41.54 53.49 -38.54
CA VAL F 76 40.98 53.23 -37.20
C VAL F 76 40.88 51.70 -37.01
N ASN F 77 41.60 51.19 -36.03
CA ASN F 77 41.50 49.79 -35.67
C ASN F 77 40.31 49.60 -34.69
N ILE F 78 39.25 48.98 -35.20
CA ILE F 78 37.98 48.82 -34.46
C ILE F 78 37.82 47.41 -33.88
N GLY F 79 38.78 46.52 -34.15
CA GLY F 79 38.72 45.15 -33.64
C GLY F 79 39.76 44.77 -32.60
N GLN F 80 40.67 45.72 -32.31
CA GLN F 80 41.75 45.55 -31.35
C GLN F 80 42.04 46.88 -30.70
N ALA F 81 42.50 46.82 -29.45
CA ALA F 81 43.01 47.99 -28.71
C ALA F 81 44.50 48.09 -28.94
N GLU F 82 45.01 49.32 -29.14
CA GLU F 82 46.41 49.60 -29.36
C GLU F 82 46.94 50.41 -28.17
N ASP F 83 48.03 49.95 -27.55
CA ASP F 83 48.41 50.45 -26.22
C ASP F 83 49.08 51.84 -26.11
N TYR F 84 49.27 52.49 -27.26
CA TYR F 84 49.84 53.82 -27.40
C TYR F 84 48.76 54.83 -27.78
N ARG F 85 47.51 54.40 -27.88
CA ARG F 85 46.43 55.31 -28.19
C ARG F 85 45.96 56.09 -26.98
N PHE F 86 45.36 57.24 -27.24
CA PHE F 86 44.89 58.19 -26.25
C PHE F 86 43.95 57.53 -25.24
N TYR F 87 43.19 56.55 -25.69
CA TYR F 87 42.22 55.85 -24.88
C TYR F 87 42.78 54.78 -23.92
N TRP F 88 44.05 54.38 -24.09
CA TRP F 88 44.59 53.31 -23.26
C TRP F 88 44.71 53.78 -21.82
N LYS F 89 44.24 52.95 -20.89
CA LYS F 89 44.40 53.20 -19.45
C LYS F 89 45.40 52.23 -18.82
N GLU F 90 46.31 52.76 -18.03
CA GLU F 90 47.31 51.94 -17.34
C GLU F 90 46.66 51.04 -16.31
N SER F 91 45.49 51.45 -15.83
CA SER F 91 44.68 50.63 -14.94
C SER F 91 44.20 49.31 -15.57
N TRP F 92 44.13 49.24 -16.89
CA TRP F 92 43.81 47.99 -17.56
C TRP F 92 44.80 46.85 -17.33
N TYR F 93 46.01 47.17 -16.88
CA TYR F 93 47.00 46.14 -16.61
C TYR F 93 46.60 45.46 -15.34
N THR F 94 46.19 46.26 -14.38
CA THR F 94 45.90 45.73 -13.05
C THR F 94 44.44 45.32 -12.86
N ASN F 95 43.52 46.05 -13.47
CA ASN F 95 42.14 45.56 -13.51
C ASN F 95 41.53 45.56 -14.92
N THR F 96 41.73 44.42 -15.56
CA THR F 96 41.53 44.31 -16.97
C THR F 96 40.07 44.22 -17.27
N PRO F 97 39.57 45.10 -18.14
CA PRO F 97 38.15 44.95 -18.48
C PRO F 97 37.89 43.59 -19.15
N GLU F 98 36.69 43.09 -19.01
CA GLU F 98 36.29 41.82 -19.61
C GLU F 98 36.36 41.84 -21.14
N TRP F 99 36.15 43.00 -21.75
CA TRP F 99 36.21 43.06 -23.21
C TRP F 99 37.63 43.12 -23.76
N LEU F 100 38.64 43.28 -22.91
CA LEU F 100 40.00 43.40 -23.36
C LEU F 100 40.70 42.03 -23.32
N GLY F 101 40.98 41.51 -24.52
CA GLY F 101 41.46 40.13 -24.68
C GLY F 101 42.97 40.06 -24.85
N GLU F 102 43.44 38.92 -25.39
CA GLU F 102 44.87 38.64 -25.43
C GLU F 102 45.62 39.50 -26.44
N GLU F 103 46.93 39.58 -26.27
CA GLU F 103 47.77 40.37 -27.15
C GLU F 103 47.93 39.63 -28.46
N ASP F 104 47.91 40.37 -29.56
CA ASP F 104 48.04 39.78 -30.88
C ASP F 104 49.50 39.36 -31.08
N PRO F 105 49.77 38.04 -31.17
CA PRO F 105 51.17 37.59 -31.31
C PRO F 105 51.88 38.11 -32.55
N ALA F 106 51.16 38.61 -33.54
CA ALA F 106 51.79 39.08 -34.74
C ALA F 106 51.96 40.59 -34.68
N TRP F 107 51.22 41.27 -33.79
CA TRP F 107 51.27 42.71 -33.66
C TRP F 107 51.39 43.10 -32.20
N PRO F 108 52.62 43.05 -31.66
CA PRO F 108 52.83 43.47 -30.26
C PRO F 108 52.24 44.84 -29.92
N GLY F 109 51.58 44.96 -28.78
CA GLY F 109 50.93 46.20 -28.37
C GLY F 109 49.48 46.31 -28.78
N ASN F 110 49.04 45.39 -29.65
CA ASN F 110 47.64 45.29 -30.08
C ASN F 110 47.00 44.13 -29.31
N TYR F 111 45.75 44.34 -28.90
CA TYR F 111 45.05 43.38 -28.04
C TYR F 111 43.69 43.15 -28.61
N PHE F 112 43.30 41.90 -28.83
CA PHE F 112 41.92 41.65 -29.36
C PHE F 112 40.90 42.16 -28.36
N VAL F 113 39.81 42.70 -28.86
CA VAL F 113 38.74 43.19 -28.01
C VAL F 113 37.39 42.57 -28.38
N LYS F 114 36.59 42.31 -27.34
CA LYS F 114 35.18 42.00 -27.52
C LYS F 114 34.51 43.30 -27.91
N TYR F 115 34.53 43.52 -29.21
CA TYR F 115 34.09 44.79 -29.84
C TYR F 115 32.59 45.12 -29.68
N TRP F 116 31.83 44.14 -29.23
CA TRP F 116 30.40 44.28 -29.08
C TRP F 116 30.07 44.88 -27.73
N TYR F 117 31.04 44.98 -26.82
CA TYR F 117 30.79 45.62 -25.53
C TYR F 117 30.69 47.15 -25.68
N ASN F 118 29.79 47.75 -24.89
CA ASN F 118 29.47 49.17 -24.96
C ASN F 118 30.70 50.02 -24.78
N GLU F 119 31.51 49.68 -23.77
CA GLU F 119 32.68 50.47 -23.47
C GLU F 119 33.66 50.61 -24.65
N TRP F 120 33.88 49.52 -25.39
CA TRP F 120 34.74 49.52 -26.58
C TRP F 120 34.12 50.37 -27.69
N LYS F 121 32.82 50.16 -27.93
CA LYS F 121 32.13 50.91 -28.96
C LYS F 121 32.31 52.40 -28.73
N GLU F 122 32.23 52.79 -27.47
CA GLU F 122 32.31 54.19 -27.08
C GLU F 122 33.75 54.78 -27.12
N ILE F 123 34.73 53.95 -26.86
CA ILE F 123 36.08 54.30 -27.17
C ILE F 123 36.20 54.67 -28.67
N VAL F 124 35.72 53.78 -29.54
CA VAL F 124 35.77 53.98 -30.98
C VAL F 124 34.98 55.21 -31.44
N PHE F 125 33.80 55.42 -30.90
CA PHE F 125 33.08 56.67 -31.19
C PHE F 125 33.89 57.91 -30.72
N SER F 126 34.63 57.78 -29.63
CA SER F 126 35.38 58.88 -29.12
C SER F 126 36.55 59.16 -30.05
N TYR F 127 37.15 58.10 -30.62
CA TYR F 127 38.25 58.17 -31.63
C TYR F 127 37.76 58.84 -32.92
N LEU F 128 36.62 58.37 -33.40
CA LEU F 128 35.96 58.97 -34.57
C LEU F 128 35.62 60.44 -34.38
N ASP F 129 35.31 60.84 -33.15
CA ASP F 129 34.93 62.24 -32.85
C ASP F 129 36.11 63.13 -33.21
N ARG F 130 37.30 62.65 -32.89
CA ARG F 130 38.56 63.35 -33.19
C ARG F 130 38.89 63.39 -34.67
N VAL F 131 38.75 62.24 -35.33
CA VAL F 131 38.91 62.10 -36.77
C VAL F 131 38.01 63.07 -37.57
N ILE F 132 36.74 63.16 -37.18
CA ILE F 132 35.81 64.09 -37.80
C ILE F 132 36.25 65.56 -37.67
N ASP F 133 36.62 65.95 -36.45
CA ASP F 133 37.09 67.30 -36.18
C ASP F 133 38.41 67.66 -36.87
N GLN F 134 39.25 66.66 -37.13
CA GLN F 134 40.49 66.90 -37.88
C GLN F 134 40.27 67.32 -39.34
N GLY F 135 39.14 66.91 -39.92
CA GLY F 135 38.84 67.23 -41.32
C GLY F 135 39.07 66.06 -42.27
N PHE F 136 39.27 64.86 -41.74
CA PHE F 136 39.37 63.66 -42.57
C PHE F 136 38.08 63.40 -43.36
N LYS F 137 38.25 62.88 -44.59
CA LYS F 137 37.11 62.69 -45.49
C LYS F 137 36.61 61.24 -45.53
N GLY F 138 37.32 60.36 -44.85
CA GLY F 138 36.94 58.97 -44.82
C GLY F 138 37.56 58.27 -43.64
N ILE F 139 37.07 57.06 -43.39
CA ILE F 139 37.60 56.21 -42.32
C ILE F 139 37.83 54.84 -42.92
N TYR F 140 38.95 54.24 -42.50
CA TYR F 140 39.43 52.93 -42.99
C TYR F 140 39.57 52.02 -41.75
N LEU F 141 38.77 50.97 -41.74
CA LEU F 141 38.44 50.28 -40.49
C LEU F 141 39.12 48.95 -40.47
N ASP F 142 40.11 48.83 -39.60
CA ASP F 142 40.89 47.62 -39.48
C ASP F 142 40.35 46.63 -38.42
N ARG F 143 40.59 45.38 -38.71
CA ARG F 143 40.31 44.24 -37.86
C ARG F 143 38.84 43.99 -37.71
N ILE F 144 38.17 44.21 -38.84
CA ILE F 144 36.88 43.56 -39.12
C ILE F 144 37.00 42.05 -38.82
N ASP F 145 38.14 41.46 -39.17
CA ASP F 145 38.31 40.04 -38.98
C ASP F 145 38.46 39.57 -37.53
N SER F 146 38.30 40.46 -36.54
CA SER F 146 38.13 40.03 -35.17
C SER F 146 36.86 39.18 -34.98
N PHE F 147 35.87 39.34 -35.82
CA PHE F 147 34.74 38.41 -35.83
C PHE F 147 35.19 36.96 -35.97
N GLU F 148 36.17 36.71 -36.84
CA GLU F 148 36.73 35.35 -36.97
C GLU F 148 37.55 34.95 -35.75
N TYR F 149 38.33 35.88 -35.21
CA TYR F 149 39.11 35.59 -34.00
C TYR F 149 38.21 35.04 -32.89
N TRP F 150 37.16 35.77 -32.52
CA TRP F 150 36.30 35.32 -31.40
C TRP F 150 35.49 34.08 -31.71
N ALA F 151 35.08 33.90 -32.95
CA ALA F 151 34.45 32.63 -33.32
C ALA F 151 35.42 31.46 -33.16
N GLN F 152 36.66 31.61 -33.66
CA GLN F 152 37.68 30.54 -33.64
C GLN F 152 38.11 30.16 -32.22
N GLU F 153 38.00 31.11 -31.31
CA GLU F 153 38.23 30.91 -29.89
C GLU F 153 37.08 30.24 -29.15
N GLY F 154 35.94 30.06 -29.82
CA GLY F 154 34.77 29.43 -29.20
C GLY F 154 34.03 30.29 -28.20
N VAL F 155 34.28 31.58 -28.28
CA VAL F 155 33.77 32.54 -27.30
C VAL F 155 32.30 32.92 -27.55
N ILE F 156 31.97 33.07 -28.83
CA ILE F 156 30.59 33.28 -29.28
C ILE F 156 30.44 32.58 -30.62
N SER F 157 29.22 32.42 -31.09
CA SER F 157 28.99 31.75 -32.36
C SER F 157 29.60 32.61 -33.49
N ARG F 158 29.89 31.97 -34.62
CA ARG F 158 30.41 32.72 -35.78
C ARG F 158 29.35 33.70 -36.32
N ARG F 159 28.09 33.28 -36.36
CA ARG F 159 27.01 34.15 -36.76
C ARG F 159 26.85 35.34 -35.78
N SER F 160 26.91 35.05 -34.50
CA SER F 160 26.83 36.12 -33.49
C SER F 160 27.96 37.08 -33.67
N ALA F 161 29.17 36.58 -33.87
CA ALA F 161 30.31 37.47 -34.05
C ALA F 161 30.22 38.35 -35.31
N ALA F 162 29.81 37.75 -36.41
CA ALA F 162 29.61 38.46 -37.66
C ALA F 162 28.54 39.55 -37.51
N ARG F 163 27.36 39.16 -37.00
CA ARG F 163 26.26 40.11 -36.81
C ARG F 163 26.68 41.26 -35.94
N LYS F 164 27.36 40.99 -34.84
CA LYS F 164 27.79 42.08 -33.99
C LYS F 164 28.74 43.05 -34.68
N MSE F 165 29.54 42.52 -35.60
CA MSE F 165 30.56 43.34 -36.24
C MSE F 165 29.92 44.19 -37.33
O MSE F 165 30.32 45.31 -37.53
CB MSE F 165 31.68 42.45 -36.78
CG MSE F 165 32.72 43.22 -37.59
SE MSE F 165 33.66 44.79 -36.71
CE MSE F 165 35.02 43.69 -35.65
N ILE F 166 28.93 43.62 -38.03
CA ILE F 166 28.16 44.32 -39.07
C ILE F 166 27.41 45.44 -38.39
N ASN F 167 26.69 45.10 -37.31
CA ASN F 167 25.96 46.10 -36.53
C ASN F 167 26.87 47.18 -36.08
N PHE F 168 28.06 46.84 -35.61
CA PHE F 168 29.03 47.85 -35.17
C PHE F 168 29.54 48.78 -36.24
N VAL F 169 29.85 48.23 -37.39
CA VAL F 169 30.17 49.05 -38.53
C VAL F 169 28.98 49.96 -38.95
N LEU F 170 27.74 49.48 -38.84
CA LEU F 170 26.56 50.30 -39.21
C LEU F 170 26.32 51.44 -38.20
N GLU F 171 26.65 51.17 -36.94
CA GLU F 171 26.63 52.17 -35.86
C GLU F 171 27.71 53.22 -36.08
N ILE F 172 28.89 52.77 -36.44
CA ILE F 172 29.96 53.66 -36.82
C ILE F 172 29.57 54.59 -37.96
N ALA F 173 28.96 54.01 -39.01
CA ALA F 173 28.47 54.79 -40.14
C ALA F 173 27.44 55.79 -39.74
N GLU F 174 26.49 55.37 -38.92
CA GLU F 174 25.45 56.30 -38.46
C GLU F 174 26.04 57.51 -37.67
N TYR F 175 27.02 57.21 -36.82
CA TYR F 175 27.71 58.19 -36.03
C TYR F 175 28.41 59.26 -36.88
N VAL F 176 29.28 58.84 -37.79
CA VAL F 176 30.05 59.82 -38.59
C VAL F 176 29.19 60.57 -39.56
N ARG F 177 28.18 59.92 -40.16
CA ARG F 177 27.32 60.55 -41.17
C ARG F 177 26.30 61.46 -40.56
N GLU F 178 26.13 61.36 -39.24
CA GLU F 178 25.38 62.40 -38.51
C GLU F 178 26.13 63.73 -38.68
N ARG F 179 27.44 63.67 -38.59
CA ARG F 179 28.25 64.87 -38.65
C ARG F 179 28.65 65.24 -40.10
N LYS F 180 28.95 64.22 -40.90
CA LYS F 180 29.62 64.39 -42.18
C LYS F 180 28.97 63.36 -43.11
N PRO F 181 27.83 63.73 -43.72
CA PRO F 181 27.01 62.81 -44.51
C PRO F 181 27.71 62.14 -45.67
N ASP F 182 28.71 62.79 -46.25
CA ASP F 182 29.50 62.18 -47.33
C ASP F 182 30.78 61.50 -46.90
N MSE F 183 30.90 61.20 -45.61
CA MSE F 183 32.10 60.50 -45.11
C MSE F 183 32.28 59.15 -45.81
O MSE F 183 31.38 58.36 -45.82
CB MSE F 183 31.96 60.24 -43.61
CG MSE F 183 33.22 59.65 -42.93
SE MSE F 183 34.59 60.99 -42.73
CE MSE F 183 34.33 61.24 -40.93
N LEU F 184 33.44 58.91 -46.41
CA LEU F 184 33.76 57.57 -46.92
C LEU F 184 33.98 56.59 -45.76
N ILE F 185 33.47 55.39 -45.98
CA ILE F 185 33.61 54.33 -45.02
C ILE F 185 34.15 53.10 -45.74
N ILE F 186 35.34 52.65 -45.31
CA ILE F 186 36.07 51.58 -45.99
C ILE F 186 36.55 50.53 -44.99
N PRO F 187 35.84 49.40 -44.88
CA PRO F 187 36.38 48.30 -44.07
C PRO F 187 37.62 47.66 -44.70
N GLN F 188 38.54 47.16 -43.88
CA GLN F 188 39.73 46.45 -44.38
C GLN F 188 39.63 44.98 -44.04
N ASN F 189 39.67 44.13 -45.08
CA ASN F 189 39.55 42.67 -44.98
C ASN F 189 38.26 42.25 -44.29
N GLY F 190 38.13 40.97 -43.93
CA GLY F 190 36.89 40.44 -43.38
C GLY F 190 35.70 40.53 -44.33
N GLU F 191 35.96 40.56 -45.63
CA GLU F 191 34.91 40.76 -46.64
C GLU F 191 33.92 39.61 -46.72
N ASN F 192 34.36 38.45 -46.29
CA ASN F 192 33.54 37.28 -46.11
C ASN F 192 32.48 37.41 -45.01
N ILE F 193 32.61 38.46 -44.19
CA ILE F 193 31.54 38.81 -43.29
C ILE F 193 30.23 39.05 -44.02
N LEU F 194 30.29 39.35 -45.33
CA LEU F 194 29.06 39.64 -46.11
C LEU F 194 28.14 38.43 -46.33
N ASP F 195 28.66 37.23 -46.12
CA ASP F 195 27.83 36.02 -45.97
C ASP F 195 26.69 36.19 -44.95
N PHE F 196 26.90 36.99 -43.90
CA PHE F 196 25.90 37.27 -42.87
C PHE F 196 25.18 38.64 -43.07
N ASP F 197 25.51 39.39 -44.11
CA ASP F 197 24.88 40.71 -44.36
C ASP F 197 23.59 40.49 -45.17
N ASP F 198 22.53 41.23 -44.82
CA ASP F 198 21.30 41.23 -45.63
C ASP F 198 21.31 42.14 -46.88
N GLY F 199 22.41 42.86 -47.06
CA GLY F 199 22.52 43.85 -48.11
C GLY F 199 22.83 45.23 -47.58
N GLN F 200 22.51 45.50 -46.31
CA GLN F 200 22.66 46.82 -45.74
C GLN F 200 24.12 47.26 -45.61
N LEU F 201 24.98 46.41 -45.07
CA LEU F 201 26.36 46.80 -44.92
C LEU F 201 27.00 47.06 -46.27
N ALA F 202 26.79 46.13 -47.22
CA ALA F 202 27.30 46.26 -48.60
C ALA F 202 26.91 47.58 -49.25
N SER F 203 25.69 48.03 -48.97
CA SER F 203 25.15 49.29 -49.47
C SER F 203 25.69 50.53 -48.68
N THR F 204 26.00 50.34 -47.40
CA THR F 204 26.42 51.45 -46.53
C THR F 204 27.86 51.85 -46.76
N VAL F 205 28.72 50.87 -47.02
CA VAL F 205 30.13 51.18 -47.27
C VAL F 205 30.34 52.01 -48.53
N SER F 206 31.44 52.74 -48.58
CA SER F 206 31.82 53.49 -49.77
C SER F 206 32.68 52.59 -50.64
N GLY F 207 33.33 51.62 -50.02
CA GLY F 207 34.32 50.79 -50.69
C GLY F 207 34.85 49.77 -49.73
N TRP F 208 35.79 48.96 -50.19
CA TRP F 208 36.39 47.95 -49.30
C TRP F 208 37.86 47.83 -49.61
N ALA F 209 38.69 47.65 -48.59
CA ALA F 209 40.12 47.43 -48.79
C ALA F 209 40.51 46.01 -48.41
N VAL F 210 41.55 45.49 -49.07
CA VAL F 210 42.08 44.18 -48.76
C VAL F 210 43.60 44.16 -48.83
N GLU F 211 44.17 43.41 -47.91
CA GLU F 211 45.56 43.06 -47.89
C GLU F 211 45.69 41.62 -48.37
N ASN F 212 46.76 41.38 -49.12
CA ASN F 212 47.21 40.05 -49.49
C ASN F 212 46.17 39.36 -50.38
N LEU F 213 45.89 39.96 -51.52
CA LEU F 213 44.91 39.41 -52.47
C LEU F 213 45.57 38.51 -53.53
N PHE F 214 46.74 38.91 -54.01
CA PHE F 214 47.45 38.14 -55.01
C PHE F 214 48.73 37.54 -54.46
N TYR F 215 49.32 38.24 -53.49
CA TYR F 215 50.57 37.85 -52.92
C TYR F 215 50.49 37.98 -51.41
N LEU F 216 51.11 37.03 -50.70
CA LEU F 216 51.40 37.22 -49.28
C LEU F 216 52.89 37.59 -49.22
N LYS F 217 53.13 38.88 -49.01
CA LYS F 217 54.45 39.49 -49.19
C LYS F 217 54.92 39.20 -50.61
N THR F 218 55.99 38.43 -50.79
CA THR F 218 56.54 38.16 -52.13
C THR F 218 56.06 36.82 -52.73
N ILE F 219 55.22 36.08 -51.99
CA ILE F 219 54.85 34.73 -52.39
C ILE F 219 53.44 34.79 -52.92
N PRO F 220 53.23 34.32 -54.18
CA PRO F 220 51.88 34.44 -54.79
C PRO F 220 50.90 33.52 -54.10
N LEU F 221 49.65 33.96 -53.94
CA LEU F 221 48.63 33.10 -53.35
C LEU F 221 48.16 32.10 -54.37
N GLU F 222 47.58 31.01 -53.88
CA GLU F 222 46.88 30.06 -54.75
C GLU F 222 45.63 30.72 -55.37
N GLU F 223 45.40 30.40 -56.65
CA GLU F 223 44.35 31.01 -57.46
C GLU F 223 42.98 30.96 -56.81
N ASN F 224 42.63 29.80 -56.23
CA ASN F 224 41.29 29.61 -55.64
C ASN F 224 41.06 30.42 -54.39
N GLU F 225 42.16 30.69 -53.69
CA GLU F 225 42.15 31.54 -52.52
C GLU F 225 41.84 32.96 -52.98
N THR F 226 42.61 33.44 -53.96
CA THR F 226 42.37 34.76 -54.52
C THR F 226 40.93 34.84 -55.04
N LYS F 227 40.54 33.88 -55.88
CA LYS F 227 39.21 33.88 -56.49
C LYS F 227 38.08 33.97 -55.48
N SER F 228 38.15 33.18 -54.42
CA SER F 228 37.17 33.23 -53.33
C SER F 228 36.99 34.62 -52.75
N ARG F 229 38.10 35.33 -52.60
CA ARG F 229 38.05 36.69 -52.10
C ARG F 229 37.45 37.65 -53.12
N LEU F 230 37.83 37.48 -54.38
CA LEU F 230 37.34 38.36 -55.45
C LEU F 230 35.84 38.25 -55.63
N GLU F 231 35.27 37.10 -55.33
CA GLU F 231 33.83 36.93 -55.45
C GLU F 231 33.06 37.95 -54.62
N TYR F 232 33.58 38.31 -53.46
CA TYR F 232 32.96 39.34 -52.64
C TYR F 232 33.23 40.74 -53.19
N LEU F 233 34.47 40.99 -53.62
CA LEU F 233 34.87 42.34 -53.98
C LEU F 233 34.21 42.77 -55.28
N ILE F 234 34.11 41.82 -56.19
CA ILE F 234 33.55 42.04 -57.51
C ILE F 234 32.08 42.41 -57.45
N ARG F 235 31.34 41.76 -56.57
CA ARG F 235 29.94 42.09 -56.34
C ARG F 235 29.76 43.45 -55.68
N LEU F 236 30.68 43.81 -54.78
CA LEU F 236 30.71 45.13 -54.19
C LEU F 236 30.98 46.16 -55.28
N ASN F 237 31.92 45.86 -56.17
CA ASN F 237 32.26 46.77 -57.23
C ASN F 237 31.09 47.10 -58.16
N ARG F 238 30.25 46.10 -58.37
CA ARG F 238 29.13 46.15 -59.29
C ARG F 238 28.00 46.96 -58.64
N LYS F 239 27.96 46.93 -57.32
CA LYS F 239 27.14 47.83 -56.52
C LYS F 239 27.72 49.26 -56.38
N GLY F 240 28.80 49.58 -57.10
CA GLY F 240 29.39 50.94 -57.10
C GLY F 240 30.30 51.25 -55.93
N LYS F 241 30.94 50.21 -55.39
CA LYS F 241 31.87 50.34 -54.29
C LYS F 241 33.29 50.16 -54.79
N PHE F 242 34.18 51.13 -54.52
CA PHE F 242 35.57 50.99 -54.96
C PHE F 242 36.30 49.97 -54.12
N ILE F 243 37.30 49.35 -54.72
CA ILE F 243 38.10 48.31 -54.04
C ILE F 243 39.57 48.74 -54.02
N LEU F 244 40.07 49.04 -52.84
CA LEU F 244 41.49 49.29 -52.62
C LEU F 244 42.27 48.00 -52.29
N SER F 245 43.33 47.74 -53.07
CA SER F 245 44.20 46.60 -52.87
C SER F 245 45.59 47.05 -52.40
N VAL F 246 46.09 46.46 -51.33
CA VAL F 246 47.51 46.58 -51.00
C VAL F 246 48.10 45.20 -50.81
N ASP F 247 49.11 44.88 -51.62
CA ASP F 247 49.89 43.68 -51.40
C ASP F 247 51.31 44.13 -51.11
N TYR F 248 51.97 43.47 -50.16
CA TYR F 248 53.28 43.89 -49.64
C TYR F 248 54.42 43.26 -50.43
N VAL F 249 54.39 43.49 -51.75
CA VAL F 249 55.22 42.78 -52.73
C VAL F 249 56.58 43.44 -53.04
N ASP F 250 56.77 44.68 -52.61
CA ASP F 250 58.02 45.42 -52.87
C ASP F 250 59.07 45.07 -51.80
N ASP F 251 60.04 44.28 -52.19
CA ASP F 251 61.08 43.90 -51.25
C ASP F 251 62.16 44.96 -51.14
N GLY F 252 62.00 46.07 -51.89
CA GLY F 252 62.81 47.30 -51.74
C GLY F 252 64.00 47.42 -52.67
N SER F 253 64.28 46.33 -53.39
CA SER F 253 65.42 46.24 -54.27
C SER F 253 65.02 46.64 -55.69
N ASP F 254 66.03 46.82 -56.55
CA ASP F 254 65.83 47.06 -57.99
C ASP F 254 66.05 45.78 -58.83
N SER F 255 65.69 44.62 -58.28
CA SER F 255 65.89 43.36 -58.98
C SER F 255 64.79 43.20 -60.01
N PHE F 256 65.06 42.40 -61.04
CA PHE F 256 64.11 42.08 -62.09
C PHE F 256 62.89 41.43 -61.50
N GLU F 257 63.14 40.40 -60.69
CA GLU F 257 62.08 39.67 -59.98
C GLU F 257 61.20 40.54 -59.04
N ASN F 258 61.81 41.48 -58.33
CA ASN F 258 61.03 42.40 -57.55
C ASN F 258 60.10 43.24 -58.43
N ILE F 259 60.67 43.86 -59.45
CA ILE F 259 59.93 44.79 -60.29
C ILE F 259 58.92 44.05 -61.13
N SER F 260 59.35 42.92 -61.75
CA SER F 260 58.41 42.03 -62.45
C SER F 260 57.19 41.70 -61.57
N ARG F 261 57.43 41.29 -60.33
CA ARG F 261 56.35 40.99 -59.38
C ARG F 261 55.42 42.17 -59.08
N ILE F 262 55.99 43.36 -58.94
CA ILE F 262 55.17 44.57 -58.68
C ILE F 262 54.26 44.83 -59.89
N LEU F 263 54.82 44.71 -61.08
CA LEU F 263 54.09 44.89 -62.33
C LEU F 263 53.00 43.84 -62.51
N ASP F 264 53.31 42.59 -62.19
CA ASP F 264 52.34 41.48 -62.26
C ASP F 264 51.17 41.71 -61.29
N TYR F 265 51.47 42.14 -60.09
CA TYR F 265 50.43 42.50 -59.11
C TYR F 265 49.54 43.62 -59.62
N TYR F 266 50.15 44.65 -60.17
CA TYR F 266 49.41 45.77 -60.74
C TYR F 266 48.46 45.27 -61.83
N GLU F 267 48.99 44.43 -62.73
CA GLU F 267 48.19 43.84 -63.81
C GLU F 267 46.96 43.08 -63.30
N LYS F 268 47.20 42.22 -62.31
CA LYS F 268 46.16 41.41 -61.68
C LYS F 268 45.11 42.26 -60.97
N ALA F 269 45.55 43.26 -60.22
CA ALA F 269 44.65 44.07 -59.45
C ALA F 269 43.72 44.82 -60.39
N LYS F 270 44.29 45.63 -61.28
CA LYS F 270 43.54 46.43 -62.25
C LYS F 270 42.57 45.63 -63.14
N ARG F 271 42.97 44.43 -63.53
CA ARG F 271 42.16 43.48 -64.30
C ARG F 271 40.94 42.93 -63.54
N ASN F 272 40.96 43.04 -62.21
CA ASN F 272 39.86 42.57 -61.38
C ASN F 272 39.19 43.70 -60.65
N GLY F 273 39.44 44.94 -61.08
CA GLY F 273 38.68 46.10 -60.58
C GLY F 273 39.23 46.67 -59.32
N CYS F 274 40.47 46.30 -59.00
CA CYS F 274 41.12 46.71 -57.75
C CYS F 274 42.17 47.75 -58.08
N ILE F 275 42.22 48.78 -57.24
CA ILE F 275 43.17 49.85 -57.35
C ILE F 275 44.38 49.43 -56.48
N PRO F 276 45.54 49.16 -57.10
CA PRO F 276 46.66 48.63 -56.35
C PRO F 276 47.56 49.66 -55.65
N TYR F 277 48.11 49.26 -54.51
CA TYR F 277 49.25 49.93 -53.92
C TYR F 277 50.24 48.84 -53.52
N ALA F 278 51.43 48.83 -54.11
CA ALA F 278 52.45 47.84 -53.76
C ALA F 278 53.25 48.38 -52.59
N ALA F 279 53.10 47.74 -51.44
CA ALA F 279 53.74 48.16 -50.19
C ALA F 279 55.05 47.40 -49.94
N ARG F 280 55.88 47.92 -49.05
CA ARG F 280 57.14 47.24 -48.72
C ARG F 280 56.85 45.98 -47.97
N SER F 281 57.59 44.92 -48.30
CA SER F 281 57.42 43.61 -47.67
C SER F 281 57.69 43.54 -46.14
N ASP F 282 58.26 44.59 -45.56
CA ASP F 282 58.47 44.61 -44.13
C ASP F 282 57.23 44.97 -43.34
N LEU F 283 56.19 45.39 -44.05
CA LEU F 283 54.86 45.68 -43.52
C LEU F 283 54.79 46.94 -42.66
N GLU F 284 55.82 47.76 -42.65
CA GLU F 284 55.86 48.91 -41.72
C GLU F 284 54.98 50.09 -42.18
N LEU F 285 54.73 50.20 -43.48
CA LEU F 285 53.95 51.29 -44.05
C LEU F 285 54.55 52.64 -43.59
N ASP F 286 55.85 52.68 -43.81
CA ASP F 286 56.85 53.56 -43.19
C ASP F 286 57.08 54.85 -43.90
N GLU F 287 56.80 54.84 -45.18
CA GLU F 287 57.12 55.96 -46.01
C GLU F 287 56.23 55.89 -47.21
N MSE F 288 56.30 56.94 -48.02
CA MSE F 288 55.55 57.00 -49.24
C MSE F 288 56.31 56.21 -50.30
O MSE F 288 57.40 56.60 -50.74
CB MSE F 288 55.35 58.45 -49.61
CG MSE F 288 54.23 58.66 -50.54
SE MSE F 288 54.03 60.55 -50.97
CE MSE F 288 55.40 60.72 -52.24
N ASN F 289 55.77 55.05 -50.67
CA ASN F 289 56.51 54.09 -51.53
C ASN F 289 56.27 54.44 -53.00
N VAL F 290 57.17 55.25 -53.52
CA VAL F 290 57.15 55.71 -54.91
C VAL F 290 58.06 54.80 -55.67
N ILE F 291 57.57 54.26 -56.78
CA ILE F 291 58.32 53.36 -57.64
C ILE F 291 58.31 53.99 -59.03
N GLU F 292 59.49 54.37 -59.54
CA GLU F 292 59.56 55.15 -60.75
C GLU F 292 58.92 54.43 -61.95
N GLY F 293 58.12 55.17 -62.72
CA GLY F 293 57.37 54.62 -63.82
C GLY F 293 56.17 53.76 -63.44
N ILE F 294 55.91 53.55 -62.15
CA ILE F 294 54.87 52.62 -61.73
C ILE F 294 53.89 53.21 -60.70
N GLN F 295 54.43 53.75 -59.61
CA GLN F 295 53.66 54.14 -58.44
C GLN F 295 54.12 55.50 -57.93
N PRO F 296 53.29 56.55 -58.03
CA PRO F 296 51.98 56.60 -58.72
C PRO F 296 52.15 56.46 -60.24
N PRO F 297 51.06 56.16 -60.97
CA PRO F 297 51.23 55.93 -62.39
C PRO F 297 51.66 57.18 -63.15
N GLU F 298 52.35 56.96 -64.26
CA GLU F 298 52.75 58.01 -65.17
C GLU F 298 51.54 58.39 -66.04
O1 UNL G . 30.64 18.82 -6.38
O2 UNL G . 29.47 19.25 -6.33
O3 UNL G . 28.97 19.87 -5.35
O4 UNL G . 28.69 19.06 -7.62
O5 UNL G . 29.16 17.90 -8.37
O6 UNL G . 27.12 19.15 -7.57
O7 UNL G . 26.45 17.97 -6.76
O8 UNL G . 25.30 17.11 -7.33
O9 UNL G . 23.97 17.51 -6.95
O10 UNL G . 26.66 19.37 -9.03
O11 UNL G . 25.17 19.78 -9.18
O12 UNL G . 24.77 20.77 -8.20
O13 UNL G . 24.95 20.36 -10.54
O14 UNL G . 27.22 18.22 -9.92
O15 UNL G . 26.99 18.52 -11.28
O16 UNL G . 28.75 18.01 -9.73
O17 UNL G . 29.23 16.84 -10.41
C1 GOL H . 9.75 22.56 -8.25
O1 GOL H . 8.74 23.08 -9.08
C2 GOL H . 10.98 22.48 -9.13
O2 GOL H . 10.53 23.12 -10.30
C3 GOL H . 12.21 23.19 -8.53
O3 GOL H . 13.39 22.41 -8.64
C1 GOL I . 10.26 43.04 -4.32
O1 GOL I . 11.62 42.80 -3.98
C2 GOL I . 9.81 42.35 -5.61
O2 GOL I . 9.44 43.35 -6.52
C3 GOL I . 8.57 41.48 -5.42
O3 GOL I . 7.77 41.56 -6.57
C1 GOL J . 19.79 21.06 -8.97
O1 GOL J . 20.88 21.89 -8.62
C2 GOL J . 20.38 19.74 -9.43
O2 GOL J . 21.06 19.16 -8.33
C3 GOL J . 19.24 18.84 -9.94
O3 GOL J . 18.50 19.39 -11.03
C1 GOL K . 40.47 20.68 -23.30
O1 GOL K . 41.08 19.43 -23.02
C2 GOL K . 40.69 21.68 -22.16
O2 GOL K . 39.56 21.79 -21.33
C3 GOL K . 41.01 23.07 -22.72
O3 GOL K . 41.26 23.96 -21.65
C1 GOL L . 27.57 38.27 -3.44
O1 GOL L . 27.12 39.30 -4.32
C2 GOL L . 28.89 37.62 -3.88
O2 GOL L . 28.66 36.53 -4.73
C3 GOL L . 29.71 37.11 -2.69
O3 GOL L . 30.90 36.49 -3.13
C1 GOL M . 36.70 26.25 -32.39
O1 GOL M . 35.40 26.60 -32.89
C2 GOL M . 36.83 26.53 -30.88
O2 GOL M . 35.93 25.70 -30.19
C3 GOL M . 38.25 26.32 -30.31
O3 GOL M . 38.82 25.06 -30.61
C1 GOL N . 6.76 -4.60 -9.02
O1 GOL N . 6.53 -5.18 -10.28
C2 GOL N . 8.23 -4.73 -8.60
O2 GOL N . 8.40 -4.30 -7.26
C3 GOL N . 8.74 -6.18 -8.73
O3 GOL N . 9.50 -6.55 -7.60
O1 UNL O . -2.30 -19.85 27.04
O2 UNL O . -2.34 -20.57 26.01
O3 UNL O . -1.43 -21.38 25.71
O4 UNL O . -3.63 -20.42 25.20
O5 UNL O . -4.27 -19.15 25.49
O6 UNL O . -3.57 -20.71 23.66
O7 UNL O . -2.86 -19.55 22.88
O8 UNL O . -2.44 -19.75 21.39
O9 UNL O . -3.16 -18.85 20.51
O10 UNL O . -5.06 -20.93 23.27
O11 UNL O . -5.35 -21.44 21.85
O12 UNL O . -4.71 -22.70 21.64
O13 UNL O . -6.83 -21.60 21.67
O14 UNL O . -5.88 -19.67 23.63
O15 UNL O . -7.26 -19.97 23.53
O16 UNL O . -5.65 -19.22 25.08
O17 UNL O . -6.32 -17.98 25.25
C1 GOL P . -4.86 -22.22 18.06
O1 GOL P . -4.23 -20.95 17.96
C2 GOL P . -5.39 -22.65 16.70
O2 GOL P . -5.84 -24.01 16.69
C3 GOL P . -6.54 -21.70 16.40
O3 GOL P . -6.89 -21.80 15.05
C1 GOL Q . -2.34 -37.92 28.51
O1 GOL Q . -2.26 -38.82 27.45
C2 GOL Q . -1.31 -38.33 29.57
O2 GOL Q . 0.00 -38.28 29.05
C3 GOL Q . -1.42 -37.42 30.78
O3 GOL Q . -0.67 -36.24 30.56
C1 GOL R . -5.33 -26.91 10.26
O1 GOL R . -4.71 -25.70 10.59
C2 GOL R . -5.31 -27.05 8.75
O2 GOL R . -5.77 -25.84 8.21
C3 GOL R . -3.88 -27.38 8.28
O3 GOL R . -3.50 -26.58 7.18
C1 GOL S . -31.67 -24.09 8.14
O1 GOL S . -31.92 -24.34 9.52
C2 GOL S . -32.95 -24.22 7.27
O2 GOL S . -33.12 -23.07 6.46
C3 GOL S . -32.95 -25.47 6.38
O3 GOL S . -33.27 -26.66 7.09
C1 GOL T . -5.97 -47.17 9.20
O1 GOL T . -6.15 -46.40 8.04
C2 GOL T . -4.96 -46.47 10.12
O2 GOL T . -3.92 -45.91 9.35
C3 GOL T . -4.41 -47.47 11.12
O3 GOL T . -3.67 -46.84 12.15
C1 GOL U . -23.03 -9.05 0.59
O1 GOL U . -23.00 -9.04 -0.83
C2 GOL U . -24.29 -9.74 1.09
O2 GOL U . -24.05 -11.11 1.29
C3 GOL U . -24.78 -9.13 2.42
O3 GOL U . -25.47 -10.09 3.18
C1 GOL V . -19.03 -2.03 13.56
O1 GOL V . -18.78 -2.03 14.95
C2 GOL V . -20.47 -2.50 13.31
O2 GOL V . -21.35 -1.41 13.52
C3 GOL V . -20.61 -3.08 11.90
O3 GOL V . -21.80 -2.70 11.26
C1 GOL W . 2.11 -24.45 14.78
O1 GOL W . 2.42 -24.70 16.12
C2 GOL W . 2.04 -25.74 13.98
O2 GOL W . 0.84 -25.77 13.23
C3 GOL W . 3.21 -25.90 13.01
O3 GOL W . 3.05 -27.14 12.34
C1 GOL X . -5.41 -33.32 11.37
O1 GOL X . -6.17 -34.14 10.50
C2 GOL X . -4.76 -34.12 12.50
O2 GOL X . -5.40 -33.76 13.70
C3 GOL X . -4.87 -35.63 12.33
O3 GOL X . -4.32 -36.08 11.10
C1 GOL Y . -18.96 -40.73 2.36
O1 GOL Y . -20.18 -40.56 1.67
C2 GOL Y . -17.91 -41.39 1.47
O2 GOL Y . -16.71 -40.66 1.53
C3 GOL Y . -17.63 -42.82 1.89
O3 GOL Y . -16.39 -43.23 1.36
O1 UNL Z . -1.28 -69.09 24.44
O2 UNL Z . -2.50 -69.30 24.59
O3 UNL Z . -3.02 -69.70 25.68
O4 UNL Z . -3.35 -68.97 23.38
O5 UNL Z . -2.55 -68.86 22.18
O6 UNL Z . -4.65 -69.83 23.15
O7 UNL Z . -4.42 -71.34 22.83
O8 UNL Z . -5.58 -72.31 23.12
O9 UNL Z . -6.15 -72.87 21.89
O10 UNL Z . -5.49 -69.05 22.08
O11 UNL Z . -6.93 -69.55 21.85
O12 UNL Z . -7.67 -69.73 23.08
O13 UNL Z . -7.65 -68.52 21.01
O14 UNL Z . -4.64 -68.89 20.80
O15 UNL Z . -5.34 -68.11 19.83
O16 UNL Z . -3.28 -68.24 21.11
O17 UNL Z . -2.53 -68.32 19.90
C1 GOL AA . -6.33 -86.08 21.73
O1 GOL AA . -6.96 -87.03 22.55
C2 GOL AA . -4.91 -85.87 22.20
O2 GOL AA . -4.04 -86.92 21.80
C3 GOL AA . -4.39 -84.53 21.71
O3 GOL AA . -3.68 -84.50 20.50
C1 GOL BA . -11.82 -72.58 20.34
O1 GOL BA . -12.74 -71.96 19.48
C2 GOL BA . -11.02 -71.55 21.14
O2 GOL BA . -9.79 -72.10 21.51
C3 GOL BA . -11.74 -71.13 22.41
O3 GOL BA . -13.14 -71.00 22.21
C1 GOL CA . -21.19 -76.25 22.23
O1 GOL CA . -22.31 -76.31 21.37
C2 GOL CA . -20.23 -75.19 21.71
O2 GOL CA . -21.02 -74.12 21.28
C3 GOL CA . -19.26 -74.73 22.82
O3 GOL CA . -17.95 -74.53 22.32
C1 GOL DA . -16.02 -77.70 24.38
O1 GOL DA . -16.02 -79.10 24.56
C2 GOL DA . -15.59 -77.23 22.99
O2 GOL DA . -16.65 -76.49 22.44
C3 GOL DA . -14.46 -76.22 23.09
O3 GOL DA . -14.02 -75.63 21.87
O1 UNL EA . 20.45 66.55 -0.76
O2 UNL EA . 20.16 67.15 -1.81
O3 UNL EA . 20.94 68.00 -2.32
O4 UNL EA . 18.84 66.71 -2.45
O5 UNL EA . 17.77 66.49 -1.51
O6 UNL EA . 18.32 67.52 -3.69
O7 UNL EA . 17.75 68.89 -3.31
O8 UNL EA . 17.92 69.97 -4.37
O9 UNL EA . 16.63 70.46 -4.80
O10 UNL EA . 17.25 66.67 -4.42
O11 UNL EA . 16.78 67.14 -5.82
O12 UNL EA . 17.82 67.50 -6.78
O13 UNL EA . 15.98 66.00 -6.37
O14 UNL EA . 16.12 66.34 -3.42
O15 UNL EA . 15.23 65.39 -4.00
O16 UNL EA . 16.69 65.75 -2.10
O17 UNL EA . 15.61 65.61 -1.16
C1 GOL FA . 14.81 70.02 -11.42
O1 GOL FA . 13.54 69.42 -11.52
C2 GOL FA . 15.83 69.23 -10.62
O2 GOL FA . 15.84 69.79 -9.32
C3 GOL FA . 17.24 69.36 -11.23
O3 GOL FA . 17.67 68.24 -11.99
C1 GOL GA . 14.94 72.93 -18.50
O1 GOL GA . 15.94 73.14 -17.53
C2 GOL GA . 15.35 73.31 -19.93
O2 GOL GA . 14.36 72.83 -20.80
C3 GOL GA . 15.54 74.80 -20.15
O3 GOL GA . 14.58 75.33 -21.04
C1 GOL HA . 15.67 75.08 -13.75
O1 GOL HA . 15.99 73.70 -13.61
C2 GOL HA . 16.80 75.76 -14.49
O2 GOL HA . 16.72 75.30 -15.81
C3 GOL HA . 16.68 77.29 -14.43
O3 GOL HA . 17.93 77.95 -14.61
C1 GOL IA . 20.69 69.50 -21.64
O1 GOL IA . 20.37 69.58 -23.02
C2 GOL IA . 22.05 68.83 -21.44
O2 GOL IA . 22.12 68.26 -20.15
C3 GOL IA . 23.18 69.83 -21.57
O3 GOL IA . 24.33 69.31 -20.95
C1 GOL JA . -8.31 68.13 -2.25
O1 GOL JA . -7.05 68.68 -2.53
C2 GOL JA . -8.40 66.74 -2.89
O2 GOL JA . -9.43 65.99 -2.27
C3 GOL JA . -8.60 66.82 -4.41
O3 GOL JA . -9.83 67.41 -4.84
O1 UNL KA . -33.13 -47.65 55.27
O2 UNL KA . -33.15 -46.51 54.79
O3 UNL KA . -32.46 -45.50 55.15
O4 UNL KA . -34.03 -46.34 53.58
O5 UNL KA . -35.02 -47.39 53.47
O6 UNL KA . -34.61 -44.90 53.43
O7 UNL KA . -35.77 -44.62 54.46
O8 UNL KA . -36.60 -43.31 54.42
O9 UNL KA . -37.93 -43.39 53.80
O10 UNL KA . -35.01 -44.80 51.96
O11 UNL KA . -35.21 -43.35 51.47
O12 UNL KA . -33.98 -42.54 51.60
O13 UNL KA . -35.76 -43.45 50.09
O14 UNL KA . -36.12 -45.87 51.69
O15 UNL KA . -36.41 -45.97 50.29
O16 UNL KA . -35.71 -47.30 52.18
O17 UNL KA . -36.88 -48.12 52.27
C1 GOL LA . -40.09 -41.34 48.39
O1 GOL LA . -41.04 -40.56 47.72
C2 GOL LA . -38.95 -40.49 48.96
O2 GOL LA . -37.98 -40.15 48.00
C3 GOL LA . -38.29 -41.30 50.06
O3 GOL LA . -38.96 -41.08 51.28
C1 GOL MA . -30.34 -24.30 31.97
O1 GOL MA . -31.26 -23.35 31.50
C2 GOL MA . -29.34 -23.59 32.85
O2 GOL MA . -30.00 -23.30 34.06
C3 GOL MA . -28.14 -24.47 33.13
O3 GOL MA . -27.26 -23.79 33.98
C1 GOL NA . -43.33 -33.29 44.18
O1 GOL NA . -43.41 -31.91 43.94
C2 GOL NA . -41.89 -33.69 44.50
O2 GOL NA . -41.35 -34.26 43.33
C3 GOL NA . -41.74 -34.71 45.62
O3 GOL NA . -40.56 -34.48 46.36
C1 GOL OA . -57.75 -58.15 47.31
O1 GOL OA . -58.84 -58.43 46.43
C2 GOL OA . -58.25 -57.81 48.72
O2 GOL OA . -58.70 -56.47 48.80
C3 GOL OA . -57.11 -58.01 49.71
O3 GOL OA . -57.25 -57.13 50.80
O1 UNL PA . 53.73 53.03 -32.79
O2 UNL PA . 53.25 51.99 -33.29
O3 UNL PA . 53.48 50.82 -32.83
O4 UNL PA . 52.25 52.28 -34.39
O5 UNL PA . 52.50 53.60 -34.92
O6 UNL PA . 51.92 51.25 -35.52
O7 UNL PA . 52.94 51.13 -36.69
O8 UNL PA . 52.86 49.81 -37.51
O9 UNL PA . 52.55 50.02 -38.92
O10 UNL PA . 50.50 51.71 -35.99
O11 UNL PA . 49.67 50.72 -36.89
O12 UNL PA . 49.64 49.36 -36.37
O13 UNL PA . 48.27 51.26 -36.99
O14 UNL PA . 50.59 53.19 -36.48
O15 UNL PA . 49.28 53.69 -36.77
O16 UNL PA . 51.27 54.13 -35.43
O17 UNL PA . 51.52 55.43 -35.98
C1 GOL QA . 48.97 47.16 -39.09
O1 GOL QA . 50.04 47.30 -39.97
C2 GOL QA . 47.72 46.80 -39.88
O2 GOL QA . 47.40 45.43 -39.61
C3 GOL QA . 47.92 47.07 -41.38
O3 GOL QA . 46.71 47.01 -42.09
C1 GOL RA . 44.32 37.61 -45.23
O1 GOL RA . 45.47 37.15 -45.90
C2 GOL RA . 44.49 39.09 -44.93
O2 GOL RA . 43.23 39.63 -45.12
C3 GOL RA . 44.96 39.36 -43.49
O3 GOL RA . 45.75 40.53 -43.36
C1 GOL SA . 29.01 66.53 -31.47
O1 GOL SA . 27.89 66.62 -32.32
C2 GOL SA . 29.49 67.94 -31.10
O2 GOL SA . 28.35 68.74 -30.76
C3 GOL SA . 30.29 68.57 -32.27
O3 GOL SA . 31.69 68.25 -32.23
C1 GOL TA . 58.76 49.30 -65.74
O1 GOL TA . 57.77 49.61 -66.70
C2 GOL TA . 59.24 50.57 -65.03
O2 GOL TA . 59.72 51.51 -65.98
C3 GOL TA . 60.30 50.20 -64.00
O3 GOL TA . 61.26 51.22 -63.83
C1 GOL UA . 46.73 41.64 -20.52
O1 GOL UA . 46.73 42.98 -20.04
C2 GOL UA . 45.56 41.42 -21.48
O2 GOL UA . 45.42 42.62 -22.19
C3 GOL UA . 44.23 41.15 -20.79
O3 GOL UA . 43.62 39.90 -21.07
C1 GOL VA . 44.64 63.65 -59.07
O1 GOL VA . 44.75 64.20 -60.38
C2 GOL VA . 44.68 64.76 -58.01
O2 GOL VA . 43.42 64.86 -57.39
C3 GOL VA . 45.74 64.53 -56.94
O3 GOL VA . 46.37 65.76 -56.65
C1 GOL WA . 22.31 49.30 -34.80
O1 GOL WA . 22.77 48.13 -34.15
C2 GOL WA . 22.72 49.29 -36.27
O2 GOL WA . 22.30 48.06 -36.86
C3 GOL WA . 22.10 50.50 -37.01
O3 GOL WA . 22.49 51.75 -36.44
#